data_1VAQ
# 
_entry.id   1VAQ 
# 
_audit_conform.dict_name       mmcif_pdbx.dic 
_audit_conform.dict_version    5.383 
_audit_conform.dict_location   http://mmcif.pdb.org/dictionaries/ascii/mmcif_pdbx.dic 
# 
loop_
_database_2.database_id 
_database_2.database_code 
_database_2.pdbx_database_accession 
_database_2.pdbx_DOI 
PDB   1VAQ         pdb_00001vaq 10.2210/pdb1vaq/pdb 
NDB   DD0063       ?            ?                   
RCSB  RCSB006410   ?            ?                   
WWPDB D_1000006410 ?            ?                   
# 
loop_
_pdbx_audit_revision_history.ordinal 
_pdbx_audit_revision_history.data_content_type 
_pdbx_audit_revision_history.major_revision 
_pdbx_audit_revision_history.minor_revision 
_pdbx_audit_revision_history.revision_date 
1 'Structure model' 1 0 2004-06-22 
2 'Structure model' 1 1 2008-04-27 
3 'Structure model' 1 2 2011-07-13 
4 'Structure model' 2 0 2018-10-31 
5 'Structure model' 3 0 2020-07-29 
6 'Structure model' 3 1 2023-12-27 
# 
loop_
_pdbx_audit_revision_details.ordinal 
_pdbx_audit_revision_details.revision_ordinal 
_pdbx_audit_revision_details.data_content_type 
_pdbx_audit_revision_details.provider 
_pdbx_audit_revision_details.type 
_pdbx_audit_revision_details.description 
_pdbx_audit_revision_details.details 
1 1 'Structure model' repository 'Initial release' ?                          ? 
2 5 'Structure model' repository Remediation       'Carbohydrate remediation' ? 
# 
loop_
_pdbx_audit_revision_group.ordinal 
_pdbx_audit_revision_group.revision_ordinal 
_pdbx_audit_revision_group.data_content_type 
_pdbx_audit_revision_group.group 
1  2 'Structure model' 'Version format compliance' 
2  3 'Structure model' 'Version format compliance' 
3  4 'Structure model' Advisory                    
4  4 'Structure model' 'Atomic model'              
5  4 'Structure model' 'Data collection'           
6  4 'Structure model' 'Derived calculations'      
7  4 'Structure model' 'Source and taxonomy'       
8  5 'Structure model' 'Atomic model'              
9  5 'Structure model' 'Data collection'           
10 5 'Structure model' 'Derived calculations'      
11 5 'Structure model' 'Structure summary'         
12 6 'Structure model' 'Data collection'           
13 6 'Structure model' 'Database references'       
14 6 'Structure model' 'Derived calculations'      
15 6 'Structure model' 'Structure summary'         
# 
loop_
_pdbx_audit_revision_category.ordinal 
_pdbx_audit_revision_category.revision_ordinal 
_pdbx_audit_revision_category.data_content_type 
_pdbx_audit_revision_category.category 
1  4 'Structure model' atom_site                     
2  4 'Structure model' ndb_struct_na_base_pair       
3  4 'Structure model' ndb_struct_na_base_pair_step  
4  4 'Structure model' pdbx_distant_solvent_atoms    
5  4 'Structure model' pdbx_entity_src_syn           
6  4 'Structure model' pdbx_unobs_or_zero_occ_atoms  
7  4 'Structure model' struct_conn                   
8  5 'Structure model' atom_site                     
9  5 'Structure model' chem_comp                     
10 5 'Structure model' entity                        
11 5 'Structure model' pdbx_branch_scheme            
12 5 'Structure model' pdbx_chem_comp_identifier     
13 5 'Structure model' pdbx_entity_branch            
14 5 'Structure model' pdbx_entity_branch_descriptor 
15 5 'Structure model' pdbx_entity_branch_link       
16 5 'Structure model' pdbx_entity_branch_list       
17 5 'Structure model' pdbx_entity_nonpoly           
18 5 'Structure model' pdbx_nonpoly_scheme           
19 5 'Structure model' pdbx_struct_assembly_gen      
20 5 'Structure model' pdbx_struct_conn_angle        
21 5 'Structure model' pdbx_struct_special_symmetry  
22 5 'Structure model' struct_asym                   
23 5 'Structure model' struct_conn                   
24 5 'Structure model' struct_site                   
25 5 'Structure model' struct_site_gen               
26 6 'Structure model' chem_comp                     
27 6 'Structure model' chem_comp_atom                
28 6 'Structure model' chem_comp_bond                
29 6 'Structure model' database_2                    
30 6 'Structure model' struct_conn                   
# 
loop_
_pdbx_audit_revision_item.ordinal 
_pdbx_audit_revision_item.revision_ordinal 
_pdbx_audit_revision_item.data_content_type 
_pdbx_audit_revision_item.item 
1  4 'Structure model' '_atom_site.B_iso_or_equiv'                   
2  4 'Structure model' '_atom_site.Cartn_x'                          
3  4 'Structure model' '_atom_site.Cartn_y'                          
4  4 'Structure model' '_atom_site.Cartn_z'                          
5  4 'Structure model' '_atom_site.auth_atom_id'                     
6  4 'Structure model' '_atom_site.label_atom_id'                    
7  4 'Structure model' '_atom_site.type_symbol'                      
8  4 'Structure model' '_ndb_struct_na_base_pair.buckle'             
9  4 'Structure model' '_ndb_struct_na_base_pair_step.helical_twist' 
10 4 'Structure model' '_ndb_struct_na_base_pair_step.inclination'   
11 4 'Structure model' '_pdbx_entity_src_syn.ncbi_taxonomy_id'       
12 4 'Structure model' '_pdbx_entity_src_syn.organism_scientific'    
13 4 'Structure model' '_struct_conn.ptnr2_label_atom_id'            
14 5 'Structure model' '_atom_site.B_iso_or_equiv'                   
15 5 'Structure model' '_atom_site.Cartn_x'                          
16 5 'Structure model' '_atom_site.Cartn_y'                          
17 5 'Structure model' '_atom_site.Cartn_z'                          
18 5 'Structure model' '_atom_site.auth_asym_id'                     
19 5 'Structure model' '_atom_site.auth_atom_id'                     
20 5 'Structure model' '_atom_site.auth_comp_id'                     
21 5 'Structure model' '_atom_site.auth_seq_id'                      
22 5 'Structure model' '_atom_site.label_asym_id'                    
23 5 'Structure model' '_atom_site.label_atom_id'                    
24 5 'Structure model' '_atom_site.label_comp_id'                    
25 5 'Structure model' '_atom_site.label_entity_id'                  
26 5 'Structure model' '_atom_site.type_symbol'                      
27 5 'Structure model' '_chem_comp.mon_nstd_flag'                    
28 5 'Structure model' '_chem_comp.name'                             
29 5 'Structure model' '_chem_comp.type'                             
30 5 'Structure model' '_pdbx_struct_assembly_gen.asym_id_list'      
31 5 'Structure model' '_pdbx_struct_conn_angle.ptnr1_auth_asym_id'  
32 5 'Structure model' '_pdbx_struct_conn_angle.ptnr1_auth_comp_id'  
33 5 'Structure model' '_pdbx_struct_conn_angle.ptnr1_auth_seq_id'   
34 5 'Structure model' '_pdbx_struct_conn_angle.ptnr1_label_asym_id' 
35 5 'Structure model' '_pdbx_struct_conn_angle.ptnr1_label_atom_id' 
36 5 'Structure model' '_pdbx_struct_conn_angle.ptnr1_label_comp_id' 
37 5 'Structure model' '_pdbx_struct_conn_angle.ptnr2_label_asym_id' 
38 5 'Structure model' '_pdbx_struct_conn_angle.ptnr3_auth_asym_id'  
39 5 'Structure model' '_pdbx_struct_conn_angle.ptnr3_auth_comp_id'  
40 5 'Structure model' '_pdbx_struct_conn_angle.ptnr3_auth_seq_id'   
41 5 'Structure model' '_pdbx_struct_conn_angle.ptnr3_label_asym_id' 
42 5 'Structure model' '_pdbx_struct_conn_angle.ptnr3_label_atom_id' 
43 5 'Structure model' '_pdbx_struct_conn_angle.ptnr3_label_comp_id' 
44 5 'Structure model' '_pdbx_struct_conn_angle.value'               
45 5 'Structure model' '_pdbx_struct_special_symmetry.label_asym_id' 
46 5 'Structure model' '_struct_conn.pdbx_dist_value'                
47 5 'Structure model' '_struct_conn.pdbx_leaving_atom_flag'         
48 5 'Structure model' '_struct_conn.ptnr1_auth_asym_id'             
49 5 'Structure model' '_struct_conn.ptnr1_auth_comp_id'             
50 5 'Structure model' '_struct_conn.ptnr1_auth_seq_id'              
51 5 'Structure model' '_struct_conn.ptnr1_label_asym_id'            
52 5 'Structure model' '_struct_conn.ptnr1_label_atom_id'            
53 5 'Structure model' '_struct_conn.ptnr1_label_comp_id'            
54 5 'Structure model' '_struct_conn.ptnr2_auth_asym_id'             
55 5 'Structure model' '_struct_conn.ptnr2_auth_comp_id'             
56 5 'Structure model' '_struct_conn.ptnr2_auth_seq_id'              
57 5 'Structure model' '_struct_conn.ptnr2_label_asym_id'            
58 5 'Structure model' '_struct_conn.ptnr2_label_atom_id'            
59 5 'Structure model' '_struct_conn.ptnr2_label_comp_id'            
60 6 'Structure model' '_chem_comp.pdbx_synonyms'                    
61 6 'Structure model' '_database_2.pdbx_DOI'                        
62 6 'Structure model' '_database_2.pdbx_database_accession'         
63 6 'Structure model' '_struct_conn.pdbx_leaving_atom_flag'         
# 
_pdbx_database_status.status_code                     REL 
_pdbx_database_status.entry_id                        1VAQ 
_pdbx_database_status.recvd_initial_deposition_date   2004-02-19 
_pdbx_database_status.deposit_site                    PDBJ 
_pdbx_database_status.process_site                    PDBJ 
_pdbx_database_status.status_code_sf                  REL 
_pdbx_database_status.SG_entry                        . 
_pdbx_database_status.pdb_format_compatible           Y 
_pdbx_database_status.status_code_mr                  ? 
_pdbx_database_status.status_code_cs                  ? 
_pdbx_database_status.methods_development_category    ? 
_pdbx_database_status.status_code_nmr_data            ? 
# 
loop_
_audit_author.name 
_audit_author.pdbx_ordinal 
'Hou, M.H.'     1 
'Robinson, H.'  2 
'Gao, Y.G.'     3 
'Wang, A.H.-J.' 4 
# 
_citation.id                        primary 
_citation.title                     
;Crystal structure of the [Mg2+-(chromomycin A3)2]-d(TTGGCCAA)2 complex reveals GGCC binding specificity of the drug dimer chelated by a metal ion
;
_citation.journal_abbrev            'Nucleic Acids Res.' 
_citation.journal_volume            32 
_citation.page_first                2214 
_citation.page_last                 2222 
_citation.year                      2004 
_citation.journal_id_ASTM           NARHAD 
_citation.country                   UK 
_citation.journal_id_ISSN           0305-1048 
_citation.journal_id_CSD            0389 
_citation.book_publisher            ? 
_citation.pdbx_database_id_PubMed   15107489 
_citation.pdbx_database_id_DOI      10.1093/nar/gkh549 
# 
loop_
_citation_author.citation_id 
_citation_author.name 
_citation_author.ordinal 
_citation_author.identifier_ORCID 
primary 'Hou, M.H.'     1 ? 
primary 'Robinson, H.'  2 ? 
primary 'Gao, Y.G.'     3 ? 
primary 'Wang, A.H.-J.' 4 ? 
# 
loop_
_entity.id 
_entity.type 
_entity.src_method 
_entity.pdbx_description 
_entity.formula_weight 
_entity.pdbx_number_of_molecules 
_entity.pdbx_ec 
_entity.pdbx_mutation 
_entity.pdbx_fragment 
_entity.details 
1 polymer     syn "5'-D(*TP*TP*GP*GP*CP*CP*AP*A)-3'" 2426.617 4   ? ? ? ? 
2 branched    man 
'2,6-dideoxy-4-O-methyl-alpha-D-galactopyranose-(1-3)-(2R,3R,6R)-6-hydroxy-2-methyltetrahydro-2H-pyran-3-yl acetate' 318.363  4   
? ? ? ? 
3 branched    man 
;3-C-methyl-4-O-acetyl-alpha-L-Olivopyranose-(1-3)-(2R,5S,6R)-6-methyltetrahydro-2H-pyran-2,5-diol-(1-3)-(2R,5S,6R)-6-methyltetrahydro-2H-pyran-2,5-diol
;
432.506  4   ? ? ? ? 
4 non-polymer syn 'MAGNESIUM ION' 24.305   2   ? ? ? ? 
5 non-polymer syn 
'(1S)-5-deoxy-1-O-methyl-1-C-[(2R,3S)-3,5,7,10-tetrahydroxy-6-methyl-4-oxo-1,2,3,4-tetrahydroanthracen-2-yl]-D-xylulose' 420.410  
4   ? ? ? ? 
6 water       nat water 18.015   283 ? ? ? ? 
# 
_entity_poly.entity_id                      1 
_entity_poly.type                           polydeoxyribonucleotide 
_entity_poly.nstd_linkage                   no 
_entity_poly.nstd_monomer                   no 
_entity_poly.pdbx_seq_one_letter_code       '(DT)(DT)(DG)(DG)(DC)(DC)(DA)(DA)' 
_entity_poly.pdbx_seq_one_letter_code_can   TTGGCCAA 
_entity_poly.pdbx_strand_id                 A,B,C,D 
_entity_poly.pdbx_target_identifier         ? 
# 
loop_
_pdbx_entity_nonpoly.entity_id 
_pdbx_entity_nonpoly.name 
_pdbx_entity_nonpoly.comp_id 
4 'MAGNESIUM ION'                                                                                                          MG  
5 '(1S)-5-deoxy-1-O-methyl-1-C-[(2R,3S)-3,5,7,10-tetrahydroxy-6-methyl-4-oxo-1,2,3,4-tetrahydroanthracen-2-yl]-D-xylulose' CPH 
6 water                                                                                                                    HOH 
# 
loop_
_entity_poly_seq.entity_id 
_entity_poly_seq.num 
_entity_poly_seq.mon_id 
_entity_poly_seq.hetero 
1 1 DT n 
1 2 DT n 
1 3 DG n 
1 4 DG n 
1 5 DC n 
1 6 DC n 
1 7 DA n 
1 8 DA n 
# 
_pdbx_entity_src_syn.entity_id              1 
_pdbx_entity_src_syn.pdbx_src_id            1 
_pdbx_entity_src_syn.pdbx_alt_source_flag   sample 
_pdbx_entity_src_syn.pdbx_beg_seq_num       ? 
_pdbx_entity_src_syn.pdbx_end_seq_num       ? 
_pdbx_entity_src_syn.organism_scientific    'synthetic construct' 
_pdbx_entity_src_syn.organism_common_name   ? 
_pdbx_entity_src_syn.ncbi_taxonomy_id       32630 
_pdbx_entity_src_syn.details                'The synthetic DNA oligonucleotides were purified by gel electrophoresis.' 
# 
loop_
_pdbx_entity_branch.entity_id 
_pdbx_entity_branch.type 
2 oligosaccharide 
3 oligosaccharide 
# 
loop_
_pdbx_entity_branch_descriptor.ordinal 
_pdbx_entity_branch_descriptor.entity_id 
_pdbx_entity_branch_descriptor.descriptor 
_pdbx_entity_branch_descriptor.type 
_pdbx_entity_branch_descriptor.program 
_pdbx_entity_branch_descriptor.program_version 
1 2 'WURCS=2.0/2,2,1/[ad212m-1b_1-5_4*OCC/3=O][ad112m-1a_1-5_4*OC]/1-2/a3-b1'               WURCS  PDB2Glycan 1.1.0 
2 2 '[][b-D-2-deoxy-Fucp4Ac]{[(3+1)][a-D-2-deoxy-Fucp4Me]{}}'                               LINUCS PDB-CARE   ?     
3 3 'WURCS=2.0/2,3,2/[ad222m-1b_1-5][ad611m-1a_1-5_3*C_4*OCC/3=O]/1-1-2/a3-b1_b3-c1'        WURCS  PDB2Glycan 1.1.0 
4 3 '[][b-D-2,6-deoxy-Glcp]{[(3+1)][b-D-2,6-deoxy-Glcp]{[(3+1)][a-L-2,6-deoxy-Glcp4Ac]{}}}' LINUCS PDB-CARE   ?     
# 
loop_
_pdbx_entity_branch_link.link_id 
_pdbx_entity_branch_link.entity_id 
_pdbx_entity_branch_link.entity_branch_list_num_1 
_pdbx_entity_branch_link.comp_id_1 
_pdbx_entity_branch_link.atom_id_1 
_pdbx_entity_branch_link.leaving_atom_id_1 
_pdbx_entity_branch_link.entity_branch_list_num_2 
_pdbx_entity_branch_link.comp_id_2 
_pdbx_entity_branch_link.atom_id_2 
_pdbx_entity_branch_link.leaving_atom_id_2 
_pdbx_entity_branch_link.value_order 
_pdbx_entity_branch_link.details 
1 2 1 ARI C3 H3 2 1GL O1 HO1 sing ? 
2 3 1 CDR C3 H3 2 CDR O1 HO1 sing ? 
3 3 2 CDR C3 H3 3 ERI O1 HO1 sing ? 
# 
loop_
_chem_comp.id 
_chem_comp.type 
_chem_comp.mon_nstd_flag 
_chem_comp.name 
_chem_comp.pdbx_synonyms 
_chem_comp.formula 
_chem_comp.formula_weight 
1GL 'D-saccharide, alpha linking' . 2,6-dideoxy-4-O-methyl-alpha-D-galactopyranose 
;4-O-METHYL-2,6-DIDEOXY-ALPHA-D-GALACTO-HEXOPYRANOSE; 2-deoxy-4-O-methyl-alpha-D-fucopyranose; 2,6-dideoxy-4-O-methyl-alpha-D-galactose; 2,6-dideoxy-4-O-methyl-D-galactose; 2,6-dideoxy-4-O-methyl-galactose
;
'C7 H14 O4'       162.184 
ARI 'D-saccharide, beta linking'  . '(2R,3R,6R)-6-hydroxy-2-methyltetrahydro-2H-pyran-3-yl acetate' 
'[O4]-ACETOXY-2,3-DIDEOXYFUCOSE' 'C8 H14 O4'       174.194 
CDR 'D-saccharide, beta linking'  . '(2R,5S,6R)-6-methyltetrahydro-2H-pyran-2,5-diol' 2,3-DIDEOXYFUCOSE 'C6 H12 O3'       132.158 
CPH non-polymer                   . 
'(1S)-5-deoxy-1-O-methyl-1-C-[(2R,3S)-3,5,7,10-tetrahydroxy-6-methyl-4-oxo-1,2,3,4-tetrahydroanthracen-2-yl]-D-xylulose' None 
'C21 H24 O9'      420.410 
DA  'DNA linking'                 y "2'-DEOXYADENOSINE-5'-MONOPHOSPHATE" ? 'C10 H14 N5 O6 P' 331.222 
DC  'DNA linking'                 y "2'-DEOXYCYTIDINE-5'-MONOPHOSPHATE" ? 'C9 H14 N3 O7 P'  307.197 
DG  'DNA linking'                 y "2'-DEOXYGUANOSINE-5'-MONOPHOSPHATE" ? 'C10 H14 N5 O7 P' 347.221 
DT  'DNA linking'                 y "THYMIDINE-5'-MONOPHOSPHATE" ? 'C10 H15 N2 O8 P' 322.208 
ERI 'L-saccharide, alpha linking' n 3-C-methyl-4-O-acetyl-alpha-L-Olivopyranose 
;4-O-ACETYL-2,6-DIDEOXY-3-C-METHYL-BETA-L-ARABINO-HEXOPYRANOSE; 3-C-methyl-4-O-acetyl-alpha-L-Olivose; 3-C-methyl-4-O-acetyl-L-Olivose; 3-C-methyl-4-O-acetyl-Olivose
;
'C9 H16 O5'       204.220 
HOH non-polymer                   . WATER ? 'H2 O'            18.015  
MG  non-polymer                   . 'MAGNESIUM ION' ? 'Mg 2'            24.305  
# 
_pdbx_chem_comp_identifier.comp_id           1GL 
_pdbx_chem_comp_identifier.type              'IUPAC CARBOHYDRATE SYMBOL' 
_pdbx_chem_comp_identifier.program           PDB-CARE 
_pdbx_chem_comp_identifier.program_version   1.0 
_pdbx_chem_comp_identifier.identifier        a-D-2-deoxy-Fucp4OMe 
# 
loop_
_pdbx_poly_seq_scheme.asym_id 
_pdbx_poly_seq_scheme.entity_id 
_pdbx_poly_seq_scheme.seq_id 
_pdbx_poly_seq_scheme.mon_id 
_pdbx_poly_seq_scheme.ndb_seq_num 
_pdbx_poly_seq_scheme.pdb_seq_num 
_pdbx_poly_seq_scheme.auth_seq_num 
_pdbx_poly_seq_scheme.pdb_mon_id 
_pdbx_poly_seq_scheme.auth_mon_id 
_pdbx_poly_seq_scheme.pdb_strand_id 
_pdbx_poly_seq_scheme.pdb_ins_code 
_pdbx_poly_seq_scheme.hetero 
A 1 1 DT 1 1  1  DT THY A . n 
A 1 2 DT 2 2  2  DT THY A . n 
A 1 3 DG 3 3  3  DG GUA A . n 
A 1 4 DG 4 4  4  DG GUA A . n 
A 1 5 DC 5 5  5  DC CYT A . n 
A 1 6 DC 6 6  6  DC CYT A . n 
A 1 7 DA 7 7  7  DA ADE A . n 
A 1 8 DA 8 8  8  DA ADE A . n 
B 1 1 DT 1 9  9  DT THY B . n 
B 1 2 DT 2 10 10 DT THY B . n 
B 1 3 DG 3 11 11 DG GUA B . n 
B 1 4 DG 4 12 12 DG GUA B . n 
B 1 5 DC 5 13 13 DC CYT B . n 
B 1 6 DC 6 14 14 DC CYT B . n 
B 1 7 DA 7 15 15 DA ADE B . n 
B 1 8 DA 8 16 16 DA ADE B . n 
C 1 1 DT 1 41 41 DT THY C . n 
C 1 2 DT 2 42 42 DT THY C . n 
C 1 3 DG 3 43 43 DG GUA C . n 
C 1 4 DG 4 44 44 DG GUA C . n 
C 1 5 DC 5 45 45 DC CYT C . n 
C 1 6 DC 6 46 46 DC CYT C . n 
C 1 7 DA 7 47 47 DA ADE C . n 
C 1 8 DA 8 48 48 DA ADE C . n 
D 1 1 DT 1 49 49 DT THY D . n 
D 1 2 DT 2 50 50 DT THY D . n 
D 1 3 DG 3 51 51 DG GUA D . n 
D 1 4 DG 4 52 52 DG GUA D . n 
D 1 5 DC 5 53 53 DC CYT D . n 
D 1 6 DC 6 54 54 DC CYT D . n 
D 1 7 DA 7 55 55 DA ADE D . n 
D 1 8 DA 8 56 56 DA ADE D . n 
# 
loop_
_pdbx_branch_scheme.asym_id 
_pdbx_branch_scheme.entity_id 
_pdbx_branch_scheme.mon_id 
_pdbx_branch_scheme.num 
_pdbx_branch_scheme.pdb_asym_id 
_pdbx_branch_scheme.pdb_mon_id 
_pdbx_branch_scheme.pdb_seq_num 
_pdbx_branch_scheme.auth_asym_id 
_pdbx_branch_scheme.auth_mon_id 
_pdbx_branch_scheme.auth_seq_num 
_pdbx_branch_scheme.hetero 
E 2 ARI 1 E ARI 1 ? ARI 32 n 
E 2 1GL 2 E 1GL 2 ? BRI 31 n 
F 2 ARI 1 F ARI 1 ? ARI 22 n 
F 2 1GL 2 F 1GL 2 ? BRI 21 n 
G 3 CDR 1 G CDR 1 ? CDR 24 n 
G 3 CDR 2 G CDR 2 ? CDR 25 n 
G 3 ERI 3 G ERI 3 ? ERI 26 n 
H 3 CDR 1 H CDR 1 ? CDR 34 n 
H 3 CDR 2 H CDR 2 ? CDR 35 n 
H 3 ERI 3 H ERI 3 ? ERI 36 n 
I 2 ARI 1 I ARI 1 ? ARI 72 n 
I 2 1GL 2 I 1GL 2 ? BRI 71 n 
J 3 CDR 1 J CDR 1 ? CDR 74 n 
J 3 CDR 2 J CDR 2 ? CDR 75 n 
J 3 ERI 3 J ERI 3 ? ERI 76 n 
K 2 ARI 1 K ARI 1 ? ARI 62 n 
K 2 1GL 2 K 1GL 2 ? BRI 61 n 
L 3 CDR 1 L CDR 1 ? CDR 64 n 
L 3 CDR 2 L CDR 2 ? CDR 65 n 
L 3 ERI 3 L ERI 3 ? ERI 66 n 
# 
loop_
_pdbx_nonpoly_scheme.asym_id 
_pdbx_nonpoly_scheme.entity_id 
_pdbx_nonpoly_scheme.mon_id 
_pdbx_nonpoly_scheme.ndb_seq_num 
_pdbx_nonpoly_scheme.pdb_seq_num 
_pdbx_nonpoly_scheme.auth_seq_num 
_pdbx_nonpoly_scheme.pdb_mon_id 
_pdbx_nonpoly_scheme.auth_mon_id 
_pdbx_nonpoly_scheme.pdb_strand_id 
_pdbx_nonpoly_scheme.pdb_ins_code 
M 4 MG  1   81  81  MG  MGW A . 
N 5 CPH 1   33  33  CPH CPH A . 
O 5 CPH 1   23  23  CPH CPH B . 
P 5 CPH 1   73  73  CPH CPH C . 
Q 4 MG  1   82  82  MG  MGW D . 
R 5 CPH 1   63  63  CPH CPH D . 
S 6 HOH 1   204 204 HOH TIP A . 
S 6 HOH 2   238 238 HOH TIP A . 
S 6 HOH 3   239 239 HOH TIP A . 
S 6 HOH 4   240 240 HOH TIP A . 
S 6 HOH 5   242 242 HOH TIP A . 
S 6 HOH 6   243 243 HOH TIP A . 
S 6 HOH 7   260 260 HOH TIP A . 
S 6 HOH 8   261 261 HOH TIP A . 
S 6 HOH 9   264 264 HOH TIP A . 
S 6 HOH 10  268 268 HOH TIP A . 
S 6 HOH 11  270 270 HOH TIP A . 
S 6 HOH 12  280 280 HOH TIP A . 
S 6 HOH 13  286 286 HOH TIP A . 
S 6 HOH 14  304 304 HOH TIP A . 
S 6 HOH 15  317 317 HOH TIP A . 
S 6 HOH 16  318 318 HOH TIP A . 
S 6 HOH 17  322 322 HOH TIP A . 
S 6 HOH 18  343 343 HOH TIP A . 
S 6 HOH 19  375 375 HOH TIP A . 
S 6 HOH 20  379 379 HOH TIP A . 
S 6 HOH 21  390 390 HOH TIP A . 
S 6 HOH 22  397 397 HOH TIP A . 
S 6 HOH 23  405 405 HOH TIP A . 
S 6 HOH 24  407 407 HOH TIP A . 
S 6 HOH 25  409 409 HOH TIP A . 
S 6 HOH 26  416 416 HOH TIP A . 
S 6 HOH 27  417 417 HOH TIP A . 
S 6 HOH 28  418 418 HOH TIP A . 
S 6 HOH 29  423 423 HOH TIP A . 
S 6 HOH 30  439 439 HOH TIP A . 
S 6 HOH 31  440 440 HOH TIP A . 
S 6 HOH 32  441 441 HOH TIP A . 
S 6 HOH 33  481 81  HOH MGW A . 
T 6 HOH 1   205 205 HOH TIP B . 
T 6 HOH 2   206 206 HOH TIP B . 
T 6 HOH 3   207 207 HOH TIP B . 
T 6 HOH 4   208 208 HOH TIP B . 
T 6 HOH 5   209 209 HOH TIP B . 
T 6 HOH 6   210 210 HOH TIP B . 
T 6 HOH 7   213 213 HOH TIP B . 
T 6 HOH 8   214 214 HOH TIP B . 
T 6 HOH 9   215 215 HOH TIP B . 
T 6 HOH 10  217 217 HOH TIP B . 
T 6 HOH 11  218 218 HOH TIP B . 
T 6 HOH 12  233 233 HOH TIP B . 
T 6 HOH 13  234 234 HOH TIP B . 
T 6 HOH 14  235 235 HOH TIP B . 
T 6 HOH 15  236 236 HOH TIP B . 
T 6 HOH 16  237 237 HOH TIP B . 
T 6 HOH 17  248 248 HOH TIP B . 
T 6 HOH 18  249 249 HOH TIP B . 
T 6 HOH 19  251 251 HOH TIP B . 
T 6 HOH 20  252 252 HOH TIP B . 
T 6 HOH 21  253 253 HOH TIP B . 
T 6 HOH 22  263 263 HOH TIP B . 
T 6 HOH 23  265 265 HOH TIP B . 
T 6 HOH 24  284 284 HOH TIP B . 
T 6 HOH 25  287 287 HOH TIP B . 
T 6 HOH 26  288 288 HOH TIP B . 
T 6 HOH 27  312 312 HOH TIP B . 
T 6 HOH 28  313 313 HOH TIP B . 
T 6 HOH 29  314 314 HOH TIP B . 
T 6 HOH 30  316 316 HOH TIP B . 
T 6 HOH 31  319 319 HOH TIP B . 
T 6 HOH 32  344 344 HOH TIP B . 
T 6 HOH 33  345 345 HOH TIP B . 
T 6 HOH 34  346 346 HOH TIP B . 
T 6 HOH 35  347 347 HOH TIP B . 
T 6 HOH 36  348 348 HOH TIP B . 
T 6 HOH 37  349 349 HOH TIP B . 
T 6 HOH 38  350 350 HOH TIP B . 
T 6 HOH 39  351 351 HOH TIP B . 
T 6 HOH 40  359 359 HOH TIP B . 
T 6 HOH 41  360 360 HOH TIP B . 
T 6 HOH 42  361 361 HOH TIP B . 
T 6 HOH 43  362 362 HOH TIP B . 
T 6 HOH 44  363 363 HOH TIP B . 
T 6 HOH 45  364 364 HOH TIP B . 
T 6 HOH 46  365 365 HOH TIP B . 
T 6 HOH 47  366 366 HOH TIP B . 
T 6 HOH 48  367 367 HOH TIP B . 
T 6 HOH 49  368 368 HOH TIP B . 
T 6 HOH 50  369 369 HOH TIP B . 
T 6 HOH 51  370 370 HOH TIP B . 
T 6 HOH 52  371 371 HOH TIP B . 
T 6 HOH 53  372 372 HOH TIP B . 
T 6 HOH 54  374 374 HOH TIP B . 
T 6 HOH 55  376 376 HOH TIP B . 
T 6 HOH 56  377 377 HOH TIP B . 
T 6 HOH 57  378 378 HOH TIP B . 
T 6 HOH 58  380 380 HOH TIP B . 
T 6 HOH 59  381 381 HOH TIP B . 
T 6 HOH 60  382 382 HOH TIP B . 
T 6 HOH 61  383 383 HOH TIP B . 
T 6 HOH 62  384 384 HOH TIP B . 
T 6 HOH 63  385 385 HOH TIP B . 
T 6 HOH 64  386 386 HOH TIP B . 
T 6 HOH 65  387 387 HOH TIP B . 
T 6 HOH 66  388 388 HOH TIP B . 
T 6 HOH 67  389 389 HOH TIP B . 
T 6 HOH 68  391 391 HOH TIP B . 
T 6 HOH 69  392 392 HOH TIP B . 
T 6 HOH 70  394 394 HOH TIP B . 
T 6 HOH 71  395 395 HOH TIP B . 
T 6 HOH 72  396 396 HOH TIP B . 
T 6 HOH 73  404 404 HOH TIP B . 
T 6 HOH 74  408 408 HOH TIP B . 
T 6 HOH 75  410 410 HOH TIP B . 
T 6 HOH 76  411 411 HOH TIP B . 
T 6 HOH 77  412 412 HOH TIP B . 
T 6 HOH 78  413 413 HOH TIP B . 
T 6 HOH 79  415 415 HOH TIP B . 
T 6 HOH 80  421 421 HOH TIP B . 
T 6 HOH 81  422 422 HOH TIP B . 
T 6 HOH 82  424 424 HOH TIP B . 
T 6 HOH 83  431 431 HOH TIP B . 
T 6 HOH 84  432 432 HOH TIP B . 
T 6 HOH 85  433 433 HOH TIP B . 
T 6 HOH 86  435 435 HOH TIP B . 
T 6 HOH 87  436 436 HOH TIP B . 
T 6 HOH 88  437 437 HOH TIP B . 
T 6 HOH 89  438 438 HOH TIP B . 
T 6 HOH 90  442 442 HOH TIP B . 
T 6 HOH 91  453 453 HOH TIP B . 
T 6 HOH 92  456 456 HOH TIP B . 
T 6 HOH 93  457 457 HOH TIP B . 
T 6 HOH 94  458 458 HOH TIP B . 
T 6 HOH 95  459 459 HOH TIP B . 
T 6 HOH 96  460 460 HOH TIP B . 
T 6 HOH 97  463 463 HOH TIP B . 
T 6 HOH 98  467 467 HOH TIP B . 
T 6 HOH 99  476 476 HOH TIP B . 
T 6 HOH 100 480 81  HOH MGW B . 
U 6 HOH 1   203 203 HOH TIP C . 
U 6 HOH 2   212 212 HOH TIP C . 
U 6 HOH 3   216 216 HOH TIP C . 
U 6 HOH 4   219 219 HOH TIP C . 
U 6 HOH 5   222 222 HOH TIP C . 
U 6 HOH 6   223 223 HOH TIP C . 
U 6 HOH 7   224 224 HOH TIP C . 
U 6 HOH 8   225 225 HOH TIP C . 
U 6 HOH 9   226 226 HOH TIP C . 
U 6 HOH 10  227 227 HOH TIP C . 
U 6 HOH 11  228 228 HOH TIP C . 
U 6 HOH 12  229 229 HOH TIP C . 
U 6 HOH 13  230 230 HOH TIP C . 
U 6 HOH 14  231 231 HOH TIP C . 
U 6 HOH 15  232 232 HOH TIP C . 
U 6 HOH 16  241 241 HOH TIP C . 
U 6 HOH 17  246 246 HOH TIP C . 
U 6 HOH 18  247 247 HOH TIP C . 
U 6 HOH 19  250 250 HOH TIP C . 
U 6 HOH 20  254 254 HOH TIP C . 
U 6 HOH 21  255 255 HOH TIP C . 
U 6 HOH 22  259 259 HOH TIP C . 
U 6 HOH 23  262 262 HOH TIP C . 
U 6 HOH 24  267 267 HOH TIP C . 
U 6 HOH 25  269 269 HOH TIP C . 
U 6 HOH 26  271 271 HOH TIP C . 
U 6 HOH 27  272 272 HOH TIP C . 
U 6 HOH 28  273 273 HOH TIP C . 
U 6 HOH 29  274 274 HOH TIP C . 
U 6 HOH 30  285 285 HOH TIP C . 
U 6 HOH 31  289 289 HOH TIP C . 
U 6 HOH 32  290 290 HOH TIP C . 
U 6 HOH 33  291 291 HOH TIP C . 
U 6 HOH 34  292 292 HOH TIP C . 
U 6 HOH 35  293 293 HOH TIP C . 
U 6 HOH 36  294 294 HOH TIP C . 
U 6 HOH 37  295 295 HOH TIP C . 
U 6 HOH 38  296 296 HOH TIP C . 
U 6 HOH 39  298 298 HOH TIP C . 
U 6 HOH 40  299 299 HOH TIP C . 
U 6 HOH 41  302 302 HOH TIP C . 
U 6 HOH 42  303 303 HOH TIP C . 
U 6 HOH 43  305 305 HOH TIP C . 
U 6 HOH 44  306 306 HOH TIP C . 
U 6 HOH 45  325 325 HOH TIP C . 
U 6 HOH 46  326 326 HOH TIP C . 
U 6 HOH 47  327 327 HOH TIP C . 
U 6 HOH 48  328 328 HOH TIP C . 
U 6 HOH 49  329 329 HOH TIP C . 
U 6 HOH 50  331 331 HOH TIP C . 
U 6 HOH 51  352 352 HOH TIP C . 
U 6 HOH 52  353 353 HOH TIP C . 
U 6 HOH 53  357 357 HOH TIP C . 
U 6 HOH 54  358 358 HOH TIP C . 
U 6 HOH 55  373 373 HOH TIP C . 
U 6 HOH 56  402 402 HOH TIP C . 
U 6 HOH 57  403 403 HOH TIP C . 
U 6 HOH 58  414 414 HOH TIP C . 
U 6 HOH 59  420 420 HOH TIP C . 
U 6 HOH 60  426 426 HOH TIP C . 
U 6 HOH 61  427 427 HOH TIP C . 
U 6 HOH 62  428 428 HOH TIP C . 
U 6 HOH 63  429 429 HOH TIP C . 
U 6 HOH 64  430 430 HOH TIP C . 
U 6 HOH 65  434 434 HOH TIP C . 
U 6 HOH 66  443 443 HOH TIP C . 
U 6 HOH 67  444 444 HOH TIP C . 
U 6 HOH 68  445 445 HOH TIP C . 
U 6 HOH 69  446 446 HOH TIP C . 
U 6 HOH 70  450 450 HOH TIP C . 
U 6 HOH 71  454 454 HOH TIP C . 
U 6 HOH 72  455 455 HOH TIP C . 
U 6 HOH 73  461 461 HOH TIP C . 
U 6 HOH 74  462 462 HOH TIP C . 
U 6 HOH 75  470 470 HOH TIP C . 
U 6 HOH 76  474 474 HOH TIP C . 
U 6 HOH 77  475 475 HOH TIP C . 
U 6 HOH 78  479 479 HOH TIP C . 
V 6 HOH 1   201 201 HOH TIP D . 
V 6 HOH 2   202 202 HOH TIP D . 
V 6 HOH 3   211 211 HOH TIP D . 
V 6 HOH 4   220 220 HOH TIP D . 
V 6 HOH 5   221 221 HOH TIP D . 
V 6 HOH 6   244 244 HOH TIP D . 
V 6 HOH 7   245 245 HOH TIP D . 
V 6 HOH 8   256 256 HOH TIP D . 
V 6 HOH 9   257 257 HOH TIP D . 
V 6 HOH 10  258 258 HOH TIP D . 
V 6 HOH 11  266 266 HOH TIP D . 
V 6 HOH 12  275 275 HOH TIP D . 
V 6 HOH 13  276 276 HOH TIP D . 
V 6 HOH 14  277 277 HOH TIP D . 
V 6 HOH 15  278 278 HOH TIP D . 
V 6 HOH 16  279 279 HOH TIP D . 
V 6 HOH 17  281 281 HOH TIP D . 
V 6 HOH 18  282 282 HOH TIP D . 
V 6 HOH 19  283 283 HOH TIP D . 
V 6 HOH 20  297 297 HOH TIP D . 
V 6 HOH 21  300 300 HOH TIP D . 
V 6 HOH 22  301 301 HOH TIP D . 
V 6 HOH 23  307 307 HOH TIP D . 
V 6 HOH 24  308 308 HOH TIP D . 
V 6 HOH 25  309 309 HOH TIP D . 
V 6 HOH 26  310 310 HOH TIP D . 
V 6 HOH 27  311 311 HOH TIP D . 
V 6 HOH 28  315 315 HOH TIP D . 
V 6 HOH 29  320 320 HOH TIP D . 
V 6 HOH 30  321 321 HOH TIP D . 
V 6 HOH 31  323 323 HOH TIP D . 
V 6 HOH 32  324 324 HOH TIP D . 
V 6 HOH 33  330 330 HOH TIP D . 
V 6 HOH 34  332 332 HOH TIP D . 
V 6 HOH 35  333 333 HOH TIP D . 
V 6 HOH 36  334 334 HOH TIP D . 
V 6 HOH 37  335 335 HOH TIP D . 
V 6 HOH 38  336 336 HOH TIP D . 
V 6 HOH 39  337 337 HOH TIP D . 
V 6 HOH 40  338 338 HOH TIP D . 
V 6 HOH 41  339 339 HOH TIP D . 
V 6 HOH 42  340 340 HOH TIP D . 
V 6 HOH 43  341 341 HOH TIP D . 
V 6 HOH 44  342 342 HOH TIP D . 
V 6 HOH 45  354 354 HOH TIP D . 
V 6 HOH 46  355 355 HOH TIP D . 
V 6 HOH 47  356 356 HOH TIP D . 
V 6 HOH 48  393 393 HOH TIP D . 
V 6 HOH 49  398 398 HOH TIP D . 
V 6 HOH 50  399 399 HOH TIP D . 
V 6 HOH 51  400 400 HOH TIP D . 
V 6 HOH 52  401 401 HOH TIP D . 
V 6 HOH 53  406 406 HOH TIP D . 
V 6 HOH 54  419 419 HOH TIP D . 
V 6 HOH 55  425 425 HOH TIP D . 
V 6 HOH 56  447 447 HOH TIP D . 
V 6 HOH 57  448 448 HOH TIP D . 
V 6 HOH 58  449 449 HOH TIP D . 
V 6 HOH 59  451 451 HOH TIP D . 
V 6 HOH 60  452 452 HOH TIP D . 
V 6 HOH 61  464 464 HOH TIP D . 
V 6 HOH 62  465 465 HOH TIP D . 
V 6 HOH 63  466 466 HOH TIP D . 
V 6 HOH 64  468 468 HOH TIP D . 
V 6 HOH 65  469 469 HOH TIP D . 
V 6 HOH 66  471 471 HOH TIP D . 
V 6 HOH 67  472 472 HOH TIP D . 
V 6 HOH 68  473 473 HOH TIP D . 
V 6 HOH 69  477 477 HOH TIP D . 
V 6 HOH 70  478 478 HOH TIP D . 
V 6 HOH 71  482 82  HOH MGW D . 
V 6 HOH 72  483 82  HOH MGW D . 
# 
loop_
_software.name 
_software.classification 
_software.version 
_software.citation_id 
_software.pdbx_ordinal 
DENZO     'data reduction' . ? 1 
SCALEPACK 'data scaling'   . ? 2 
SOLVE     phasing          . ? 3 
CNS       refinement       . ? 4 
# 
_cell.entry_id           1VAQ 
_cell.length_a           42.23 
_cell.length_b           42.23 
_cell.length_c           246.11 
_cell.angle_alpha        90 
_cell.angle_beta         90 
_cell.angle_gamma        120 
_cell.pdbx_unique_axis   ? 
_cell.Z_PDB              48 
# 
_symmetry.entry_id                         1VAQ 
_symmetry.space_group_name_H-M             'P 65 2 2' 
_symmetry.pdbx_full_space_group_name_H-M   ? 
_symmetry.Int_Tables_number                179 
_symmetry.cell_setting                     ? 
# 
_exptl.entry_id          1VAQ 
_exptl.method            'X-RAY DIFFRACTION' 
_exptl.crystals_number   1 
# 
_exptl_crystal.id                    1 
_exptl_crystal.density_meas          ? 
_exptl_crystal.density_Matthews      1.79 
_exptl_crystal.density_percent_sol   30.91 
_exptl_crystal.description           ? 
# 
_exptl_crystal_grow.crystal_id      1 
_exptl_crystal_grow.method          'VAPOR DIFFUSION, HANGING DROP' 
_exptl_crystal_grow.temp            298 
_exptl_crystal_grow.temp_details    ? 
_exptl_crystal_grow.pH              5 
_exptl_crystal_grow.pdbx_details    'sodium-cacodylate, MgCl2, pH 5, VAPOR DIFFUSION, HANGING DROP, temperature 298K' 
_exptl_crystal_grow.pdbx_pH_range   . 
# 
loop_
_exptl_crystal_grow_comp.crystal_id 
_exptl_crystal_grow_comp.id 
_exptl_crystal_grow_comp.sol_id 
_exptl_crystal_grow_comp.name 
_exptl_crystal_grow_comp.volume 
_exptl_crystal_grow_comp.conc 
_exptl_crystal_grow_comp.details 
1 1 1 sodium-cacodylate ? ? ? 
1 2 1 MgCl2             ? ? ? 
1 3 2 sodium-cacodylate ? ? ? 
1 4 2 MgCl2             ? ? ? 
# 
_diffrn.id                     1 
_diffrn.ambient_temp           110 
_diffrn.ambient_temp_details   ? 
_diffrn.crystal_id             1 
# 
_diffrn_detector.diffrn_id              1 
_diffrn_detector.detector               'IMAGE PLATE' 
_diffrn_detector.type                   RIGAKU 
_diffrn_detector.pdbx_collection_date   ? 
_diffrn_detector.details                ? 
# 
_diffrn_radiation.diffrn_id                        1 
_diffrn_radiation.wavelength_id                    1 
_diffrn_radiation.pdbx_monochromatic_or_laue_m_l   M 
_diffrn_radiation.monochromator                    GRAPHITE 
_diffrn_radiation.pdbx_diffrn_protocol             MAD 
_diffrn_radiation.pdbx_scattering_type             x-ray 
# 
_diffrn_radiation_wavelength.id           1 
_diffrn_radiation_wavelength.wavelength   1.5432 
_diffrn_radiation_wavelength.wt           1.0 
# 
_diffrn_source.diffrn_id                   1 
_diffrn_source.source                      SYNCHROTRON 
_diffrn_source.type                        'APS BEAMLINE 19-ID' 
_diffrn_source.pdbx_synchrotron_site       APS 
_diffrn_source.pdbx_synchrotron_beamline   19-ID 
_diffrn_source.pdbx_wavelength             ? 
_diffrn_source.pdbx_wavelength_list        1.5432 
# 
_reflns.entry_id                     1VAQ 
_reflns.observed_criterion_sigma_F   ? 
_reflns.observed_criterion_sigma_I   ? 
_reflns.d_resolution_high            2.0 
_reflns.d_resolution_low             50 
_reflns.number_all                   7815 
_reflns.number_obs                   ? 
_reflns.percent_possible_obs         ? 
_reflns.pdbx_Rmerge_I_obs            0.0055 
_reflns.pdbx_Rsym_value              ? 
_reflns.pdbx_netI_over_sigmaI        ? 
_reflns.B_iso_Wilson_estimate        ? 
_reflns.pdbx_redundancy              6 
_reflns.R_free_details               ? 
_reflns.pdbx_diffrn_id               1 
_reflns.pdbx_ordinal                 1 
# 
_refine.entry_id                                 1VAQ 
_refine.ls_d_res_high                            2.0 
_refine.ls_d_res_low                             50 
_refine.pdbx_ls_sigma_F                          10 
_refine.pdbx_ls_sigma_I                          ? 
_refine.ls_number_reflns_all                     7815 
_refine.ls_number_reflns_obs                     7815 
_refine.ls_number_reflns_R_free                  726 
_refine.ls_percent_reflns_obs                    ? 
_refine.ls_R_factor_all                          ? 
_refine.ls_R_factor_obs                          0.235 
_refine.ls_R_factor_R_work                       0.235 
_refine.ls_R_factor_R_free                       0.278 
_refine.ls_redundancy_reflns_obs                 ? 
_refine.pdbx_data_cutoff_high_absF               ? 
_refine.pdbx_data_cutoff_low_absF                ? 
_refine.ls_number_parameters                     ? 
_refine.ls_number_restraints                     ? 
_refine.ls_percent_reflns_R_free                 ? 
_refine.ls_R_factor_R_free_error                 ? 
_refine.ls_R_factor_R_free_error_details         ? 
_refine.pdbx_method_to_determine_struct          MAD 
_refine.pdbx_starting_model                      ? 
_refine.pdbx_ls_cross_valid_method               THROUGHOUT 
_refine.pdbx_R_Free_selection_details            RANDOM 
_refine.pdbx_stereochem_target_val_spec_case     ? 
_refine.pdbx_stereochemistry_target_values       'Engh & Huber' 
_refine.solvent_model_details                    ? 
_refine.solvent_model_param_bsol                 ? 
_refine.solvent_model_param_ksol                 ? 
_refine.occupancy_max                            ? 
_refine.occupancy_min                            ? 
_refine.pdbx_isotropic_thermal_model             Isotropic 
_refine.B_iso_mean                               ? 
_refine.aniso_B[1][1]                            ? 
_refine.aniso_B[1][2]                            ? 
_refine.aniso_B[1][3]                            ? 
_refine.aniso_B[2][2]                            ? 
_refine.aniso_B[2][3]                            ? 
_refine.aniso_B[3][3]                            ? 
_refine.details                                  ? 
_refine.correlation_coeff_Fo_to_Fc               ? 
_refine.correlation_coeff_Fo_to_Fc_free          ? 
_refine.pdbx_solvent_vdw_probe_radii             ? 
_refine.pdbx_solvent_ion_probe_radii             ? 
_refine.pdbx_solvent_shrinkage_radii             ? 
_refine.overall_SU_R_Cruickshank_DPI             ? 
_refine.overall_SU_R_free                        ? 
_refine.overall_SU_B                             ? 
_refine.overall_SU_ML                            ? 
_refine.pdbx_overall_ESU_R                       ? 
_refine.pdbx_overall_ESU_R_Free                  ? 
_refine.pdbx_data_cutoff_high_rms_absF           ? 
_refine.pdbx_refine_id                           'X-RAY DIFFRACTION' 
_refine.pdbx_diffrn_id                           1 
_refine.pdbx_TLS_residual_ADP_flag               ? 
_refine.pdbx_overall_phase_error                 ? 
_refine.pdbx_overall_SU_R_free_Cruickshank_DPI   ? 
_refine.pdbx_overall_SU_R_Blow_DPI               ? 
_refine.pdbx_overall_SU_R_free_Blow_DPI          ? 
# 
_refine_hist.pdbx_refine_id                   'X-RAY DIFFRACTION' 
_refine_hist.cycle_id                         LAST 
_refine_hist.pdbx_number_atoms_protein        0 
_refine_hist.pdbx_number_atoms_nucleic_acid   644 
_refine_hist.pdbx_number_atoms_ligand         338 
_refine_hist.number_atoms_solvent             279 
_refine_hist.number_atoms_total               1261 
_refine_hist.d_res_high                       2.0 
_refine_hist.d_res_low                        50 
# 
loop_
_refine_ls_restr.type 
_refine_ls_restr.dev_ideal 
_refine_ls_restr.dev_ideal_target 
_refine_ls_restr.weight 
_refine_ls_restr.number 
_refine_ls_restr.pdbx_refine_id 
_refine_ls_restr.pdbx_restraint_function 
c_angle_deg 2.2   ? ? ? 'X-RAY DIFFRACTION' ? 
c_bond_d    0.022 ? ? ? 'X-RAY DIFFRACTION' ? 
# 
_refine_ls_shell.pdbx_total_number_of_bins_used   ? 
_refine_ls_shell.d_res_high                       2.0 
_refine_ls_shell.d_res_low                        2.07 
_refine_ls_shell.number_reflns_R_work             ? 
_refine_ls_shell.R_factor_R_work                  0.235 
_refine_ls_shell.percent_reflns_obs               ? 
_refine_ls_shell.R_factor_R_free                  0.278 
_refine_ls_shell.R_factor_R_free_error            ? 
_refine_ls_shell.percent_reflns_R_free            ? 
_refine_ls_shell.number_reflns_R_free             735 
_refine_ls_shell.redundancy_reflns_obs            ? 
_refine_ls_shell.pdbx_refine_id                   'X-RAY DIFFRACTION' 
_refine_ls_shell.number_reflns_all                ? 
_refine_ls_shell.R_factor_all                     ? 
# 
_struct.entry_id                  1VAQ 
_struct.title                     
;Crystal structure of the Mg2+-(chromomycin A3)2-d(TTGGCCAA)2 complex reveals GGCC binding specificity of the drug dimer chelated by metal ion
;
_struct.pdbx_model_details        ? 
_struct.pdbx_CASP_flag            ? 
_struct.pdbx_model_type_details   ? 
# 
_struct_keywords.entry_id        1VAQ 
_struct_keywords.pdbx_keywords   DNA 
_struct_keywords.text            'Chromomycin A3, MAD, DNA duplex, GGCC site, DNA kink, CD spectra, DNA' 
# 
loop_
_struct_asym.id 
_struct_asym.pdbx_blank_PDB_chainid_flag 
_struct_asym.pdbx_modified 
_struct_asym.entity_id 
_struct_asym.details 
A N N 1 ? 
B N N 1 ? 
C N N 1 ? 
D N N 1 ? 
E N N 2 ? 
F N N 2 ? 
G N N 3 ? 
H N N 3 ? 
I N N 2 ? 
J N N 3 ? 
K N N 2 ? 
L N N 3 ? 
M N N 4 ? 
N N N 5 ? 
O N N 5 ? 
P N N 5 ? 
Q N N 4 ? 
R N N 5 ? 
S N N 6 ? 
T N N 6 ? 
U N N 6 ? 
V N N 6 ? 
# 
_struct_ref.id                         1 
_struct_ref.entity_id                  1 
_struct_ref.db_name                    PDB 
_struct_ref.db_code                    1VAQ 
_struct_ref.pdbx_db_accession          1VAQ 
_struct_ref.pdbx_db_isoform            ? 
_struct_ref.pdbx_seq_one_letter_code   ? 
_struct_ref.pdbx_align_begin           ? 
# 
loop_
_struct_ref_seq.align_id 
_struct_ref_seq.ref_id 
_struct_ref_seq.pdbx_PDB_id_code 
_struct_ref_seq.pdbx_strand_id 
_struct_ref_seq.seq_align_beg 
_struct_ref_seq.pdbx_seq_align_beg_ins_code 
_struct_ref_seq.seq_align_end 
_struct_ref_seq.pdbx_seq_align_end_ins_code 
_struct_ref_seq.pdbx_db_accession 
_struct_ref_seq.db_align_beg 
_struct_ref_seq.pdbx_db_align_beg_ins_code 
_struct_ref_seq.db_align_end 
_struct_ref_seq.pdbx_db_align_end_ins_code 
_struct_ref_seq.pdbx_auth_seq_align_beg 
_struct_ref_seq.pdbx_auth_seq_align_end 
1 1 1VAQ A 1 ? 8 ? 1VAQ 1  ? 8  ? 1  8  
2 1 1VAQ B 1 ? 8 ? 1VAQ 9  ? 16 ? 9  16 
3 1 1VAQ C 1 ? 8 ? 1VAQ 41 ? 48 ? 41 48 
4 1 1VAQ D 1 ? 8 ? 1VAQ 49 ? 56 ? 49 56 
# 
loop_
_pdbx_struct_assembly.id 
_pdbx_struct_assembly.details 
_pdbx_struct_assembly.method_details 
_pdbx_struct_assembly.oligomeric_details 
_pdbx_struct_assembly.oligomeric_count 
1 author_defined_assembly ? dimeric 2 
2 author_defined_assembly ? dimeric 2 
# 
loop_
_pdbx_struct_assembly_gen.assembly_id 
_pdbx_struct_assembly_gen.oper_expression 
_pdbx_struct_assembly_gen.asym_id_list 
1 1 A,B,E,F,G,H,M,N,O,S,T 
2 1 C,D,I,J,K,L,P,Q,R,U,V 
# 
_pdbx_struct_oper_list.id                   1 
_pdbx_struct_oper_list.type                 'identity operation' 
_pdbx_struct_oper_list.name                 1_555 
_pdbx_struct_oper_list.symmetry_operation   x,y,z 
_pdbx_struct_oper_list.matrix[1][1]         1.0000000000 
_pdbx_struct_oper_list.matrix[1][2]         0.0000000000 
_pdbx_struct_oper_list.matrix[1][3]         0.0000000000 
_pdbx_struct_oper_list.vector[1]            0.0000000000 
_pdbx_struct_oper_list.matrix[2][1]         0.0000000000 
_pdbx_struct_oper_list.matrix[2][2]         1.0000000000 
_pdbx_struct_oper_list.matrix[2][3]         0.0000000000 
_pdbx_struct_oper_list.vector[2]            0.0000000000 
_pdbx_struct_oper_list.matrix[3][1]         0.0000000000 
_pdbx_struct_oper_list.matrix[3][2]         0.0000000000 
_pdbx_struct_oper_list.matrix[3][3]         1.0000000000 
_pdbx_struct_oper_list.vector[3]            0.0000000000 
# 
loop_
_struct_conn.id 
_struct_conn.conn_type_id 
_struct_conn.pdbx_leaving_atom_flag 
_struct_conn.pdbx_PDB_id 
_struct_conn.ptnr1_label_asym_id 
_struct_conn.ptnr1_label_comp_id 
_struct_conn.ptnr1_label_seq_id 
_struct_conn.ptnr1_label_atom_id 
_struct_conn.pdbx_ptnr1_label_alt_id 
_struct_conn.pdbx_ptnr1_PDB_ins_code 
_struct_conn.pdbx_ptnr1_standard_comp_id 
_struct_conn.ptnr1_symmetry 
_struct_conn.ptnr2_label_asym_id 
_struct_conn.ptnr2_label_comp_id 
_struct_conn.ptnr2_label_seq_id 
_struct_conn.ptnr2_label_atom_id 
_struct_conn.pdbx_ptnr2_label_alt_id 
_struct_conn.pdbx_ptnr2_PDB_ins_code 
_struct_conn.ptnr1_auth_asym_id 
_struct_conn.ptnr1_auth_comp_id 
_struct_conn.ptnr1_auth_seq_id 
_struct_conn.ptnr2_auth_asym_id 
_struct_conn.ptnr2_auth_comp_id 
_struct_conn.ptnr2_auth_seq_id 
_struct_conn.ptnr2_symmetry 
_struct_conn.pdbx_ptnr3_label_atom_id 
_struct_conn.pdbx_ptnr3_label_seq_id 
_struct_conn.pdbx_ptnr3_label_comp_id 
_struct_conn.pdbx_ptnr3_label_asym_id 
_struct_conn.pdbx_ptnr3_label_alt_id 
_struct_conn.pdbx_ptnr3_PDB_ins_code 
_struct_conn.details 
_struct_conn.pdbx_dist_value 
_struct_conn.pdbx_value_order 
_struct_conn.pdbx_role 
covale1  covale one ? N CPH . C6 ? ? ? 1_555 E ARI . O1 ? ? A CPH 33 E ARI 1   1_555 ? ? ? ? ? ? ?            1.381 ? ? 
covale2  covale one ? N CPH . C2 ? ? ? 1_555 H CDR . O1 ? ? A CPH 33 H CDR 1   1_555 ? ? ? ? ? ? ?            1.389 ? ? 
covale3  covale one ? O CPH . C6 ? ? ? 1_555 F ARI . O1 ? ? B CPH 23 F ARI 1   1_555 ? ? ? ? ? ? ?            1.380 ? ? 
covale4  covale one ? O CPH . C2 ? ? ? 1_555 G CDR . O1 ? ? B CPH 23 G CDR 1   1_555 ? ? ? ? ? ? ?            1.377 ? ? 
covale5  covale one ? P CPH . C6 ? ? ? 1_555 I ARI . O1 ? ? C CPH 73 I ARI 1   1_555 ? ? ? ? ? ? ?            1.371 ? ? 
covale6  covale one ? P CPH . C2 ? ? ? 1_555 J CDR . O1 ? ? C CPH 73 J CDR 1   1_555 ? ? ? ? ? ? ?            1.394 ? ? 
covale7  covale one ? R CPH . C6 ? ? ? 1_555 K ARI . O1 ? ? D CPH 63 K ARI 1   1_555 ? ? ? ? ? ? ?            1.382 ? ? 
covale8  covale one ? R CPH . C2 ? ? ? 1_555 L CDR . O1 ? ? D CPH 63 L CDR 1   1_555 ? ? ? ? ? ? ?            1.379 ? ? 
covale9  covale one ? E ARI . C3 ? ? ? 1_555 E 1GL . O1 ? ? E ARI 1  E 1GL 2   1_555 ? ? ? ? ? ? ?            1.384 ? ? 
covale10 covale one ? F ARI . C3 ? ? ? 1_555 F 1GL . O1 ? ? F ARI 1  F 1GL 2   1_555 ? ? ? ? ? ? ?            1.394 ? ? 
covale11 covale one ? G CDR . C3 ? ? ? 1_555 G CDR . O1 ? ? G CDR 1  G CDR 2   1_555 ? ? ? ? ? ? ?            1.388 ? ? 
covale12 covale one ? G CDR . C3 ? ? ? 1_555 G ERI . O1 ? ? G CDR 2  G ERI 3   1_555 ? ? ? ? ? ? ?            1.387 ? ? 
covale13 covale one ? H CDR . C3 ? ? ? 1_555 H CDR . O1 ? ? H CDR 1  H CDR 2   1_555 ? ? ? ? ? ? ?            1.393 ? ? 
covale14 covale one ? H CDR . C3 ? ? ? 1_555 H ERI . O1 ? ? H CDR 2  H ERI 3   1_555 ? ? ? ? ? ? ?            1.391 ? ? 
covale15 covale one ? I ARI . C3 ? ? ? 1_555 I 1GL . O1 ? ? I ARI 1  I 1GL 2   1_555 ? ? ? ? ? ? ?            1.390 ? ? 
covale16 covale one ? J CDR . C3 ? ? ? 1_555 J CDR . O1 ? ? J CDR 1  J CDR 2   1_555 ? ? ? ? ? ? ?            1.391 ? ? 
covale17 covale one ? J CDR . C3 ? ? ? 1_555 J ERI . O1 ? ? J CDR 2  J ERI 3   1_555 ? ? ? ? ? ? ?            1.383 ? ? 
covale18 covale one ? K ARI . C3 ? ? ? 1_555 K 1GL . O1 ? ? K ARI 1  K 1GL 2   1_555 ? ? ? ? ? ? ?            1.401 ? ? 
covale19 covale one ? L CDR . C3 ? ? ? 1_555 L CDR . O1 ? ? L CDR 1  L CDR 2   1_555 ? ? ? ? ? ? ?            1.401 ? ? 
covale20 covale one ? L CDR . C3 ? ? ? 1_555 L ERI . O1 ? ? L CDR 2  L ERI 3   1_555 ? ? ? ? ? ? ?            1.368 ? ? 
metalc1  metalc ?   ? N CPH . O1 ? ? ? 1_555 M MG  . MG ? ? A CPH 33 A MG  81  1_555 ? ? ? ? ? ? ?            2.035 ? ? 
metalc2  metalc ?   ? N CPH . O9 ? ? ? 1_555 M MG  . MG ? ? A CPH 33 A MG  81  1_555 ? ? ? ? ? ? ?            1.865 ? ? 
metalc3  metalc ?   ? M MG  . MG ? ? ? 1_555 S HOH . O  ? ? A MG  81 A HOH 481 1_555 ? ? ? ? ? ? ?            2.056 ? ? 
metalc4  metalc ?   ? M MG  . MG ? ? ? 1_555 O CPH . O1 ? ? A MG  81 B CPH 23  1_555 ? ? ? ? ? ? ?            1.999 ? ? 
metalc5  metalc ?   ? M MG  . MG ? ? ? 1_555 O CPH . O9 ? ? A MG  81 B CPH 23  1_555 ? ? ? ? ? ? ?            1.807 ? ? 
metalc6  metalc ?   ? M MG  . MG ? ? ? 1_555 T HOH . O  ? ? A MG  81 B HOH 480 1_555 ? ? ? ? ? ? ?            2.073 ? ? 
metalc7  metalc ?   ? P CPH . O1 ? ? ? 1_555 Q MG  . MG ? ? C CPH 73 D MG  82  1_555 ? ? ? ? ? ? ?            2.065 ? ? 
metalc8  metalc ?   ? P CPH . O9 ? ? ? 1_555 Q MG  . MG ? ? C CPH 73 D MG  82  1_555 ? ? ? ? ? ? ?            1.877 ? ? 
metalc9  metalc ?   ? R CPH . O9 ? ? ? 1_555 Q MG  . MG ? ? D CPH 63 D MG  82  1_555 ? ? ? ? ? ? ?            1.837 ? ? 
metalc10 metalc ?   ? R CPH . O1 ? ? ? 1_555 Q MG  . MG ? ? D CPH 63 D MG  82  1_555 ? ? ? ? ? ? ?            2.110 ? ? 
metalc11 metalc ?   ? Q MG  . MG ? ? ? 1_555 V HOH . O  ? ? D MG  82 D HOH 482 1_555 ? ? ? ? ? ? ?            2.069 ? ? 
metalc12 metalc ?   ? Q MG  . MG ? ? ? 1_555 V HOH . O  ? ? D MG  82 D HOH 483 1_555 ? ? ? ? ? ? ?            2.008 ? ? 
hydrog1  hydrog ?   ? A DT  1 N3 ? ? ? 1_555 B DA  8 N1 ? ? A DT  1  B DA  16  1_555 ? ? ? ? ? ? WATSON-CRICK ?     ? ? 
hydrog2  hydrog ?   ? A DT  1 O4 ? ? ? 1_555 B DA  8 N6 ? ? A DT  1  B DA  16  1_555 ? ? ? ? ? ? WATSON-CRICK ?     ? ? 
hydrog3  hydrog ?   ? A DT  2 N3 ? ? ? 1_555 B DA  7 N1 ? ? A DT  2  B DA  15  1_555 ? ? ? ? ? ? WATSON-CRICK ?     ? ? 
hydrog4  hydrog ?   ? A DT  2 O4 ? ? ? 1_555 B DA  7 N6 ? ? A DT  2  B DA  15  1_555 ? ? ? ? ? ? WATSON-CRICK ?     ? ? 
hydrog5  hydrog ?   ? A DG  3 N1 ? ? ? 1_555 B DC  6 N3 ? ? A DG  3  B DC  14  1_555 ? ? ? ? ? ? WATSON-CRICK ?     ? ? 
hydrog6  hydrog ?   ? A DG  3 N2 ? ? ? 1_555 B DC  6 O2 ? ? A DG  3  B DC  14  1_555 ? ? ? ? ? ? WATSON-CRICK ?     ? ? 
hydrog7  hydrog ?   ? A DG  3 O6 ? ? ? 1_555 B DC  6 N4 ? ? A DG  3  B DC  14  1_555 ? ? ? ? ? ? WATSON-CRICK ?     ? ? 
hydrog8  hydrog ?   ? A DG  4 N1 ? ? ? 1_555 B DC  5 N3 ? ? A DG  4  B DC  13  1_555 ? ? ? ? ? ? WATSON-CRICK ?     ? ? 
hydrog9  hydrog ?   ? A DG  4 N2 ? ? ? 1_555 B DC  5 O2 ? ? A DG  4  B DC  13  1_555 ? ? ? ? ? ? WATSON-CRICK ?     ? ? 
hydrog10 hydrog ?   ? A DG  4 O6 ? ? ? 1_555 B DC  5 N4 ? ? A DG  4  B DC  13  1_555 ? ? ? ? ? ? WATSON-CRICK ?     ? ? 
hydrog11 hydrog ?   ? A DC  5 N3 ? ? ? 1_555 B DG  4 N1 ? ? A DC  5  B DG  12  1_555 ? ? ? ? ? ? WATSON-CRICK ?     ? ? 
hydrog12 hydrog ?   ? A DC  5 N4 ? ? ? 1_555 B DG  4 O6 ? ? A DC  5  B DG  12  1_555 ? ? ? ? ? ? WATSON-CRICK ?     ? ? 
hydrog13 hydrog ?   ? A DC  5 O2 ? ? ? 1_555 B DG  4 N2 ? ? A DC  5  B DG  12  1_555 ? ? ? ? ? ? WATSON-CRICK ?     ? ? 
hydrog14 hydrog ?   ? A DC  6 N3 ? ? ? 1_555 B DG  3 N1 ? ? A DC  6  B DG  11  1_555 ? ? ? ? ? ? WATSON-CRICK ?     ? ? 
hydrog15 hydrog ?   ? A DC  6 N4 ? ? ? 1_555 B DG  3 O6 ? ? A DC  6  B DG  11  1_555 ? ? ? ? ? ? WATSON-CRICK ?     ? ? 
hydrog16 hydrog ?   ? A DC  6 O2 ? ? ? 1_555 B DG  3 N2 ? ? A DC  6  B DG  11  1_555 ? ? ? ? ? ? WATSON-CRICK ?     ? ? 
hydrog17 hydrog ?   ? A DA  7 N1 ? ? ? 1_555 B DT  2 N3 ? ? A DA  7  B DT  10  1_555 ? ? ? ? ? ? WATSON-CRICK ?     ? ? 
hydrog18 hydrog ?   ? A DA  7 N6 ? ? ? 1_555 B DT  2 O4 ? ? A DA  7  B DT  10  1_555 ? ? ? ? ? ? WATSON-CRICK ?     ? ? 
hydrog19 hydrog ?   ? A DA  8 N1 ? ? ? 1_555 B DT  1 N3 ? ? A DA  8  B DT  9   1_555 ? ? ? ? ? ? WATSON-CRICK ?     ? ? 
hydrog20 hydrog ?   ? A DA  8 N6 ? ? ? 1_555 B DT  1 O4 ? ? A DA  8  B DT  9   1_555 ? ? ? ? ? ? WATSON-CRICK ?     ? ? 
hydrog21 hydrog ?   ? C DT  1 N3 ? ? ? 1_555 D DA  8 N1 ? ? C DT  41 D DA  56  1_555 ? ? ? ? ? ? WATSON-CRICK ?     ? ? 
hydrog22 hydrog ?   ? C DT  1 O4 ? ? ? 1_555 D DA  8 N6 ? ? C DT  41 D DA  56  1_555 ? ? ? ? ? ? WATSON-CRICK ?     ? ? 
hydrog23 hydrog ?   ? C DT  2 N3 ? ? ? 1_555 D DA  7 N1 ? ? C DT  42 D DA  55  1_555 ? ? ? ? ? ? WATSON-CRICK ?     ? ? 
hydrog24 hydrog ?   ? C DT  2 O4 ? ? ? 1_555 D DA  7 N6 ? ? C DT  42 D DA  55  1_555 ? ? ? ? ? ? WATSON-CRICK ?     ? ? 
hydrog25 hydrog ?   ? C DG  3 N1 ? ? ? 1_555 D DC  6 N3 ? ? C DG  43 D DC  54  1_555 ? ? ? ? ? ? WATSON-CRICK ?     ? ? 
hydrog26 hydrog ?   ? C DG  3 N2 ? ? ? 1_555 D DC  6 O2 ? ? C DG  43 D DC  54  1_555 ? ? ? ? ? ? WATSON-CRICK ?     ? ? 
hydrog27 hydrog ?   ? C DG  3 O6 ? ? ? 1_555 D DC  6 N4 ? ? C DG  43 D DC  54  1_555 ? ? ? ? ? ? WATSON-CRICK ?     ? ? 
hydrog28 hydrog ?   ? C DG  4 N1 ? ? ? 1_555 D DC  5 N3 ? ? C DG  44 D DC  53  1_555 ? ? ? ? ? ? WATSON-CRICK ?     ? ? 
hydrog29 hydrog ?   ? C DG  4 N2 ? ? ? 1_555 D DC  5 O2 ? ? C DG  44 D DC  53  1_555 ? ? ? ? ? ? WATSON-CRICK ?     ? ? 
hydrog30 hydrog ?   ? C DG  4 O6 ? ? ? 1_555 D DC  5 N4 ? ? C DG  44 D DC  53  1_555 ? ? ? ? ? ? WATSON-CRICK ?     ? ? 
hydrog31 hydrog ?   ? C DC  5 N3 ? ? ? 1_555 D DG  4 N1 ? ? C DC  45 D DG  52  1_555 ? ? ? ? ? ? WATSON-CRICK ?     ? ? 
hydrog32 hydrog ?   ? C DC  5 N4 ? ? ? 1_555 D DG  4 O6 ? ? C DC  45 D DG  52  1_555 ? ? ? ? ? ? WATSON-CRICK ?     ? ? 
hydrog33 hydrog ?   ? C DC  5 O2 ? ? ? 1_555 D DG  4 N2 ? ? C DC  45 D DG  52  1_555 ? ? ? ? ? ? WATSON-CRICK ?     ? ? 
hydrog34 hydrog ?   ? C DC  6 N3 ? ? ? 1_555 D DG  3 N1 ? ? C DC  46 D DG  51  1_555 ? ? ? ? ? ? WATSON-CRICK ?     ? ? 
hydrog35 hydrog ?   ? C DC  6 N4 ? ? ? 1_555 D DG  3 O6 ? ? C DC  46 D DG  51  1_555 ? ? ? ? ? ? WATSON-CRICK ?     ? ? 
hydrog36 hydrog ?   ? C DC  6 O2 ? ? ? 1_555 D DG  3 N2 ? ? C DC  46 D DG  51  1_555 ? ? ? ? ? ? WATSON-CRICK ?     ? ? 
hydrog37 hydrog ?   ? C DA  7 N1 ? ? ? 1_555 D DT  2 N3 ? ? C DA  47 D DT  50  1_555 ? ? ? ? ? ? WATSON-CRICK ?     ? ? 
hydrog38 hydrog ?   ? C DA  7 N6 ? ? ? 1_555 D DT  2 O4 ? ? C DA  47 D DT  50  1_555 ? ? ? ? ? ? WATSON-CRICK ?     ? ? 
hydrog39 hydrog ?   ? C DA  8 N1 ? ? ? 1_555 D DT  1 N3 ? ? C DA  48 D DT  49  1_555 ? ? ? ? ? ? WATSON-CRICK ?     ? ? 
hydrog40 hydrog ?   ? C DA  8 N6 ? ? ? 1_555 D DT  1 O4 ? ? C DA  48 D DT  49  1_555 ? ? ? ? ? ? WATSON-CRICK ?     ? ? 
# 
loop_
_struct_conn_type.id 
_struct_conn_type.criteria 
_struct_conn_type.reference 
covale ? ? 
metalc ? ? 
hydrog ? ? 
# 
loop_
_pdbx_struct_conn_angle.id 
_pdbx_struct_conn_angle.ptnr1_label_atom_id 
_pdbx_struct_conn_angle.ptnr1_label_alt_id 
_pdbx_struct_conn_angle.ptnr1_label_asym_id 
_pdbx_struct_conn_angle.ptnr1_label_comp_id 
_pdbx_struct_conn_angle.ptnr1_label_seq_id 
_pdbx_struct_conn_angle.ptnr1_auth_atom_id 
_pdbx_struct_conn_angle.ptnr1_auth_asym_id 
_pdbx_struct_conn_angle.ptnr1_auth_comp_id 
_pdbx_struct_conn_angle.ptnr1_auth_seq_id 
_pdbx_struct_conn_angle.ptnr1_PDB_ins_code 
_pdbx_struct_conn_angle.ptnr1_symmetry 
_pdbx_struct_conn_angle.ptnr2_label_atom_id 
_pdbx_struct_conn_angle.ptnr2_label_alt_id 
_pdbx_struct_conn_angle.ptnr2_label_asym_id 
_pdbx_struct_conn_angle.ptnr2_label_comp_id 
_pdbx_struct_conn_angle.ptnr2_label_seq_id 
_pdbx_struct_conn_angle.ptnr2_auth_atom_id 
_pdbx_struct_conn_angle.ptnr2_auth_asym_id 
_pdbx_struct_conn_angle.ptnr2_auth_comp_id 
_pdbx_struct_conn_angle.ptnr2_auth_seq_id 
_pdbx_struct_conn_angle.ptnr2_PDB_ins_code 
_pdbx_struct_conn_angle.ptnr2_symmetry 
_pdbx_struct_conn_angle.ptnr3_label_atom_id 
_pdbx_struct_conn_angle.ptnr3_label_alt_id 
_pdbx_struct_conn_angle.ptnr3_label_asym_id 
_pdbx_struct_conn_angle.ptnr3_label_comp_id 
_pdbx_struct_conn_angle.ptnr3_label_seq_id 
_pdbx_struct_conn_angle.ptnr3_auth_atom_id 
_pdbx_struct_conn_angle.ptnr3_auth_asym_id 
_pdbx_struct_conn_angle.ptnr3_auth_comp_id 
_pdbx_struct_conn_angle.ptnr3_auth_seq_id 
_pdbx_struct_conn_angle.ptnr3_PDB_ins_code 
_pdbx_struct_conn_angle.ptnr3_symmetry 
_pdbx_struct_conn_angle.value 
_pdbx_struct_conn_angle.value_esd 
1  O1 ? N CPH . ? A CPH 33  ? 1_555 MG ? M MG . ? A MG 81 ? 1_555 O9 ? N CPH . ? A CPH 33  ? 1_555 82.0  ? 
2  O1 ? N CPH . ? A CPH 33  ? 1_555 MG ? M MG . ? A MG 81 ? 1_555 O  ? S HOH . ? A HOH 481 ? 1_555 99.5  ? 
3  O9 ? N CPH . ? A CPH 33  ? 1_555 MG ? M MG . ? A MG 81 ? 1_555 O  ? S HOH . ? A HOH 481 ? 1_555 105.4 ? 
4  O1 ? N CPH . ? A CPH 33  ? 1_555 MG ? M MG . ? A MG 81 ? 1_555 O1 ? O CPH . ? B CPH 23  ? 1_555 86.3  ? 
5  O9 ? N CPH . ? A CPH 33  ? 1_555 MG ? M MG . ? A MG 81 ? 1_555 O1 ? O CPH . ? B CPH 23  ? 1_555 91.7  ? 
6  O  ? S HOH . ? A HOH 481 ? 1_555 MG ? M MG . ? A MG 81 ? 1_555 O1 ? O CPH . ? B CPH 23  ? 1_555 162.6 ? 
7  O1 ? N CPH . ? A CPH 33  ? 1_555 MG ? M MG . ? A MG 81 ? 1_555 O9 ? O CPH . ? B CPH 23  ? 1_555 98.6  ? 
8  O9 ? N CPH . ? A CPH 33  ? 1_555 MG ? M MG . ? A MG 81 ? 1_555 O9 ? O CPH . ? B CPH 23  ? 1_555 172.9 ? 
9  O  ? S HOH . ? A HOH 481 ? 1_555 MG ? M MG . ? A MG 81 ? 1_555 O9 ? O CPH . ? B CPH 23  ? 1_555 81.6  ? 
10 O1 ? O CPH . ? B CPH 23  ? 1_555 MG ? M MG . ? A MG 81 ? 1_555 O9 ? O CPH . ? B CPH 23  ? 1_555 81.3  ? 
11 O1 ? N CPH . ? A CPH 33  ? 1_555 MG ? M MG . ? A MG 81 ? 1_555 O  ? T HOH . ? B HOH 480 ? 1_555 167.5 ? 
12 O9 ? N CPH . ? A CPH 33  ? 1_555 MG ? M MG . ? A MG 81 ? 1_555 O  ? T HOH . ? B HOH 480 ? 1_555 87.9  ? 
13 O  ? S HOH . ? A HOH 481 ? 1_555 MG ? M MG . ? A MG 81 ? 1_555 O  ? T HOH . ? B HOH 480 ? 1_555 90.2  ? 
14 O1 ? O CPH . ? B CPH 23  ? 1_555 MG ? M MG . ? A MG 81 ? 1_555 O  ? T HOH . ? B HOH 480 ? 1_555 86.7  ? 
15 O9 ? O CPH . ? B CPH 23  ? 1_555 MG ? M MG . ? A MG 81 ? 1_555 O  ? T HOH . ? B HOH 480 ? 1_555 90.5  ? 
16 O1 ? P CPH . ? C CPH 73  ? 1_555 MG ? Q MG . ? D MG 82 ? 1_555 O9 ? P CPH . ? C CPH 73  ? 1_555 80.9  ? 
17 O1 ? P CPH . ? C CPH 73  ? 1_555 MG ? Q MG . ? D MG 82 ? 1_555 O9 ? R CPH . ? D CPH 63  ? 1_555 93.1  ? 
18 O9 ? P CPH . ? C CPH 73  ? 1_555 MG ? Q MG . ? D MG 82 ? 1_555 O9 ? R CPH . ? D CPH 63  ? 1_555 169.2 ? 
19 O1 ? P CPH . ? C CPH 73  ? 1_555 MG ? Q MG . ? D MG 82 ? 1_555 O1 ? R CPH . ? D CPH 63  ? 1_555 91.1  ? 
20 O9 ? P CPH . ? C CPH 73  ? 1_555 MG ? Q MG . ? D MG 82 ? 1_555 O1 ? R CPH . ? D CPH 63  ? 1_555 105.6 ? 
21 O9 ? R CPH . ? D CPH 63  ? 1_555 MG ? Q MG . ? D MG 82 ? 1_555 O1 ? R CPH . ? D CPH 63  ? 1_555 83.3  ? 
22 O1 ? P CPH . ? C CPH 73  ? 1_555 MG ? Q MG . ? D MG 82 ? 1_555 O  ? V HOH . ? D HOH 482 ? 1_555 82.5  ? 
23 O9 ? P CPH . ? C CPH 73  ? 1_555 MG ? Q MG . ? D MG 82 ? 1_555 O  ? V HOH . ? D HOH 482 ? 1_555 84.8  ? 
24 O9 ? R CPH . ? D CPH 63  ? 1_555 MG ? Q MG . ? D MG 82 ? 1_555 O  ? V HOH . ? D HOH 482 ? 1_555 85.5  ? 
25 O1 ? R CPH . ? D CPH 63  ? 1_555 MG ? Q MG . ? D MG 82 ? 1_555 O  ? V HOH . ? D HOH 482 ? 1_555 166.8 ? 
26 O1 ? P CPH . ? C CPH 73  ? 1_555 MG ? Q MG . ? D MG 82 ? 1_555 O  ? V HOH . ? D HOH 483 ? 1_555 173.1 ? 
27 O9 ? P CPH . ? C CPH 73  ? 1_555 MG ? Q MG . ? D MG 82 ? 1_555 O  ? V HOH . ? D HOH 483 ? 1_555 93.5  ? 
28 O9 ? R CPH . ? D CPH 63  ? 1_555 MG ? Q MG . ? D MG 82 ? 1_555 O  ? V HOH . ? D HOH 483 ? 1_555 91.8  ? 
29 O1 ? R CPH . ? D CPH 63  ? 1_555 MG ? Q MG . ? D MG 82 ? 1_555 O  ? V HOH . ? D HOH 483 ? 1_555 94.2  ? 
30 O  ? V HOH . ? D HOH 482 ? 1_555 MG ? Q MG . ? D MG 82 ? 1_555 O  ? V HOH . ? D HOH 483 ? 1_555 93.0  ? 
# 
_struct_site.id                   1 
_struct_site.pdbx_evidence_code   ? 
_struct_site.pdbx_auth_asym_id    ? 
_struct_site.pdbx_auth_comp_id    ? 
_struct_site.pdbx_auth_seq_id     ? 
_struct_site.pdbx_auth_ins_code   ? 
_struct_site.pdbx_num_residues    ? 
_struct_site.details              ? 
# 
_pdbx_validate_close_contact.id               1 
_pdbx_validate_close_contact.PDB_model_num    1 
_pdbx_validate_close_contact.auth_atom_id_1   O 
_pdbx_validate_close_contact.auth_asym_id_1   B 
_pdbx_validate_close_contact.auth_comp_id_1   HOH 
_pdbx_validate_close_contact.auth_seq_id_1    422 
_pdbx_validate_close_contact.PDB_ins_code_1   ? 
_pdbx_validate_close_contact.label_alt_id_1   ? 
_pdbx_validate_close_contact.auth_atom_id_2   O 
_pdbx_validate_close_contact.auth_asym_id_2   C 
_pdbx_validate_close_contact.auth_comp_id_2   HOH 
_pdbx_validate_close_contact.auth_seq_id_2    250 
_pdbx_validate_close_contact.PDB_ins_code_2   ? 
_pdbx_validate_close_contact.label_alt_id_2   ? 
_pdbx_validate_close_contact.dist             2.17 
# 
loop_
_pdbx_validate_rmsd_angle.id 
_pdbx_validate_rmsd_angle.PDB_model_num 
_pdbx_validate_rmsd_angle.auth_atom_id_1 
_pdbx_validate_rmsd_angle.auth_asym_id_1 
_pdbx_validate_rmsd_angle.auth_comp_id_1 
_pdbx_validate_rmsd_angle.auth_seq_id_1 
_pdbx_validate_rmsd_angle.PDB_ins_code_1 
_pdbx_validate_rmsd_angle.label_alt_id_1 
_pdbx_validate_rmsd_angle.auth_atom_id_2 
_pdbx_validate_rmsd_angle.auth_asym_id_2 
_pdbx_validate_rmsd_angle.auth_comp_id_2 
_pdbx_validate_rmsd_angle.auth_seq_id_2 
_pdbx_validate_rmsd_angle.PDB_ins_code_2 
_pdbx_validate_rmsd_angle.label_alt_id_2 
_pdbx_validate_rmsd_angle.auth_atom_id_3 
_pdbx_validate_rmsd_angle.auth_asym_id_3 
_pdbx_validate_rmsd_angle.auth_comp_id_3 
_pdbx_validate_rmsd_angle.auth_seq_id_3 
_pdbx_validate_rmsd_angle.PDB_ins_code_3 
_pdbx_validate_rmsd_angle.label_alt_id_3 
_pdbx_validate_rmsd_angle.angle_value 
_pdbx_validate_rmsd_angle.angle_target_value 
_pdbx_validate_rmsd_angle.angle_deviation 
_pdbx_validate_rmsd_angle.angle_standard_deviation 
_pdbx_validate_rmsd_angle.linker_flag 
1 1 "O4'" A DG 3  ? ? "C1'" A DG 3  ? ? N9 A DG 3  ? ? 110.31 108.30 2.01 0.30 N 
2 1 "O4'" A DG 4  ? ? "C1'" A DG 4  ? ? N9 A DG 4  ? ? 110.31 108.30 2.01 0.30 N 
3 1 "O4'" B DT 10 ? ? "C1'" B DT 10 ? ? N1 B DT 10 ? ? 110.38 108.30 2.08 0.30 N 
4 1 "O4'" C DC 45 ? ? "C1'" C DC 45 ? ? N1 C DC 45 ? ? 112.33 108.30 4.03 0.30 N 
# 
loop_
_pdbx_validate_planes.id 
_pdbx_validate_planes.PDB_model_num 
_pdbx_validate_planes.auth_comp_id 
_pdbx_validate_planes.auth_asym_id 
_pdbx_validate_planes.auth_seq_id 
_pdbx_validate_planes.PDB_ins_code 
_pdbx_validate_planes.label_alt_id 
_pdbx_validate_planes.rmsd 
_pdbx_validate_planes.type 
1 1 DG A 3  ? ? 0.137 'SIDE CHAIN' 
2 1 DG A 4  ? ? 0.106 'SIDE CHAIN' 
3 1 DT B 10 ? ? 0.072 'SIDE CHAIN' 
4 1 DG B 11 ? ? 0.113 'SIDE CHAIN' 
5 1 DG B 12 ? ? 0.096 'SIDE CHAIN' 
6 1 DG C 44 ? ? 0.057 'SIDE CHAIN' 
7 1 DC C 45 ? ? 0.090 'SIDE CHAIN' 
8 1 DG D 51 ? ? 0.099 'SIDE CHAIN' 
9 1 DC D 53 ? ? 0.067 'SIDE CHAIN' 
# 
_struct_site_keywords.site_id   1 
_struct_site_keywords.text      'outside binder' 
# 
loop_
_pdbx_struct_special_symmetry.id 
_pdbx_struct_special_symmetry.PDB_model_num 
_pdbx_struct_special_symmetry.auth_asym_id 
_pdbx_struct_special_symmetry.auth_comp_id 
_pdbx_struct_special_symmetry.auth_seq_id 
_pdbx_struct_special_symmetry.PDB_ins_code 
_pdbx_struct_special_symmetry.label_asym_id 
_pdbx_struct_special_symmetry.label_comp_id 
_pdbx_struct_special_symmetry.label_seq_id 
1 1 A HOH 268 ? S HOH . 
2 1 A HOH 280 ? S HOH . 
3 1 A HOH 409 ? S HOH . 
4 1 B HOH 345 ? T HOH . 
# 
loop_
_pdbx_distant_solvent_atoms.id 
_pdbx_distant_solvent_atoms.PDB_model_num 
_pdbx_distant_solvent_atoms.auth_atom_id 
_pdbx_distant_solvent_atoms.label_alt_id 
_pdbx_distant_solvent_atoms.auth_asym_id 
_pdbx_distant_solvent_atoms.auth_comp_id 
_pdbx_distant_solvent_atoms.auth_seq_id 
_pdbx_distant_solvent_atoms.PDB_ins_code 
_pdbx_distant_solvent_atoms.neighbor_macromolecule_distance 
_pdbx_distant_solvent_atoms.neighbor_ligand_distance 
1  1 O ? B HOH 237 ? 6.45  .     
2  1 O ? B HOH 319 ? 6.64  .     
3  1 O ? B HOH 362 ? 5.84  .     
4  1 O ? B HOH 386 ? .     7.52  
5  1 O ? B HOH 394 ? .     8.85  
6  1 O ? B HOH 411 ? 7.44  .     
7  1 O ? B HOH 413 ? 6.20  .     
8  1 O ? B HOH 424 ? .     5.97  
9  1 O ? B HOH 432 ? .     7.63  
10 1 O ? B HOH 435 ? 7.38  .     
11 1 O ? B HOH 438 ? 11.53 .     
12 1 O ? B HOH 453 ? .     5.88  
13 1 O ? C HOH 292 ? 6.09  .     
14 1 O ? C HOH 352 ? 7.79  .     
15 1 O ? C HOH 357 ? .     6.17  
16 1 O ? C HOH 358 ? .     5.81  
17 1 O ? C HOH 434 ? .     6.80  
18 1 O ? C HOH 443 ? .     7.31  
19 1 O ? C HOH 444 ? .     6.87  
20 1 O ? D HOH 244 ? 8.11  .     
21 1 O ? D HOH 245 ? 7.16  .     
22 1 O ? D HOH 275 ? 5.87  .     
23 1 O ? D HOH 276 ? 8.58  .     
24 1 O ? D HOH 277 ? 10.07 .     
25 1 O ? D HOH 278 ? 11.39 .     
26 1 O ? D HOH 336 ? 6.80  .     
27 1 O ? D HOH 339 ? 6.42  .     
28 1 O ? D HOH 341 ? 5.82  .     
29 1 O ? D HOH 342 ? 8.32  .     
30 1 O ? D HOH 393 ? 7.26  .     
31 1 O ? D HOH 399 ? 6.01  .     
32 1 O ? D HOH 406 ? .     7.57  
33 1 O ? D HOH 419 ? .     10.78 
34 1 O ? D HOH 447 ? .     6.10  
35 1 O ? D HOH 464 ? 10.14 .     
36 1 O ? D HOH 465 ? 12.77 .     
37 1 O ? D HOH 472 ? 6.73  .     
# 
loop_
_chem_comp_atom.comp_id 
_chem_comp_atom.atom_id 
_chem_comp_atom.type_symbol 
_chem_comp_atom.pdbx_aromatic_flag 
_chem_comp_atom.pdbx_stereo_config 
_chem_comp_atom.pdbx_ordinal 
1GL O1     O  N N 1   
1GL C1     C  N S 2   
1GL C2     C  N N 3   
1GL C3     C  N R 4   
1GL O3     O  N N 5   
1GL C4     C  N R 6   
1GL O4     O  N N 7   
1GL CME    C  N N 8   
1GL C5     C  N R 9   
1GL O5     O  N N 10  
1GL C6     C  N N 11  
1GL HO1    H  N N 12  
1GL H1     H  N N 13  
1GL H2     H  N N 14  
1GL H22    H  N N 15  
1GL H3     H  N N 16  
1GL HO3    H  N N 17  
1GL H4     H  N N 18  
1GL HM41   H  N N 19  
1GL HM42   H  N N 20  
1GL HM43   H  N N 21  
1GL H5     H  N N 22  
1GL H61    H  N N 23  
1GL H62    H  N N 24  
1GL H63    H  N N 25  
ARI O1     O  N N 26  
ARI C1     C  N R 27  
ARI C2     C  N N 28  
ARI C3     C  N N 29  
ARI C4     C  N R 30  
ARI O4     O  N N 31  
ARI CME    C  N N 32  
ARI CO4    C  N N 33  
ARI OC4    O  N N 34  
ARI C5     C  N R 35  
ARI O5     O  N N 36  
ARI C6     C  N N 37  
ARI HO1    H  N N 38  
ARI H1     H  N N 39  
ARI H2     H  N N 40  
ARI H22    H  N N 41  
ARI H3     H  N N 42  
ARI H32    H  N N 43  
ARI H4     H  N N 44  
ARI H41    H  N N 45  
ARI H42    H  N N 46  
ARI H43    H  N N 47  
ARI H5     H  N N 48  
ARI H61    H  N N 49  
ARI H62    H  N N 50  
ARI H63    H  N N 51  
CDR O1     O  N N 52  
CDR C1     C  N R 53  
CDR C2     C  N N 54  
CDR C3     C  N N 55  
CDR C4     C  N S 56  
CDR O4     O  N N 57  
CDR C5     C  N R 58  
CDR O5     O  N N 59  
CDR C6     C  N N 60  
CDR HO1    H  N N 61  
CDR H1     H  N N 62  
CDR H2     H  N N 63  
CDR H22    H  N N 64  
CDR H3     H  N N 65  
CDR H32    H  N N 66  
CDR H4     H  N N 67  
CDR HO4    H  N N 68  
CDR H5     H  N N 69  
CDR H61    H  N N 70  
CDR H62    H  N N 71  
CDR H63    H  N N 72  
CPH C1     C  N N 73  
CPH O1     O  N N 74  
CPH C2     C  N S 75  
CPH C3     C  N R 76  
CPH C4     C  N N 77  
CPH C5     C  Y N 78  
CPH C6     C  Y N 79  
CPH C7     C  Y N 80  
CPH C8     C  Y N 81  
CPH O8     O  N N 82  
CPH C9     C  Y N 83  
CPH O9     O  N N 84  
CPH "C1'"  C  N S 85  
CPH "O1'"  O  N N 86  
CPH C10    C  Y N 87  
CPH "C2'"  C  N N 88  
CPH "O2'"  O  N N 89  
CPH "C3'"  C  N S 90  
CPH "O3'"  O  N N 91  
CPH "C4'"  C  N R 92  
CPH "O4'"  O  N N 93  
CPH C4A    C  Y N 94  
CPH "C5'"  C  N N 95  
CPH C5A    C  Y N 96  
CPH C8A    C  Y N 97  
CPH C9A    C  Y N 98  
CPH CC7    C  N N 99  
CPH O6     O  N N 100 
CPH O2     O  N N 101 
CPH CME    C  N N 102 
CPH H2     H  N N 103 
CPH H3     H  N N 104 
CPH H4     H  N N 105 
CPH H4A    H  N N 106 
CPH H5     H  N N 107 
CPH HO8    H  N N 108 
CPH HO9    H  N N 109 
CPH "H1'"  H  N N 110 
CPH H10    H  N N 111 
CPH "H3'"  H  N N 112 
CPH "HO3'" H  N N 113 
CPH "H4'"  H  N N 114 
CPH "HO4'" H  N N 115 
CPH "H5'"  H  N N 116 
CPH "H5'A" H  N N 117 
CPH "H5'B" H  N N 118 
CPH HC7    H  N N 119 
CPH HC7A   H  N N 120 
CPH HC7B   H  N N 121 
CPH HO6    H  N N 122 
CPH HO2    H  N N 123 
CPH HME    H  N N 124 
CPH HMEA   H  N N 125 
CPH HMEB   H  N N 126 
DA  OP3    O  N N 127 
DA  P      P  N N 128 
DA  OP1    O  N N 129 
DA  OP2    O  N N 130 
DA  "O5'"  O  N N 131 
DA  "C5'"  C  N N 132 
DA  "C4'"  C  N R 133 
DA  "O4'"  O  N N 134 
DA  "C3'"  C  N S 135 
DA  "O3'"  O  N N 136 
DA  "C2'"  C  N N 137 
DA  "C1'"  C  N R 138 
DA  N9     N  Y N 139 
DA  C8     C  Y N 140 
DA  N7     N  Y N 141 
DA  C5     C  Y N 142 
DA  C6     C  Y N 143 
DA  N6     N  N N 144 
DA  N1     N  Y N 145 
DA  C2     C  Y N 146 
DA  N3     N  Y N 147 
DA  C4     C  Y N 148 
DA  HOP3   H  N N 149 
DA  HOP2   H  N N 150 
DA  "H5'"  H  N N 151 
DA  "H5''" H  N N 152 
DA  "H4'"  H  N N 153 
DA  "H3'"  H  N N 154 
DA  "HO3'" H  N N 155 
DA  "H2'"  H  N N 156 
DA  "H2''" H  N N 157 
DA  "H1'"  H  N N 158 
DA  H8     H  N N 159 
DA  H61    H  N N 160 
DA  H62    H  N N 161 
DA  H2     H  N N 162 
DC  OP3    O  N N 163 
DC  P      P  N N 164 
DC  OP1    O  N N 165 
DC  OP2    O  N N 166 
DC  "O5'"  O  N N 167 
DC  "C5'"  C  N N 168 
DC  "C4'"  C  N R 169 
DC  "O4'"  O  N N 170 
DC  "C3'"  C  N S 171 
DC  "O3'"  O  N N 172 
DC  "C2'"  C  N N 173 
DC  "C1'"  C  N R 174 
DC  N1     N  N N 175 
DC  C2     C  N N 176 
DC  O2     O  N N 177 
DC  N3     N  N N 178 
DC  C4     C  N N 179 
DC  N4     N  N N 180 
DC  C5     C  N N 181 
DC  C6     C  N N 182 
DC  HOP3   H  N N 183 
DC  HOP2   H  N N 184 
DC  "H5'"  H  N N 185 
DC  "H5''" H  N N 186 
DC  "H4'"  H  N N 187 
DC  "H3'"  H  N N 188 
DC  "HO3'" H  N N 189 
DC  "H2'"  H  N N 190 
DC  "H2''" H  N N 191 
DC  "H1'"  H  N N 192 
DC  H41    H  N N 193 
DC  H42    H  N N 194 
DC  H5     H  N N 195 
DC  H6     H  N N 196 
DG  OP3    O  N N 197 
DG  P      P  N N 198 
DG  OP1    O  N N 199 
DG  OP2    O  N N 200 
DG  "O5'"  O  N N 201 
DG  "C5'"  C  N N 202 
DG  "C4'"  C  N R 203 
DG  "O4'"  O  N N 204 
DG  "C3'"  C  N S 205 
DG  "O3'"  O  N N 206 
DG  "C2'"  C  N N 207 
DG  "C1'"  C  N R 208 
DG  N9     N  Y N 209 
DG  C8     C  Y N 210 
DG  N7     N  Y N 211 
DG  C5     C  Y N 212 
DG  C6     C  N N 213 
DG  O6     O  N N 214 
DG  N1     N  N N 215 
DG  C2     C  N N 216 
DG  N2     N  N N 217 
DG  N3     N  N N 218 
DG  C4     C  Y N 219 
DG  HOP3   H  N N 220 
DG  HOP2   H  N N 221 
DG  "H5'"  H  N N 222 
DG  "H5''" H  N N 223 
DG  "H4'"  H  N N 224 
DG  "H3'"  H  N N 225 
DG  "HO3'" H  N N 226 
DG  "H2'"  H  N N 227 
DG  "H2''" H  N N 228 
DG  "H1'"  H  N N 229 
DG  H8     H  N N 230 
DG  H1     H  N N 231 
DG  H21    H  N N 232 
DG  H22    H  N N 233 
DT  OP3    O  N N 234 
DT  P      P  N N 235 
DT  OP1    O  N N 236 
DT  OP2    O  N N 237 
DT  "O5'"  O  N N 238 
DT  "C5'"  C  N N 239 
DT  "C4'"  C  N R 240 
DT  "O4'"  O  N N 241 
DT  "C3'"  C  N S 242 
DT  "O3'"  O  N N 243 
DT  "C2'"  C  N N 244 
DT  "C1'"  C  N R 245 
DT  N1     N  N N 246 
DT  C2     C  N N 247 
DT  O2     O  N N 248 
DT  N3     N  N N 249 
DT  C4     C  N N 250 
DT  O4     O  N N 251 
DT  C5     C  N N 252 
DT  C7     C  N N 253 
DT  C6     C  N N 254 
DT  HOP3   H  N N 255 
DT  HOP2   H  N N 256 
DT  "H5'"  H  N N 257 
DT  "H5''" H  N N 258 
DT  "H4'"  H  N N 259 
DT  "H3'"  H  N N 260 
DT  "HO3'" H  N N 261 
DT  "H2'"  H  N N 262 
DT  "H2''" H  N N 263 
DT  "H1'"  H  N N 264 
DT  H3     H  N N 265 
DT  H71    H  N N 266 
DT  H72    H  N N 267 
DT  H73    H  N N 268 
DT  H6     H  N N 269 
ERI O1     O  N N 270 
ERI C1     C  N R 271 
ERI C2     C  N N 272 
ERI C3     C  N S 273 
ERI O3     O  N N 274 
ERI CC3    C  N N 275 
ERI C4     C  N S 276 
ERI O4     O  N N 277 
ERI CME    C  N N 278 
ERI CO4    C  N N 279 
ERI OC4    O  N N 280 
ERI C5     C  N S 281 
ERI O5     O  N N 282 
ERI C6     C  N N 283 
ERI HO1    H  N N 284 
ERI H1     H  N N 285 
ERI H21    H  N N 286 
ERI H22    H  N N 287 
ERI HO3    H  N N 288 
ERI H31    H  N N 289 
ERI H32    H  N N 290 
ERI H33    H  N N 291 
ERI H4     H  N N 292 
ERI H41    H  N N 293 
ERI H42    H  N N 294 
ERI H43    H  N N 295 
ERI H5     H  N N 296 
ERI H61    H  N N 297 
ERI H62    H  N N 298 
ERI H63    H  N N 299 
HOH O      O  N N 300 
HOH H1     H  N N 301 
HOH H2     H  N N 302 
MG  MG     MG N N 303 
# 
loop_
_chem_comp_bond.comp_id 
_chem_comp_bond.atom_id_1 
_chem_comp_bond.atom_id_2 
_chem_comp_bond.value_order 
_chem_comp_bond.pdbx_aromatic_flag 
_chem_comp_bond.pdbx_stereo_config 
_chem_comp_bond.pdbx_ordinal 
1GL O1    C1     sing N N 1   
1GL O1    HO1    sing N N 2   
1GL C1    C2     sing N N 3   
1GL C1    O5     sing N N 4   
1GL C1    H1     sing N N 5   
1GL C2    C3     sing N N 6   
1GL C2    H2     sing N N 7   
1GL C2    H22    sing N N 8   
1GL C3    O3     sing N N 9   
1GL C3    C4     sing N N 10  
1GL C3    H3     sing N N 11  
1GL O3    HO3    sing N N 12  
1GL C4    O4     sing N N 13  
1GL C4    C5     sing N N 14  
1GL C4    H4     sing N N 15  
1GL O4    CME    sing N N 16  
1GL CME   HM41   sing N N 17  
1GL CME   HM42   sing N N 18  
1GL CME   HM43   sing N N 19  
1GL C5    O5     sing N N 20  
1GL C5    C6     sing N N 21  
1GL C5    H5     sing N N 22  
1GL C6    H61    sing N N 23  
1GL C6    H62    sing N N 24  
1GL C6    H63    sing N N 25  
ARI O1    C1     sing N N 26  
ARI O1    HO1    sing N N 27  
ARI C1    C2     sing N N 28  
ARI C1    O5     sing N N 29  
ARI C1    H1     sing N N 30  
ARI C2    C3     sing N N 31  
ARI C2    H2     sing N N 32  
ARI C2    H22    sing N N 33  
ARI C3    C4     sing N N 34  
ARI C3    H3     sing N N 35  
ARI C3    H32    sing N N 36  
ARI C4    O4     sing N N 37  
ARI C4    C5     sing N N 38  
ARI C4    H4     sing N N 39  
ARI O4    CO4    sing N N 40  
ARI CME   CO4    sing N N 41  
ARI CME   H41    sing N N 42  
ARI CME   H42    sing N N 43  
ARI CME   H43    sing N N 44  
ARI CO4   OC4    doub N N 45  
ARI C5    O5     sing N N 46  
ARI C5    C6     sing N N 47  
ARI C5    H5     sing N N 48  
ARI C6    H61    sing N N 49  
ARI C6    H62    sing N N 50  
ARI C6    H63    sing N N 51  
CDR O1    C1     sing N N 52  
CDR O1    HO1    sing N N 53  
CDR C1    C2     sing N N 54  
CDR C1    O5     sing N N 55  
CDR C1    H1     sing N N 56  
CDR C2    C3     sing N N 57  
CDR C2    H2     sing N N 58  
CDR C2    H22    sing N N 59  
CDR C3    C4     sing N N 60  
CDR C3    H3     sing N N 61  
CDR C3    H32    sing N N 62  
CDR C4    O4     sing N N 63  
CDR C4    C5     sing N N 64  
CDR C4    H4     sing N N 65  
CDR O4    HO4    sing N N 66  
CDR C5    O5     sing N N 67  
CDR C5    C6     sing N N 68  
CDR C5    H5     sing N N 69  
CDR C6    H61    sing N N 70  
CDR C6    H62    sing N N 71  
CDR C6    H63    sing N N 72  
CPH O1    C1     doub N N 73  
CPH C9A   C1     sing N N 74  
CPH C1    C2     sing N N 75  
CPH C2    O2     sing N N 76  
CPH C2    C3     sing N N 77  
CPH C2    H2     sing N N 78  
CPH C3    C4     sing N N 79  
CPH C3    "C1'"  sing N N 80  
CPH C3    H3     sing N N 81  
CPH C4A   C4     sing N N 82  
CPH C4    H4     sing N N 83  
CPH C4    H4A    sing N N 84  
CPH C6    C5     doub Y N 85  
CPH C5    C5A    sing Y N 86  
CPH C5    H5     sing N N 87  
CPH C7    C6     sing Y N 88  
CPH O6    C6     sing N N 89  
CPH CC7   C7     sing N N 90  
CPH C7    C8     doub Y N 91  
CPH O8    C8     sing N N 92  
CPH C8    C8A    sing Y N 93  
CPH O8    HO8    sing N N 94  
CPH O9    C9     sing N N 95  
CPH C8A   C9     doub Y N 96  
CPH C9    C9A    sing Y N 97  
CPH O9    HO9    sing N N 98  
CPH "C2'" "C1'"  sing N N 99  
CPH "C1'" "O1'"  sing N N 100 
CPH "C1'" "H1'"  sing N N 101 
CPH "O1'" CME    sing N N 102 
CPH C5A   C10    doub Y N 103 
CPH C10   C4A    sing Y N 104 
CPH C10   H10    sing N N 105 
CPH "O2'" "C2'"  doub N N 106 
CPH "C2'" "C3'"  sing N N 107 
CPH "O3'" "C3'"  sing N N 108 
CPH "C3'" "C4'"  sing N N 109 
CPH "C3'" "H3'"  sing N N 110 
CPH "O3'" "HO3'" sing N N 111 
CPH "O4'" "C4'"  sing N N 112 
CPH "C4'" "C5'"  sing N N 113 
CPH "C4'" "H4'"  sing N N 114 
CPH "O4'" "HO4'" sing N N 115 
CPH C9A   C4A    doub Y N 116 
CPH "C5'" "H5'"  sing N N 117 
CPH "C5'" "H5'A" sing N N 118 
CPH "C5'" "H5'B" sing N N 119 
CPH C8A   C5A    sing Y N 120 
CPH CC7   HC7    sing N N 121 
CPH CC7   HC7A   sing N N 122 
CPH CC7   HC7B   sing N N 123 
CPH O6    HO6    sing N N 124 
CPH O2    HO2    sing N N 125 
CPH CME   HME    sing N N 126 
CPH CME   HMEA   sing N N 127 
CPH CME   HMEB   sing N N 128 
DA  OP3   P      sing N N 129 
DA  OP3   HOP3   sing N N 130 
DA  P     OP1    doub N N 131 
DA  P     OP2    sing N N 132 
DA  P     "O5'"  sing N N 133 
DA  OP2   HOP2   sing N N 134 
DA  "O5'" "C5'"  sing N N 135 
DA  "C5'" "C4'"  sing N N 136 
DA  "C5'" "H5'"  sing N N 137 
DA  "C5'" "H5''" sing N N 138 
DA  "C4'" "O4'"  sing N N 139 
DA  "C4'" "C3'"  sing N N 140 
DA  "C4'" "H4'"  sing N N 141 
DA  "O4'" "C1'"  sing N N 142 
DA  "C3'" "O3'"  sing N N 143 
DA  "C3'" "C2'"  sing N N 144 
DA  "C3'" "H3'"  sing N N 145 
DA  "O3'" "HO3'" sing N N 146 
DA  "C2'" "C1'"  sing N N 147 
DA  "C2'" "H2'"  sing N N 148 
DA  "C2'" "H2''" sing N N 149 
DA  "C1'" N9     sing N N 150 
DA  "C1'" "H1'"  sing N N 151 
DA  N9    C8     sing Y N 152 
DA  N9    C4     sing Y N 153 
DA  C8    N7     doub Y N 154 
DA  C8    H8     sing N N 155 
DA  N7    C5     sing Y N 156 
DA  C5    C6     sing Y N 157 
DA  C5    C4     doub Y N 158 
DA  C6    N6     sing N N 159 
DA  C6    N1     doub Y N 160 
DA  N6    H61    sing N N 161 
DA  N6    H62    sing N N 162 
DA  N1    C2     sing Y N 163 
DA  C2    N3     doub Y N 164 
DA  C2    H2     sing N N 165 
DA  N3    C4     sing Y N 166 
DC  OP3   P      sing N N 167 
DC  OP3   HOP3   sing N N 168 
DC  P     OP1    doub N N 169 
DC  P     OP2    sing N N 170 
DC  P     "O5'"  sing N N 171 
DC  OP2   HOP2   sing N N 172 
DC  "O5'" "C5'"  sing N N 173 
DC  "C5'" "C4'"  sing N N 174 
DC  "C5'" "H5'"  sing N N 175 
DC  "C5'" "H5''" sing N N 176 
DC  "C4'" "O4'"  sing N N 177 
DC  "C4'" "C3'"  sing N N 178 
DC  "C4'" "H4'"  sing N N 179 
DC  "O4'" "C1'"  sing N N 180 
DC  "C3'" "O3'"  sing N N 181 
DC  "C3'" "C2'"  sing N N 182 
DC  "C3'" "H3'"  sing N N 183 
DC  "O3'" "HO3'" sing N N 184 
DC  "C2'" "C1'"  sing N N 185 
DC  "C2'" "H2'"  sing N N 186 
DC  "C2'" "H2''" sing N N 187 
DC  "C1'" N1     sing N N 188 
DC  "C1'" "H1'"  sing N N 189 
DC  N1    C2     sing N N 190 
DC  N1    C6     sing N N 191 
DC  C2    O2     doub N N 192 
DC  C2    N3     sing N N 193 
DC  N3    C4     doub N N 194 
DC  C4    N4     sing N N 195 
DC  C4    C5     sing N N 196 
DC  N4    H41    sing N N 197 
DC  N4    H42    sing N N 198 
DC  C5    C6     doub N N 199 
DC  C5    H5     sing N N 200 
DC  C6    H6     sing N N 201 
DG  OP3   P      sing N N 202 
DG  OP3   HOP3   sing N N 203 
DG  P     OP1    doub N N 204 
DG  P     OP2    sing N N 205 
DG  P     "O5'"  sing N N 206 
DG  OP2   HOP2   sing N N 207 
DG  "O5'" "C5'"  sing N N 208 
DG  "C5'" "C4'"  sing N N 209 
DG  "C5'" "H5'"  sing N N 210 
DG  "C5'" "H5''" sing N N 211 
DG  "C4'" "O4'"  sing N N 212 
DG  "C4'" "C3'"  sing N N 213 
DG  "C4'" "H4'"  sing N N 214 
DG  "O4'" "C1'"  sing N N 215 
DG  "C3'" "O3'"  sing N N 216 
DG  "C3'" "C2'"  sing N N 217 
DG  "C3'" "H3'"  sing N N 218 
DG  "O3'" "HO3'" sing N N 219 
DG  "C2'" "C1'"  sing N N 220 
DG  "C2'" "H2'"  sing N N 221 
DG  "C2'" "H2''" sing N N 222 
DG  "C1'" N9     sing N N 223 
DG  "C1'" "H1'"  sing N N 224 
DG  N9    C8     sing Y N 225 
DG  N9    C4     sing Y N 226 
DG  C8    N7     doub Y N 227 
DG  C8    H8     sing N N 228 
DG  N7    C5     sing Y N 229 
DG  C5    C6     sing N N 230 
DG  C5    C4     doub Y N 231 
DG  C6    O6     doub N N 232 
DG  C6    N1     sing N N 233 
DG  N1    C2     sing N N 234 
DG  N1    H1     sing N N 235 
DG  C2    N2     sing N N 236 
DG  C2    N3     doub N N 237 
DG  N2    H21    sing N N 238 
DG  N2    H22    sing N N 239 
DG  N3    C4     sing N N 240 
DT  OP3   P      sing N N 241 
DT  OP3   HOP3   sing N N 242 
DT  P     OP1    doub N N 243 
DT  P     OP2    sing N N 244 
DT  P     "O5'"  sing N N 245 
DT  OP2   HOP2   sing N N 246 
DT  "O5'" "C5'"  sing N N 247 
DT  "C5'" "C4'"  sing N N 248 
DT  "C5'" "H5'"  sing N N 249 
DT  "C5'" "H5''" sing N N 250 
DT  "C4'" "O4'"  sing N N 251 
DT  "C4'" "C3'"  sing N N 252 
DT  "C4'" "H4'"  sing N N 253 
DT  "O4'" "C1'"  sing N N 254 
DT  "C3'" "O3'"  sing N N 255 
DT  "C3'" "C2'"  sing N N 256 
DT  "C3'" "H3'"  sing N N 257 
DT  "O3'" "HO3'" sing N N 258 
DT  "C2'" "C1'"  sing N N 259 
DT  "C2'" "H2'"  sing N N 260 
DT  "C2'" "H2''" sing N N 261 
DT  "C1'" N1     sing N N 262 
DT  "C1'" "H1'"  sing N N 263 
DT  N1    C2     sing N N 264 
DT  N1    C6     sing N N 265 
DT  C2    O2     doub N N 266 
DT  C2    N3     sing N N 267 
DT  N3    C4     sing N N 268 
DT  N3    H3     sing N N 269 
DT  C4    O4     doub N N 270 
DT  C4    C5     sing N N 271 
DT  C5    C7     sing N N 272 
DT  C5    C6     doub N N 273 
DT  C7    H71    sing N N 274 
DT  C7    H72    sing N N 275 
DT  C7    H73    sing N N 276 
DT  C6    H6     sing N N 277 
ERI O1    C1     sing N N 278 
ERI O1    HO1    sing N N 279 
ERI C1    C2     sing N N 280 
ERI C1    O5     sing N N 281 
ERI C1    H1     sing N N 282 
ERI C2    C3     sing N N 283 
ERI C2    H21    sing N N 284 
ERI C2    H22    sing N N 285 
ERI C3    O3     sing N N 286 
ERI C3    CC3    sing N N 287 
ERI C3    C4     sing N N 288 
ERI O3    HO3    sing N N 289 
ERI CC3   H31    sing N N 290 
ERI CC3   H32    sing N N 291 
ERI CC3   H33    sing N N 292 
ERI C4    O4     sing N N 293 
ERI C4    C5     sing N N 294 
ERI C4    H4     sing N N 295 
ERI O4    CO4    sing N N 296 
ERI CME   CO4    sing N N 297 
ERI CME   H41    sing N N 298 
ERI CME   H42    sing N N 299 
ERI CME   H43    sing N N 300 
ERI CO4   OC4    doub N N 301 
ERI C5    O5     sing N N 302 
ERI C5    C6     sing N N 303 
ERI C5    H5     sing N N 304 
ERI C6    H61    sing N N 305 
ERI C6    H62    sing N N 306 
ERI C6    H63    sing N N 307 
HOH O     H1     sing N N 308 
HOH O     H2     sing N N 309 
# 
loop_
_ndb_struct_conf_na.entry_id 
_ndb_struct_conf_na.feature 
1VAQ 'double helix'        
1VAQ 'a-form double helix' 
# 
loop_
_ndb_struct_na_base_pair.model_number 
_ndb_struct_na_base_pair.i_label_asym_id 
_ndb_struct_na_base_pair.i_label_comp_id 
_ndb_struct_na_base_pair.i_label_seq_id 
_ndb_struct_na_base_pair.i_symmetry 
_ndb_struct_na_base_pair.j_label_asym_id 
_ndb_struct_na_base_pair.j_label_comp_id 
_ndb_struct_na_base_pair.j_label_seq_id 
_ndb_struct_na_base_pair.j_symmetry 
_ndb_struct_na_base_pair.shear 
_ndb_struct_na_base_pair.stretch 
_ndb_struct_na_base_pair.stagger 
_ndb_struct_na_base_pair.buckle 
_ndb_struct_na_base_pair.propeller 
_ndb_struct_na_base_pair.opening 
_ndb_struct_na_base_pair.pair_number 
_ndb_struct_na_base_pair.pair_name 
_ndb_struct_na_base_pair.i_auth_asym_id 
_ndb_struct_na_base_pair.i_auth_seq_id 
_ndb_struct_na_base_pair.i_PDB_ins_code 
_ndb_struct_na_base_pair.j_auth_asym_id 
_ndb_struct_na_base_pair.j_auth_seq_id 
_ndb_struct_na_base_pair.j_PDB_ins_code 
_ndb_struct_na_base_pair.hbond_type_28 
_ndb_struct_na_base_pair.hbond_type_12 
1 A DT 1 1_555 B DA 8 1_555 -0.048 -0.305 -0.006 -2.075 -10.498 -0.177 1  A_DT1:DA16_B  A 1  ? B 16 ? 20 1 
1 A DT 2 1_555 B DA 7 1_555 0.243  -0.394 -0.168 -9.891 -5.520  7.218  2  A_DT2:DA15_B  A 2  ? B 15 ? 20 1 
1 A DG 3 1_555 B DC 6 1_555 -0.267 -0.191 -0.397 -8.848 -7.540  -1.547 3  A_DG3:DC14_B  A 3  ? B 14 ? 19 1 
1 A DG 4 1_555 B DC 5 1_555 -0.102 -0.092 -0.153 -2.879 5.070   3.092  4  A_DG4:DC13_B  A 4  ? B 13 ? 19 1 
1 A DC 5 1_555 B DG 4 1_555 0.379  0.028  -0.404 2.581  0.159   6.180  5  A_DC5:DG12_B  A 5  ? B 12 ? 19 1 
1 A DC 6 1_555 B DG 3 1_555 0.390  -0.269 -0.144 5.117  -2.637  1.273  6  A_DC6:DG11_B  A 6  ? B 11 ? 19 1 
1 A DA 7 1_555 B DT 2 1_555 -0.076 -0.068 -0.252 8.334  -4.559  5.123  7  A_DA7:DT10_B  A 7  ? B 10 ? 20 1 
1 A DA 8 1_555 B DT 1 1_555 0.187  -0.093 -0.510 1.622  -13.157 -3.070 8  A_DA8:DT9_B   A 8  ? B 9  ? 20 1 
1 C DT 1 1_555 D DA 8 1_555 -0.520 -0.269 -0.866 5.250  -12.237 6.914  9  C_DT41:DA56_D C 41 ? D 56 ? 20 1 
1 C DT 2 1_555 D DA 7 1_555 0.317  -0.024 -0.559 -1.117 -7.248  5.963  10 C_DT42:DA55_D C 42 ? D 55 ? 20 1 
1 C DG 3 1_555 D DC 6 1_555 -0.114 -0.375 -0.261 -4.498 -4.518  -0.658 11 C_DG43:DC54_D C 43 ? D 54 ? 19 1 
1 C DG 4 1_555 D DC 5 1_555 -0.300 -0.060 0.217  4.417  -2.176  1.998  12 C_DG44:DC53_D C 44 ? D 53 ? 19 1 
1 C DC 5 1_555 D DG 4 1_555 -0.002 -0.168 -0.200 9.577  -7.523  -2.457 13 C_DC45:DG52_D C 45 ? D 52 ? 19 1 
1 C DC 6 1_555 D DG 3 1_555 0.370  -0.222 0.104  4.785  -13.881 1.566  14 C_DC46:DG51_D C 46 ? D 51 ? 19 1 
1 C DA 7 1_555 D DT 2 1_555 -0.175 -0.170 -0.375 -4.257 -2.293  -2.016 15 C_DA47:DT50_D C 47 ? D 50 ? 20 1 
1 C DA 8 1_555 D DT 1 1_555 0.091  -0.246 -0.256 2.238  -16.129 -1.561 16 C_DA48:DT49_D C 48 ? D 49 ? 20 1 
# 
loop_
_ndb_struct_na_base_pair_step.model_number 
_ndb_struct_na_base_pair_step.i_label_asym_id_1 
_ndb_struct_na_base_pair_step.i_label_comp_id_1 
_ndb_struct_na_base_pair_step.i_label_seq_id_1 
_ndb_struct_na_base_pair_step.i_symmetry_1 
_ndb_struct_na_base_pair_step.j_label_asym_id_1 
_ndb_struct_na_base_pair_step.j_label_comp_id_1 
_ndb_struct_na_base_pair_step.j_label_seq_id_1 
_ndb_struct_na_base_pair_step.j_symmetry_1 
_ndb_struct_na_base_pair_step.i_label_asym_id_2 
_ndb_struct_na_base_pair_step.i_label_comp_id_2 
_ndb_struct_na_base_pair_step.i_label_seq_id_2 
_ndb_struct_na_base_pair_step.i_symmetry_2 
_ndb_struct_na_base_pair_step.j_label_asym_id_2 
_ndb_struct_na_base_pair_step.j_label_comp_id_2 
_ndb_struct_na_base_pair_step.j_label_seq_id_2 
_ndb_struct_na_base_pair_step.j_symmetry_2 
_ndb_struct_na_base_pair_step.shift 
_ndb_struct_na_base_pair_step.slide 
_ndb_struct_na_base_pair_step.rise 
_ndb_struct_na_base_pair_step.tilt 
_ndb_struct_na_base_pair_step.roll 
_ndb_struct_na_base_pair_step.twist 
_ndb_struct_na_base_pair_step.x_displacement 
_ndb_struct_na_base_pair_step.y_displacement 
_ndb_struct_na_base_pair_step.helical_rise 
_ndb_struct_na_base_pair_step.inclination 
_ndb_struct_na_base_pair_step.tip 
_ndb_struct_na_base_pair_step.helical_twist 
_ndb_struct_na_base_pair_step.step_number 
_ndb_struct_na_base_pair_step.step_name 
_ndb_struct_na_base_pair_step.i_auth_asym_id_1 
_ndb_struct_na_base_pair_step.i_auth_seq_id_1 
_ndb_struct_na_base_pair_step.i_PDB_ins_code_1 
_ndb_struct_na_base_pair_step.j_auth_asym_id_1 
_ndb_struct_na_base_pair_step.j_auth_seq_id_1 
_ndb_struct_na_base_pair_step.j_PDB_ins_code_1 
_ndb_struct_na_base_pair_step.i_auth_asym_id_2 
_ndb_struct_na_base_pair_step.i_auth_seq_id_2 
_ndb_struct_na_base_pair_step.i_PDB_ins_code_2 
_ndb_struct_na_base_pair_step.j_auth_asym_id_2 
_ndb_struct_na_base_pair_step.j_auth_seq_id_2 
_ndb_struct_na_base_pair_step.j_PDB_ins_code_2 
1 A DT 1 1_555 B DA 8 1_555 A DT 2 1_555 B DA 7 1_555 0.569  -0.697 3.533 3.767   8.805  37.972 -2.169 -0.367 3.335 13.276 -5.680  
39.118 1  AA_DT1DT2:DA15DA16_BB   A 1  ? B 16 ? A 2  ? B 15 ? 
1 A DT 2 1_555 B DA 7 1_555 A DG 3 1_555 B DC 6 1_555 0.646  -0.987 3.252 0.612   17.168 28.435 -4.391 -1.038 2.312 31.572 -1.125  
33.129 2  AA_DT2DG3:DC14DA15_BB   A 2  ? B 15 ? A 3  ? B 14 ? 
1 A DG 3 1_555 B DC 6 1_555 A DG 4 1_555 B DC 5 1_555 1.122  -2.364 3.301 -2.683  -2.232 22.644 -5.142 -3.801 3.361 -5.641 6.782   
22.908 3  AA_DG3DG4:DC13DC14_BB   A 3  ? B 14 ? A 4  ? B 13 ? 
1 A DG 4 1_555 B DC 5 1_555 A DC 5 1_555 B DG 4 1_555 -0.265 -2.616 3.096 2.138   0.385  32.775 -4.688 0.812  3.043 0.682  -3.783  
32.845 4  AA_DG4DC5:DG12DC13_BB   A 4  ? B 13 ? A 5  ? B 12 ? 
1 A DC 5 1_555 B DG 4 1_555 A DC 6 1_555 B DG 3 1_555 -1.696 -2.316 3.254 -4.281  1.349  20.928 -6.799 2.783  3.374 3.659  11.612  
21.399 5  AA_DC5DC6:DG11DG12_BB   A 5  ? B 12 ? A 6  ? B 11 ? 
1 A DC 6 1_555 B DG 3 1_555 A DA 7 1_555 B DT 2 1_555 -0.895 -0.972 3.159 1.832   10.424 30.524 -3.439 1.908  2.637 19.094 -3.355  
32.266 6  AA_DC6DA7:DT10DG11_BB   A 6  ? B 11 ? A 7  ? B 10 ? 
1 A DA 7 1_555 B DT 2 1_555 A DA 8 1_555 B DT 1 1_555 -0.657 -0.362 3.636 1.101   4.295  36.986 -1.196 1.190  3.553 6.740  -1.727  
37.241 7  AA_DA7DA8:DT9DT10_BB    A 7  ? B 10 ? A 8  ? B 9  ? 
1 C DT 1 1_555 D DA 8 1_555 C DT 2 1_555 D DA 7 1_555 -0.229 -0.314 3.476 0.296   7.205  33.380 -1.738 0.439  3.336 12.364 -0.507  
34.128 8  CC_DT41DT42:DA55DA56_DD C 41 ? D 56 ? C 42 ? D 55 ? 
1 C DT 2 1_555 D DA 7 1_555 C DG 3 1_555 D DC 6 1_555 -0.567 -0.029 3.321 -12.740 9.035  38.943 -1.030 -0.601 3.260 12.937 18.242  
41.845 9  CC_DT42DG43:DC54DA55_DD C 42 ? D 55 ? C 43 ? D 54 ? 
1 C DG 3 1_555 D DC 6 1_555 C DG 4 1_555 D DC 5 1_555 1.191  -2.349 3.024 -2.186  4.790  21.326 -7.700 -3.827 2.314 12.695 5.795   
21.960 10 CC_DG43DG44:DC53DC54_DD C 43 ? D 54 ? C 44 ? D 53 ? 
1 C DG 4 1_555 D DC 5 1_555 C DC 5 1_555 D DG 4 1_555 -0.191 -2.245 3.150 2.277   -4.605 31.092 -3.268 0.781  3.417 -8.518 -4.212  
31.503 11 CC_DG44DC45:DG52DC53_DD C 44 ? D 53 ? C 45 ? D 52 ? 
1 C DC 5 1_555 D DG 4 1_555 C DC 6 1_555 D DG 3 1_555 -0.890 -1.927 3.347 -3.040  5.142  29.846 -4.689 1.095  3.053 9.860  5.828   
30.425 12 CC_DC45DC46:DG51DG52_DD C 45 ? D 52 ? C 46 ? D 51 ? 
1 C DC 6 1_555 D DG 3 1_555 C DA 7 1_555 D DT 2 1_555 -0.176 -0.422 3.392 7.866   17.910 32.380 -2.991 1.300  2.697 29.047 -12.758 
37.694 13 CC_DC46DA47:DT50DG51_DD C 46 ? D 51 ? C 47 ? D 50 ? 
1 C DA 7 1_555 D DT 2 1_555 C DA 8 1_555 D DT 1 1_555 -0.424 0.080  3.121 -0.464  -0.791 36.936 0.228  0.610  3.124 -1.249 0.732   
36.947 14 CC_DA47DA48:DT49DT50_DD C 47 ? D 50 ? C 48 ? D 49 ? 
# 
loop_
_pdbx_entity_branch_list.entity_id 
_pdbx_entity_branch_list.comp_id 
_pdbx_entity_branch_list.num 
_pdbx_entity_branch_list.hetero 
2 ARI 1 n 
2 1GL 2 n 
3 CDR 1 n 
3 CDR 2 n 
3 ERI 3 n 
# 
_atom_sites.entry_id                    1VAQ 
_atom_sites.fract_transf_matrix[1][1]   0.01605960 
_atom_sites.fract_transf_matrix[1][2]   0.02045765 
_atom_sites.fract_transf_matrix[1][3]   0.00844038 
_atom_sites.fract_transf_matrix[2][1]   0.01016528 
_atom_sites.fract_transf_matrix[2][2]   -0.00017868 
_atom_sites.fract_transf_matrix[2][3]   0.02538257 
_atom_sites.fract_transf_matrix[3][1]   0.00326791 
_atom_sites.fract_transf_matrix[3][2]   -0.00201954 
_atom_sites.fract_transf_matrix[3][3]   -0.00132296 
_atom_sites.fract_transf_vector[1]      0.705591 
_atom_sites.fract_transf_vector[2]      0.746491 
_atom_sites.fract_transf_vector[3]      0.047506 
# 
loop_
_atom_type.symbol 
C  
MG 
N  
O  
P  
# 
loop_
_atom_site.group_PDB 
_atom_site.id 
_atom_site.type_symbol 
_atom_site.label_atom_id 
_atom_site.label_alt_id 
_atom_site.label_comp_id 
_atom_site.label_asym_id 
_atom_site.label_entity_id 
_atom_site.label_seq_id 
_atom_site.pdbx_PDB_ins_code 
_atom_site.Cartn_x 
_atom_site.Cartn_y 
_atom_site.Cartn_z 
_atom_site.occupancy 
_atom_site.B_iso_or_equiv 
_atom_site.pdbx_formal_charge 
_atom_site.auth_seq_id 
_atom_site.auth_comp_id 
_atom_site.auth_asym_id 
_atom_site.auth_atom_id 
_atom_site.pdbx_PDB_model_num 
ATOM   1    O  "O5'" . DT  A 1 1 ? 14.758  -17.016 11.512  1.00 15.47 ? 1   DT  A "O5'" 1 
ATOM   2    C  "C5'" . DT  A 1 1 ? 15.165  -16.871 12.855  1.00 23.34 ? 1   DT  A "C5'" 1 
ATOM   3    C  "C4'" . DT  A 1 1 ? 14.080  -17.362 13.783  1.00 24.22 ? 1   DT  A "C4'" 1 
ATOM   4    O  "O4'" . DT  A 1 1 ? 13.697  -16.190 14.530  1.00 21.12 ? 1   DT  A "O4'" 1 
ATOM   5    C  "C3'" . DT  A 1 1 ? 12.822  -17.843 13.055  1.00 27.22 ? 1   DT  A "C3'" 1 
ATOM   6    O  "O3'" . DT  A 1 1 ? 12.381  -19.162 13.299  1.00 9.25  ? 1   DT  A "O3'" 1 
ATOM   7    C  "C2'" . DT  A 1 1 ? 11.698  -16.963 13.541  1.00 30.57 ? 1   DT  A "C2'" 1 
ATOM   8    C  "C1'" . DT  A 1 1 ? 12.314  -15.939 14.441  1.00 15.49 ? 1   DT  A "C1'" 1 
ATOM   9    N  N1    . DT  A 1 1 ? 12.126  -14.682 13.724  1.00 13.12 ? 1   DT  A N1    1 
ATOM   10   C  C2    . DT  A 1 1 ? 10.974  -14.001 14.023  1.00 19.88 ? 1   DT  A C2    1 
ATOM   11   O  O2    . DT  A 1 1 ? 10.133  -14.465 14.786  1.00 14.11 ? 1   DT  A O2    1 
ATOM   12   N  N3    . DT  A 1 1 ? 10.819  -12.790 13.364  1.00 28.03 ? 1   DT  A N3    1 
ATOM   13   C  C4    . DT  A 1 1 ? 11.666  -12.255 12.403  1.00 6.00  ? 1   DT  A C4    1 
ATOM   14   O  O4    . DT  A 1 1 ? 11.390  -11.193 11.894  1.00 18.65 ? 1   DT  A O4    1 
ATOM   15   C  C5    . DT  A 1 1 ? 12.849  -13.065 12.087  1.00 2.26  ? 1   DT  A C5    1 
ATOM   16   C  C7    . DT  A 1 1 ? 13.791  -12.604 11.010  1.00 13.82 ? 1   DT  A C7    1 
ATOM   17   C  C6    . DT  A 1 1 ? 13.028  -14.212 12.780  1.00 11.49 ? 1   DT  A C6    1 
ATOM   18   P  P     . DT  A 1 2 ? 11.421  -19.829 12.219  1.00 15.12 ? 2   DT  A P     1 
ATOM   19   O  OP1   . DT  A 1 2 ? 11.338  -21.278 12.496  1.00 33.60 ? 2   DT  A OP1   1 
ATOM   20   O  OP2   . DT  A 1 2 ? 11.811  -19.358 10.872  1.00 20.81 ? 2   DT  A OP2   1 
ATOM   21   O  "O5'" . DT  A 1 2 ? 10.039  -19.107 12.512  1.00 23.05 ? 2   DT  A "O5'" 1 
ATOM   22   C  "C5'" . DT  A 1 2 ? 9.387   -19.261 13.748  1.00 22.59 ? 2   DT  A "C5'" 1 
ATOM   23   C  "C4'" . DT  A 1 2 ? 7.967   -18.779 13.610  1.00 19.15 ? 2   DT  A "C4'" 1 
ATOM   24   O  "O4'" . DT  A 1 2 ? 7.986   -17.336 13.734  1.00 24.52 ? 2   DT  A "O4'" 1 
ATOM   25   C  "C3'" . DT  A 1 2 ? 7.417   -19.060 12.214  1.00 24.66 ? 2   DT  A "C3'" 1 
ATOM   26   O  "O3'" . DT  A 1 2 ? 6.477   -20.104 12.069  1.00 19.18 ? 2   DT  A "O3'" 1 
ATOM   27   C  "C2'" . DT  A 1 2 ? 6.746   -17.779 11.770  1.00 24.49 ? 2   DT  A "C2'" 1 
ATOM   28   C  "C1'" . DT  A 1 2 ? 7.105   -16.730 12.789  1.00 21.28 ? 2   DT  A "C1'" 1 
ATOM   29   N  N1    . DT  A 1 2 ? 7.863   -15.732 12.033  1.00 22.01 ? 2   DT  A N1    1 
ATOM   30   C  C2    . DT  A 1 2 ? 7.309   -14.498 11.771  1.00 20.28 ? 2   DT  A C2    1 
ATOM   31   O  O2    . DT  A 1 2 ? 6.211   -14.142 12.160  1.00 19.15 ? 2   DT  A O2    1 
ATOM   32   N  N3    . DT  A 1 2 ? 8.089   -13.685 11.000  1.00 11.05 ? 2   DT  A N3    1 
ATOM   33   C  C4    . DT  A 1 2 ? 9.329   -13.952 10.453  1.00 12.40 ? 2   DT  A C4    1 
ATOM   34   O  O4    . DT  A 1 2 ? 9.885   -13.093 9.718   1.00 8.81  ? 2   DT  A O4    1 
ATOM   35   C  C5    . DT  A 1 2 ? 9.867   -15.254 10.790  1.00 26.74 ? 2   DT  A C5    1 
ATOM   36   C  C7    . DT  A 1 2 ? 11.223  -15.632 10.283  1.00 11.78 ? 2   DT  A C7    1 
ATOM   37   C  C6    . DT  A 1 2 ? 9.112   -16.068 11.554  1.00 17.13 ? 2   DT  A C6    1 
ATOM   38   P  P     . DG  A 1 3 ? 6.193   -20.637 10.584  1.00 20.75 ? 3   DG  A P     1 
ATOM   39   O  OP1   . DG  A 1 3 ? 5.459   -21.921 10.652  1.00 49.16 ? 3   DG  A OP1   1 
ATOM   40   O  OP2   . DG  A 1 3 ? 7.490   -20.565 9.885   1.00 22.69 ? 3   DG  A OP2   1 
ATOM   41   O  "O5'" . DG  A 1 3 ? 5.233   -19.523 9.986   1.00 22.17 ? 3   DG  A "O5'" 1 
ATOM   42   C  "C5'" . DG  A 1 3 ? 4.038   -19.174 10.680  1.00 20.20 ? 3   DG  A "C5'" 1 
ATOM   43   C  "C4'" . DG  A 1 3 ? 3.267   -18.129 9.910   1.00 27.94 ? 3   DG  A "C4'" 1 
ATOM   44   O  "O4'" . DG  A 1 3 ? 3.915   -16.841 10.096  1.00 16.84 ? 3   DG  A "O4'" 1 
ATOM   45   C  "C3'" . DG  A 1 3 ? 3.248   -18.411 8.403   1.00 32.06 ? 3   DG  A "C3'" 1 
ATOM   46   O  "O3'" . DG  A 1 3 ? 1.967   -18.455 7.784   1.00 32.21 ? 3   DG  A "O3'" 1 
ATOM   47   C  "C2'" . DG  A 1 3 ? 3.996   -17.255 7.783   1.00 28.63 ? 3   DG  A "C2'" 1 
ATOM   48   C  "C1'" . DG  A 1 3 ? 3.969   -16.163 8.843   1.00 31.34 ? 3   DG  A "C1'" 1 
ATOM   49   N  N9    . DG  A 1 3 ? 5.242   -15.460 8.700   1.00 29.52 ? 3   DG  A N9    1 
ATOM   50   C  C8    . DG  A 1 3 ? 6.483   -16.037 8.764   1.00 17.73 ? 3   DG  A C8    1 
ATOM   51   N  N7    . DG  A 1 3 ? 7.429   -15.258 8.322   1.00 16.95 ? 3   DG  A N7    1 
ATOM   52   C  C5    . DG  A 1 3 ? 6.782   -14.084 7.979   1.00 25.89 ? 3   DG  A C5    1 
ATOM   53   C  C6    . DG  A 1 3 ? 7.285   -12.917 7.365   1.00 28.87 ? 3   DG  A C6    1 
ATOM   54   O  O6    . DG  A 1 3 ? 8.422   -12.720 6.904   1.00 8.48  ? 3   DG  A O6    1 
ATOM   55   N  N1    . DG  A 1 3 ? 6.310   -11.931 7.273   1.00 24.89 ? 3   DG  A N1    1 
ATOM   56   C  C2    . DG  A 1 3 ? 5.011   -12.074 7.691   1.00 10.76 ? 3   DG  A C2    1 
ATOM   57   N  N2    . DG  A 1 3 ? 4.238   -11.001 7.580   1.00 16.09 ? 3   DG  A N2    1 
ATOM   58   N  N3    . DG  A 1 3 ? 4.513   -13.191 8.194   1.00 13.02 ? 3   DG  A N3    1 
ATOM   59   C  C4    . DG  A 1 3 ? 5.447   -14.152 8.303   1.00 21.16 ? 3   DG  A C4    1 
ATOM   60   P  P     . DG  A 1 4 ? 1.894   -18.762 6.202   1.00 27.49 ? 4   DG  A P     1 
ATOM   61   O  OP1   . DG  A 1 4 ? 0.812   -19.699 5.868   1.00 22.61 ? 4   DG  A OP1   1 
ATOM   62   O  OP2   . DG  A 1 4 ? 3.281   -19.060 5.740   1.00 26.29 ? 4   DG  A OP2   1 
ATOM   63   O  "O5'" . DG  A 1 4 ? 1.455   -17.370 5.590   1.00 22.33 ? 4   DG  A "O5'" 1 
ATOM   64   C  "C5'" . DG  A 1 4 ? 1.961   -16.935 4.345   1.00 17.56 ? 4   DG  A "C5'" 1 
ATOM   65   C  "C4'" . DG  A 1 4 ? 1.945   -15.429 4.289   1.00 9.53  ? 4   DG  A "C4'" 1 
ATOM   66   O  "O4'" . DG  A 1 4 ? 3.085   -14.908 5.045   1.00 8.12  ? 4   DG  A "O4'" 1 
ATOM   67   C  "C3'" . DG  A 1 4 ? 2.188   -14.989 2.858   1.00 21.24 ? 4   DG  A "C3'" 1 
ATOM   68   O  "O3'" . DG  A 1 4 ? 1.032   -14.544 2.177   1.00 7.43  ? 4   DG  A "O3'" 1 
ATOM   69   C  "C2'" . DG  A 1 4 ? 3.216   -13.877 2.950   1.00 18.78 ? 4   DG  A "C2'" 1 
ATOM   70   C  "C1'" . DG  A 1 4 ? 3.528   -13.688 4.425   1.00 16.62 ? 4   DG  A "C1'" 1 
ATOM   71   N  N9    . DG  A 1 4 ? 4.989   -13.602 4.460   1.00 12.69 ? 4   DG  A N9    1 
ATOM   72   C  C8    . DG  A 1 4 ? 5.888   -14.596 4.785   1.00 7.44  ? 4   DG  A C8    1 
ATOM   73   N  N7    . DG  A 1 4 ? 7.122   -14.301 4.476   1.00 10.49 ? 4   DG  A N7    1 
ATOM   74   C  C5    . DG  A 1 4 ? 7.047   -13.016 3.964   1.00 5.24  ? 4   DG  A C5    1 
ATOM   75   C  C6    . DG  A 1 4 ? 8.054   -12.160 3.431   1.00 6.86  ? 4   DG  A C6    1 
ATOM   76   O  O6    . DG  A 1 4 ? 9.262   -12.373 3.229   1.00 15.22 ? 4   DG  A O6    1 
ATOM   77   N  N1    . DG  A 1 4 ? 7.536   -10.935 3.099   1.00 6.37  ? 4   DG  A N1    1 
ATOM   78   C  C2    . DG  A 1 4 ? 6.244   -10.543 3.237   1.00 18.58 ? 4   DG  A C2    1 
ATOM   79   N  N2    . DG  A 1 4 ? 6.028   -9.267  2.936   1.00 8.99  ? 4   DG  A N2    1 
ATOM   80   N  N3    . DG  A 1 4 ? 5.268   -11.324 3.662   1.00 11.94 ? 4   DG  A N3    1 
ATOM   81   C  C4    . DG  A 1 4 ? 5.740   -12.544 4.015   1.00 15.19 ? 4   DG  A C4    1 
ATOM   82   P  P     . DC  A 1 5 ? 1.112   -14.437 0.598   1.00 17.28 ? 5   DC  A P     1 
ATOM   83   O  OP1   . DC  A 1 5 ? -0.232  -14.506 -0.015  1.00 36.01 ? 5   DC  A OP1   1 
ATOM   84   O  OP2   . DC  A 1 5 ? 2.153   -15.378 0.193   1.00 13.71 ? 5   DC  A OP2   1 
ATOM   85   O  "O5'" . DC  A 1 5 ? 1.761   -13.011 0.392   1.00 16.17 ? 5   DC  A "O5'" 1 
ATOM   86   C  "C5'" . DC  A 1 5 ? 1.121   -11.866 0.922   1.00 13.51 ? 5   DC  A "C5'" 1 
ATOM   87   C  "C4'" . DC  A 1 5 ? 1.670   -10.611 0.286   1.00 27.52 ? 5   DC  A "C4'" 1 
ATOM   88   O  "O4'" . DC  A 1 5 ? 2.979   -10.351 0.846   1.00 20.31 ? 5   DC  A "O4'" 1 
ATOM   89   C  "C3'" . DC  A 1 5 ? 1.886   -10.738 -1.219  1.00 12.36 ? 5   DC  A "C3'" 1 
ATOM   90   O  "O3'" . DC  A 1 5 ? 1.087   -9.919  -2.031  1.00 19.08 ? 5   DC  A "O3'" 1 
ATOM   91   C  "C2'" . DC  A 1 5 ? 3.312   -10.293 -1.464  1.00 11.99 ? 5   DC  A "C2'" 1 
ATOM   92   C  "C1'" . DC  A 1 5 ? 3.855   -9.839  -0.135  1.00 14.45 ? 5   DC  A "C1'" 1 
ATOM   93   N  N1    . DC  A 1 5 ? 5.135   -10.516 0.036   1.00 6.80  ? 5   DC  A N1    1 
ATOM   94   C  C2    . DC  A 1 5 ? 6.338   -9.849  -0.288  1.00 6.28  ? 5   DC  A C2    1 
ATOM   95   O  O2    . DC  A 1 5 ? 6.307   -8.624  -0.626  1.00 7.96  ? 5   DC  A O2    1 
ATOM   96   N  N3    . DC  A 1 5 ? 7.502   -10.558 -0.237  1.00 8.98  ? 5   DC  A N3    1 
ATOM   97   C  C4    . DC  A 1 5 ? 7.481   -11.855 0.102   1.00 26.55 ? 5   DC  A C4    1 
ATOM   98   N  N4    . DC  A 1 5 ? 8.627   -12.532 0.058   1.00 7.60  ? 5   DC  A N4    1 
ATOM   99   C  C5    . DC  A 1 5 ? 6.279   -12.520 0.485   1.00 16.86 ? 5   DC  A C5    1 
ATOM   100  C  C6    . DC  A 1 5 ? 5.150   -11.820 0.454   1.00 22.10 ? 5   DC  A C6    1 
ATOM   101  P  P     . DC  A 1 6 ? 1.270   -10.019 -3.628  1.00 20.28 ? 6   DC  A P     1 
ATOM   102  O  OP1   . DC  A 1 6 ? -0.025  -9.655  -4.222  1.00 25.47 ? 6   DC  A OP1   1 
ATOM   103  O  OP2   . DC  A 1 6 ? 1.901   -11.303 -3.995  1.00 20.01 ? 6   DC  A OP2   1 
ATOM   104  O  "O5'" . DC  A 1 6 ? 2.341   -8.890  -3.971  1.00 12.00 ? 6   DC  A "O5'" 1 
ATOM   105  C  "C5'" . DC  A 1 6 ? 2.150   -7.551  -3.553  1.00 5.93  ? 6   DC  A "C5'" 1 
ATOM   106  C  "C4'" . DC  A 1 6 ? 3.161   -6.637  -4.212  1.00 18.97 ? 6   DC  A "C4'" 1 
ATOM   107  O  "O4'" . DC  A 1 6 ? 4.472   -6.889  -3.628  1.00 20.38 ? 6   DC  A "O4'" 1 
ATOM   108  C  "C3'" . DC  A 1 6 ? 3.300   -6.821  -5.734  1.00 16.47 ? 6   DC  A "C3'" 1 
ATOM   109  O  "O3'" . DC  A 1 6 ? 3.016   -5.648  -6.513  1.00 18.83 ? 6   DC  A "O3'" 1 
ATOM   110  C  "C2'" . DC  A 1 6 ? 4.748   -7.202  -5.948  1.00 27.36 ? 6   DC  A "C2'" 1 
ATOM   111  C  "C1'" . DC  A 1 6 ? 5.464   -6.876  -4.645  1.00 15.17 ? 6   DC  A "C1'" 1 
ATOM   112  N  N1    . DC  A 1 6 ? 6.419   -7.967  -4.390  1.00 12.40 ? 6   DC  A N1    1 
ATOM   113  C  C2    . DC  A 1 6 ? 7.784   -7.756  -4.698  1.00 22.33 ? 6   DC  A C2    1 
ATOM   114  O  O2    . DC  A 1 6 ? 8.135   -6.650  -5.135  1.00 25.26 ? 6   DC  A O2    1 
ATOM   115  N  N3    . DC  A 1 6 ? 8.674   -8.770  -4.532  1.00 7.69  ? 6   DC  A N3    1 
ATOM   116  C  C4    . DC  A 1 6 ? 8.254   -9.962  -4.106  1.00 15.93 ? 6   DC  A C4    1 
ATOM   117  N  N4    . DC  A 1 6 ? 9.164   -10.941 -4.029  1.00 10.91 ? 6   DC  A N4    1 
ATOM   118  C  C5    . DC  A 1 6 ? 6.874   -10.204 -3.757  1.00 18.44 ? 6   DC  A C5    1 
ATOM   119  C  C6    . DC  A 1 6 ? 5.999   -9.180  -3.907  1.00 4.13  ? 6   DC  A C6    1 
ATOM   120  P  P     . DA  A 1 7 ? 2.857   -5.764  -8.122  1.00 19.20 ? 7   DA  A P     1 
ATOM   121  O  OP1   . DA  A 1 7 ? 1.899   -4.727  -8.523  1.00 35.46 ? 7   DA  A OP1   1 
ATOM   122  O  OP2   . DA  A 1 7 ? 2.541   -7.172  -8.464  1.00 11.44 ? 7   DA  A OP2   1 
ATOM   123  O  "O5'" . DA  A 1 7 ? 4.302   -5.336  -8.663  1.00 12.33 ? 7   DA  A "O5'" 1 
ATOM   124  C  "C5'" . DA  A 1 7 ? 4.791   -4.005  -8.462  1.00 11.73 ? 7   DA  A "C5'" 1 
ATOM   125  C  "C4'" . DA  A 1 7 ? 5.974   -3.719  -9.364  1.00 14.47 ? 7   DA  A "C4'" 1 
ATOM   126  O  "O4'" . DA  A 1 7 ? 7.148   -4.449  -8.948  1.00 8.66  ? 7   DA  A "O4'" 1 
ATOM   127  C  "C3'" . DA  A 1 7 ? 5.831   -3.982  -10.864 1.00 1.73  ? 7   DA  A "C3'" 1 
ATOM   128  O  "O3'" . DA  A 1 7 ? 6.721   -3.056  -11.452 1.00 4.35  ? 7   DA  A "O3'" 1 
ATOM   129  C  "C2'" . DA  A 1 7 ? 6.400   -5.375  -11.027 1.00 4.17  ? 7   DA  A "C2'" 1 
ATOM   130  C  "C1'" . DA  A 1 7 ? 7.536   -5.355  -9.981  1.00 14.08 ? 7   DA  A "C1'" 1 
ATOM   131  N  N9    . DA  A 1 7 ? 7.799   -6.633  -9.327  1.00 13.10 ? 7   DA  A N9    1 
ATOM   132  C  C8    . DA  A 1 7 ? 6.879   -7.467  -8.730  1.00 12.65 ? 7   DA  A C8    1 
ATOM   133  N  N7    . DA  A 1 7 ? 7.404   -8.546  -8.203  1.00 17.42 ? 7   DA  A N7    1 
ATOM   134  C  C5    . DA  A 1 7 ? 8.770   -8.414  -8.462  1.00 6.78  ? 7   DA  A C5    1 
ATOM   135  C  C6    . DA  A 1 7 ? 9.885   -9.248  -8.171  1.00 4.22  ? 7   DA  A C6    1 
ATOM   136  N  N6    . DA  A 1 7 ? 9.780   -10.422 -7.519  1.00 2.16  ? 7   DA  A N6    1 
ATOM   137  N  N1    . DA  A 1 7 ? 11.116  -8.835  -8.592  1.00 7.83  ? 7   DA  A N1    1 
ATOM   138  C  C2    . DA  A 1 7 ? 11.204  -7.665  -9.279  1.00 11.31 ? 7   DA  A C2    1 
ATOM   139  N  N3    . DA  A 1 7 ? 10.226  -6.796  -9.607  1.00 12.24 ? 7   DA  A N3    1 
ATOM   140  C  C4    . DA  A 1 7 ? 9.025   -7.239  -9.164  1.00 14.85 ? 7   DA  A C4    1 
ATOM   141  P  P     . DA  A 1 8 ? 6.772   -2.863  -13.026 1.00 12.83 ? 8   DA  A P     1 
ATOM   142  O  OP1   . DA  A 1 8 ? 6.971   -1.404  -13.164 1.00 9.76  ? 8   DA  A OP1   1 
ATOM   143  O  OP2   . DA  A 1 8 ? 5.630   -3.535  -13.653 1.00 18.61 ? 8   DA  A OP2   1 
ATOM   144  O  "O5'" . DA  A 1 8 ? 8.101   -3.610  -13.471 1.00 23.40 ? 8   DA  A "O5'" 1 
ATOM   145  C  "C5'" . DA  A 1 8 ? 9.372   -3.071  -13.161 1.00 20.78 ? 8   DA  A "C5'" 1 
ATOM   146  C  "C4'" . DA  A 1 8 ? 10.430  -3.859  -13.886 1.00 10.54 ? 8   DA  A "C4'" 1 
ATOM   147  O  "O4'" . DA  A 1 8 ? 10.577  -5.155  -13.254 1.00 9.07  ? 8   DA  A "O4'" 1 
ATOM   148  C  "C3'" . DA  A 1 8 ? 10.017  -4.144  -15.330 1.00 14.00 ? 8   DA  A "C3'" 1 
ATOM   149  O  "O3'" . DA  A 1 8 ? 11.162  -4.133  -16.165 1.00 12.53 ? 8   DA  A "O3'" 1 
ATOM   150  C  "C2'" . DA  A 1 8 ? 9.447   -5.550  -15.244 1.00 1.77  ? 8   DA  A "C2'" 1 
ATOM   151  C  "C1'" . DA  A 1 8 ? 10.350  -6.191  -14.197 1.00 5.61  ? 8   DA  A "C1'" 1 
ATOM   152  N  N9    . DA  A 1 8 ? 9.779   -7.337  -13.475 1.00 5.60  ? 8   DA  A N9    1 
ATOM   153  C  C8    . DA  A 1 8 ? 8.467   -7.568  -13.150 1.00 9.39  ? 8   DA  A C8    1 
ATOM   154  N  N7    . DA  A 1 8 ? 8.278   -8.668  -12.453 1.00 19.05 ? 8   DA  A N7    1 
ATOM   155  C  C5    . DA  A 1 8 ? 9.553   -9.203  -12.316 1.00 6.66  ? 8   DA  A C5    1 
ATOM   156  C  C6    . DA  A 1 8 ? 10.042  -10.379 -11.676 1.00 6.85  ? 8   DA  A C6    1 
ATOM   157  N  N6    . DA  A 1 8 ? 9.265   -11.223 -11.007 1.00 15.69 ? 8   DA  A N6    1 
ATOM   158  N  N1    . DA  A 1 8 ? 11.374  -10.646 -11.759 1.00 8.47  ? 8   DA  A N1    1 
ATOM   159  C  C2    . DA  A 1 8 ? 12.145  -9.784  -12.426 1.00 5.50  ? 8   DA  A C2    1 
ATOM   160  N  N3    . DA  A 1 8 ? 11.805  -8.634  -13.050 1.00 10.69 ? 8   DA  A N3    1 
ATOM   161  C  C4    . DA  A 1 8 ? 10.483  -8.404  -12.958 1.00 7.49  ? 8   DA  A C4    1 
ATOM   162  O  "O5'" . DT  B 1 1 ? 15.626  -18.081 -9.149  1.00 40.65 ? 9   DT  B "O5'" 1 
ATOM   163  C  "C5'" . DT  B 1 1 ? 16.488  -18.287 -10.257 1.00 37.66 ? 9   DT  B "C5'" 1 
ATOM   164  C  "C4'" . DT  B 1 1 ? 16.947  -16.978 -10.849 1.00 9.60  ? 9   DT  B "C4'" 1 
ATOM   165  O  "O4'" . DT  B 1 1 ? 15.788  -16.375 -11.480 1.00 24.51 ? 9   DT  B "O4'" 1 
ATOM   166  C  "C3'" . DT  B 1 1 ? 17.428  -16.010 -9.767  1.00 26.72 ? 9   DT  B "C3'" 1 
ATOM   167  O  "O3'" . DT  B 1 1 ? 18.735  -15.486 -9.946  1.00 5.21  ? 9   DT  B "O3'" 1 
ATOM   168  C  "C2'" . DT  B 1 1 ? 16.448  -14.863 -9.803  1.00 14.86 ? 9   DT  B "C2'" 1 
ATOM   169  C  "C1'" . DT  B 1 1 ? 15.670  -15.025 -11.100 1.00 27.10 ? 9   DT  B "C1'" 1 
ATOM   170  N  N1    . DT  B 1 1 ? 14.248  -14.716 -10.841 1.00 6.39  ? 9   DT  B N1    1 
ATOM   171  C  C2    . DT  B 1 1 ? 13.729  -13.608 -11.468 1.00 25.53 ? 9   DT  B C2    1 
ATOM   172  O  O2    . DT  B 1 1 ? 14.353  -12.964 -12.294 1.00 4.21  ? 9   DT  B O2    1 
ATOM   173  N  N3    . DT  B 1 1 ? 12.454  -13.279 -11.094 1.00 20.94 ? 9   DT  B N3    1 
ATOM   174  C  C4    . DT  B 1 1 ? 11.643  -13.970 -10.218 1.00 18.52 ? 9   DT  B C4    1 
ATOM   175  O  O4    . DT  B 1 1 ? 10.489  -13.592 -10.028 1.00 15.69 ? 9   DT  B O4    1 
ATOM   176  C  C5    . DT  B 1 1 ? 12.236  -15.140 -9.614  1.00 11.57 ? 9   DT  B C5    1 
ATOM   177  C  C7    . DT  B 1 1 ? 11.425  -15.940 -8.640  1.00 6.66  ? 9   DT  B C7    1 
ATOM   178  C  C6    . DT  B 1 1 ? 13.494  -15.457 -9.958  1.00 14.31 ? 9   DT  B C6    1 
ATOM   179  P  P     . DT  B 1 2 ? 19.301  -14.469 -8.863  1.00 14.20 ? 10  DT  B P     1 
ATOM   180  O  OP1   . DT  B 1 2 ? 20.789  -14.557 -8.868  1.00 14.31 ? 10  DT  B OP1   1 
ATOM   181  O  OP2   . DT  B 1 2 ? 18.534  -14.662 -7.598  1.00 19.83 ? 10  DT  B OP2   1 
ATOM   182  O  "O5'" . DT  B 1 2 ? 18.835  -13.043 -9.387  1.00 14.04 ? 10  DT  B "O5'" 1 
ATOM   183  C  "C5'" . DT  B 1 2 ? 19.229  -12.543 -10.665 1.00 20.23 ? 10  DT  B "C5'" 1 
ATOM   184  C  "C4'" . DT  B 1 2 ? 18.845  -11.090 -10.737 1.00 14.36 ? 10  DT  B "C4'" 1 
ATOM   185  O  "O4'" . DT  B 1 2 ? 17.399  -10.983 -10.901 1.00 14.73 ? 10  DT  B "O4'" 1 
ATOM   186  C  "C3'" . DT  B 1 2 ? 19.147  -10.573 -9.336  1.00 19.65 ? 10  DT  B "C3'" 1 
ATOM   187  O  "O3'" . DT  B 1 2 ? 19.763  -9.334  -9.194  1.00 8.26  ? 10  DT  B "O3'" 1 
ATOM   188  C  "C2'" . DT  B 1 2 ? 17.808  -10.365 -8.698  1.00 13.31 ? 10  DT  B "C2'" 1 
ATOM   189  C  "C1'" . DT  B 1 2 ? 16.880  -10.139 -9.865  1.00 26.15 ? 10  DT  B "C1'" 1 
ATOM   190  N  N1    . DT  B 1 2 ? 15.608  -10.669 -9.365  1.00 14.54 ? 10  DT  B N1    1 
ATOM   191  C  C2    . DT  B 1 2 ? 14.440  -9.955  -9.429  1.00 24.48 ? 10  DT  B C2    1 
ATOM   192  O  O2    . DT  B 1 2 ? 14.301  -8.922  -10.071 1.00 23.90 ? 10  DT  B O2    1 
ATOM   193  N  N3    . DT  B 1 2 ? 13.415  -10.526 -8.714  1.00 12.10 ? 10  DT  B N3    1 
ATOM   194  C  C4    . DT  B 1 2 ? 13.447  -11.727 -8.001  1.00 3.42  ? 10  DT  B C4    1 
ATOM   195  O  O4    . DT  B 1 2 ? 12.481  -12.099 -7.415  1.00 9.76  ? 10  DT  B O4    1 
ATOM   196  C  C5    . DT  B 1 2 ? 14.683  -12.443 -8.035  1.00 16.52 ? 10  DT  B C5    1 
ATOM   197  C  C7    . DT  B 1 2 ? 14.829  -13.737 -7.284  1.00 22.56 ? 10  DT  B C7    1 
ATOM   198  C  C6    . DT  B 1 2 ? 15.670  -11.896 -8.728  1.00 18.69 ? 10  DT  B C6    1 
ATOM   199  P  P     . DG  B 1 3 ? 20.226  -8.923  -7.729  1.00 7.50  ? 11  DG  B P     1 
ATOM   200  O  OP1   . DG  B 1 3 ? 21.604  -8.371  -7.831  1.00 17.52 ? 11  DG  B OP1   1 
ATOM   201  O  OP2   . DG  B 1 3 ? 19.960  -10.063 -6.848  1.00 1.73  ? 11  DG  B OP2   1 
ATOM   202  O  "O5'" . DG  B 1 3 ? 19.179  -7.815  -7.278  1.00 2.98  ? 11  DG  B "O5'" 1 
ATOM   203  C  "C5'" . DG  B 1 3 ? 18.984  -6.654  -8.080  1.00 13.54 ? 11  DG  B "C5'" 1 
ATOM   204  C  "C4'" . DG  B 1 3 ? 17.846  -5.832  -7.540  1.00 31.35 ? 11  DG  B "C4'" 1 
ATOM   205  O  "O4'" . DG  B 1 3 ? 16.603  -6.458  -7.954  1.00 16.10 ? 11  DG  B "O4'" 1 
ATOM   206  C  "C3'" . DG  B 1 3 ? 17.825  -5.832  -6.013  1.00 21.34 ? 11  DG  B "C3'" 1 
ATOM   207  O  "O3'" . DG  B 1 3 ? 18.277  -4.629  -5.453  1.00 13.17 ? 11  DG  B "O3'" 1 
ATOM   208  C  "C2'" . DG  B 1 3 ? 16.362  -5.971  -5.648  1.00 25.72 ? 11  DG  B "C2'" 1 
ATOM   209  C  "C1'" . DG  B 1 3 ? 15.616  -6.227  -6.952  1.00 20.77 ? 11  DG  B "C1'" 1 
ATOM   210  N  N9    . DG  B 1 3 ? 14.893  -7.462  -6.672  1.00 11.83 ? 11  DG  B N9    1 
ATOM   211  C  C8    . DG  B 1 3 ? 15.424  -8.704  -6.448  1.00 11.00 ? 11  DG  B C8    1 
ATOM   212  N  N7    . DG  B 1 3 ? 14.566  -9.532  -5.916  1.00 22.97 ? 11  DG  B N7    1 
ATOM   213  C  C5    . DG  B 1 3 ? 13.383  -8.808  -5.863  1.00 17.48 ? 11  DG  B C5    1 
ATOM   214  C  C6    . DG  B 1 3 ? 12.114  -9.129  -5.311  1.00 19.51 ? 11  DG  B C6    1 
ATOM   215  O  O6    . DG  B 1 3 ? 11.770  -10.150 -4.732  1.00 14.49 ? 11  DG  B O6    1 
ATOM   216  N  N1    . DG  B 1 3 ? 11.211  -8.083  -5.448  1.00 8.08  ? 11  DG  B N1    1 
ATOM   217  C  C2    . DG  B 1 3 ? 11.500  -6.881  -6.012  1.00 2.61  ? 11  DG  B C2    1 
ATOM   218  N  N2    . DG  B 1 3 ? 10.525  -5.986  -6.048  1.00 8.30  ? 11  DG  B N2    1 
ATOM   219  N  N3    . DG  B 1 3 ? 12.676  -6.566  -6.511  1.00 4.67  ? 11  DG  B N3    1 
ATOM   220  C  C4    . DG  B 1 3 ? 13.560  -7.558  -6.394  1.00 8.06  ? 11  DG  B C4    1 
ATOM   221  P  P     . DG  B 1 4 ? 18.631  -4.598  -3.904  1.00 14.61 ? 12  DG  B P     1 
ATOM   222  O  OP1   . DG  B 1 4 ? 19.684  -3.597  -3.585  1.00 7.91  ? 12  DG  B OP1   1 
ATOM   223  O  OP2   . DG  B 1 4 ? 18.757  -6.012  -3.425  1.00 3.35  ? 12  DG  B OP2   1 
ATOM   224  O  "O5'" . DG  B 1 4 ? 17.308  -3.988  -3.308  1.00 8.76  ? 12  DG  B "O5'" 1 
ATOM   225  C  "C5'" . DG  B 1 4 ? 16.547  -4.672  -2.348  1.00 4.20  ? 12  DG  B "C5'" 1 
ATOM   226  C  "C4'" . DG  B 1 4 ? 15.105  -4.242  -2.475  1.00 9.79  ? 12  DG  B "C4'" 1 
ATOM   227  O  "O4'" . DG  B 1 4 ? 14.394  -5.200  -3.312  1.00 10.10 ? 12  DG  B "O4'" 1 
ATOM   228  C  "C3'" . DG  B 1 4 ? 14.387  -4.254  -1.140  1.00 7.45  ? 12  DG  B "C3'" 1 
ATOM   229  O  "O3'" . DG  B 1 4 ? 14.345  -2.999  -0.467  1.00 9.17  ? 12  DG  B "O3'" 1 
ATOM   230  C  "C2'" . DG  B 1 4 ? 12.998  -4.793  -1.443  1.00 17.37 ? 12  DG  B "C2'" 1 
ATOM   231  C  "C1'" . DG  B 1 4 ? 13.072  -5.417  -2.823  1.00 4.87  ? 12  DG  B "C1'" 1 
ATOM   232  N  N9    . DG  B 1 4 ? 12.889  -6.851  -2.626  1.00 14.43 ? 12  DG  B N9    1 
ATOM   233  C  C8    . DG  B 1 4 ? 13.859  -7.824  -2.595  1.00 24.72 ? 12  DG  B C8    1 
ATOM   234  N  N7    . DG  B 1 4 ? 13.412  -8.979  -2.169  1.00 18.72 ? 12  DG  B N7    1 
ATOM   235  C  C5    . DG  B 1 4 ? 12.055  -8.765  -1.959  1.00 12.25 ? 12  DG  B C5    1 
ATOM   236  C  C6    . DG  B 1 4 ? 11.053  -9.620  -1.459  1.00 20.64 ? 12  DG  B C6    1 
ATOM   237  O  O6    . DG  B 1 4 ? 11.166  -10.742 -0.999  1.00 13.60 ? 12  DG  B O6    1 
ATOM   238  N  N1    . DG  B 1 4 ? 9.809   -9.013  -1.469  1.00 6.60  ? 12  DG  B N1    1 
ATOM   239  C  C2    . DG  B 1 4 ? 9.564   -7.718  -1.834  1.00 18.89 ? 12  DG  B C2    1 
ATOM   240  N  N2    . DG  B 1 4 ? 8.289   -7.288  -1.732  1.00 10.60 ? 12  DG  B N2    1 
ATOM   241  N  N3    . DG  B 1 4 ? 10.496  -6.892  -2.259  1.00 12.04 ? 12  DG  B N3    1 
ATOM   242  C  C4    . DG  B 1 4 ? 11.707  -7.475  -2.298  1.00 19.25 ? 12  DG  B C4    1 
ATOM   243  P  P     . DC  B 1 5 ? 14.108  -3.006  1.107   1.00 10.07 ? 13  DC  B P     1 
ATOM   244  O  OP1   . DC  B 1 5 ? 14.195  -1.600  1.556   1.00 10.59 ? 13  DC  B OP1   1 
ATOM   245  O  OP2   . DC  B 1 5 ? 14.934  -4.047  1.743   1.00 16.06 ? 13  DC  B OP2   1 
ATOM   246  O  "O5'" . DC  B 1 5 ? 12.612  -3.514  1.225   1.00 10.58 ? 13  DC  B "O5'" 1 
ATOM   247  C  "C5'" . DC  B 1 5 ? 11.588  -2.833  0.540   1.00 15.64 ? 13  DC  B "C5'" 1 
ATOM   248  C  "C4'" . DC  B 1 5 ? 10.239  -3.273  1.051   1.00 10.34 ? 13  DC  B "C4'" 1 
ATOM   249  O  "O4'" . DC  B 1 5 ? 9.854   -4.502  0.387   1.00 17.35 ? 13  DC  B "O4'" 1 
ATOM   250  C  "C3'" . DC  B 1 5 ? 10.158  -3.572  2.547   1.00 6.56  ? 13  DC  B "C3'" 1 
ATOM   251  O  "O3'" . DC  B 1 5 ? 9.573   -2.547  3.313   1.00 7.72  ? 13  DC  B "O3'" 1 
ATOM   252  C  "C2'" . DC  B 1 5 ? 9.157   -4.702  2.635   1.00 14.66 ? 13  DC  B "C2'" 1 
ATOM   253  C  "C1'" . DC  B 1 5 ? 9.038   -5.281  1.250   1.00 10.75 ? 13  DC  B "C1'" 1 
ATOM   254  N  N1    . DC  B 1 5 ? 9.624   -6.627  1.382   1.00 5.61  ? 13  DC  B N1    1 
ATOM   255  C  C2    . DC  B 1 5 ? 8.790   -7.649  1.834   1.00 15.55 ? 13  DC  B C2    1 
ATOM   256  O  O2    . DC  B 1 5 ? 7.621   -7.373  2.068   1.00 6.57  ? 13  DC  B O2    1 
ATOM   257  N  N3    . DC  B 1 5 ? 9.289   -8.885  2.029   1.00 5.66  ? 13  DC  B N3    1 
ATOM   258  C  C4    . DC  B 1 5 ? 10.597  -9.095  1.843   1.00 9.71  ? 13  DC  B C4    1 
ATOM   259  N  N4    . DC  B 1 5 ? 11.089  -10.260 2.155   1.00 7.47  ? 13  DC  B N4    1 
ATOM   260  C  C5    . DC  B 1 5 ? 11.470  -8.079  1.353   1.00 10.62 ? 13  DC  B C5    1 
ATOM   261  C  C6    . DC  B 1 5 ? 10.945  -6.873  1.129   1.00 8.41  ? 13  DC  B C6    1 
ATOM   262  P  P     . DC  B 1 6 ? 9.569   -2.676  4.914   1.00 10.38 ? 14  DC  B P     1 
ATOM   263  O  OP1   . DC  B 1 6 ? 9.334   -1.285  5.367   1.00 11.38 ? 14  DC  B OP1   1 
ATOM   264  O  OP2   . DC  B 1 6 ? 10.734  -3.445  5.397   1.00 11.98 ? 14  DC  B OP2   1 
ATOM   265  O  "O5'" . DC  B 1 6 ? 8.260   -3.496  5.254   1.00 1.73  ? 14  DC  B "O5'" 1 
ATOM   266  C  "C5'" . DC  B 1 6 ? 7.016   -2.959  4.871   1.00 12.04 ? 14  DC  B "C5'" 1 
ATOM   267  C  "C4'" . DC  B 1 6 ? 5.877   -3.865  5.258   1.00 8.37  ? 14  DC  B "C4'" 1 
ATOM   268  O  "O4'" . DC  B 1 6 ? 6.051   -5.160  4.628   1.00 11.61 ? 14  DC  B "O4'" 1 
ATOM   269  C  "C3'" . DC  B 1 6 ? 5.730   -4.110  6.751   1.00 5.51  ? 14  DC  B "C3'" 1 
ATOM   270  O  "O3'" . DC  B 1 6 ? 4.731   -3.267  7.300   1.00 5.63  ? 14  DC  B "O3'" 1 
ATOM   271  C  "C2'" . DC  B 1 6 ? 5.289   -5.565  6.838   1.00 4.88  ? 14  DC  B "C2'" 1 
ATOM   272  C  "C1'" . DC  B 1 6 ? 5.630   -6.199  5.487   1.00 5.30  ? 14  DC  B "C1'" 1 
ATOM   273  N  N1    . DC  B 1 6 ? 6.738   -7.198  5.638   1.00 3.27  ? 14  DC  B N1    1 
ATOM   274  C  C2    . DC  B 1 6 ? 6.343   -8.478  5.955   1.00 10.81 ? 14  DC  B C2    1 
ATOM   275  O  O2    . DC  B 1 6 ? 5.126   -8.673  6.063   1.00 12.33 ? 14  DC  B O2    1 
ATOM   276  N  N3    . DC  B 1 6 ? 7.273   -9.478  6.131   1.00 8.70  ? 14  DC  B N3    1 
ATOM   277  C  C4    . DC  B 1 6 ? 8.572   -9.220  5.953   1.00 16.81 ? 14  DC  B C4    1 
ATOM   278  N  N4    . DC  B 1 6 ? 9.419   -10.275 5.964   1.00 9.38  ? 14  DC  B N4    1 
ATOM   279  C  C5    . DC  B 1 6 ? 9.038   -7.875  5.689   1.00 6.50  ? 14  DC  B C5    1 
ATOM   280  C  C6    . DC  B 1 6 ? 8.083   -6.903  5.514   1.00 19.89 ? 14  DC  B C6    1 
ATOM   281  P  P     . DA  B 1 7 ? 4.739   -2.972  8.880   1.00 11.88 ? 15  DA  B P     1 
ATOM   282  O  OP1   . DA  B 1 7 ? 3.969   -1.742  9.114   1.00 24.99 ? 15  DA  B OP1   1 
ATOM   283  O  OP2   . DA  B 1 7 ? 6.156   -3.003  9.266   1.00 7.73  ? 15  DA  B OP2   1 
ATOM   284  O  "O5'" . DA  B 1 7 ? 4.004   -4.243  9.512   1.00 6.13  ? 15  DA  B "O5'" 1 
ATOM   285  C  "C5'" . DA  B 1 7 ? 2.629   -4.516  9.253   1.00 17.54 ? 15  DA  B "C5'" 1 
ATOM   286  C  "C4'" . DA  B 1 7 ? 2.159   -5.694  10.080  1.00 8.87  ? 15  DA  B "C4'" 1 
ATOM   287  O  "O4'" . DA  B 1 7 ? 2.911   -6.895  9.748   1.00 13.62 ? 15  DA  B "O4'" 1 
ATOM   288  C  "C3'" . DA  B 1 7 ? 2.302   -5.524  11.593  1.00 6.14  ? 15  DA  B "C3'" 1 
ATOM   289  O  "O3'" . DA  B 1 7 ? 1.157   -6.117  12.206  1.00 9.71  ? 15  DA  B "O3'" 1 
ATOM   290  C  "C2'" . DA  B 1 7 ? 3.590   -6.270  11.908  1.00 1.73  ? 15  DA  B "C2'" 1 
ATOM   291  C  "C1'" . DA  B 1 7 ? 3.521   -7.445  10.931  1.00 13.91 ? 15  DA  B "C1'" 1 
ATOM   292  N  N9    . DA  B 1 7 ? 4.830   -8.008  10.549  1.00 13.76 ? 15  DA  B N9    1 
ATOM   293  C  C8    . DA  B 1 7 ? 5.845   -7.275  9.966   1.00 17.11 ? 15  DA  B C8    1 
ATOM   294  N  N7    . DA  B 1 7 ? 6.905   -7.982  9.646   1.00 25.54 ? 15  DA  B N7    1 
ATOM   295  C  C5    . DA  B 1 7 ? 6.588   -9.271  10.055  1.00 20.30 ? 15  DA  B C5    1 
ATOM   296  C  C6    . DA  B 1 7 ? 7.314   -10.494 9.997   1.00 16.63 ? 15  DA  B C6    1 
ATOM   297  N  N6    . DA  B 1 7 ? 8.548   -10.635 9.492   1.00 5.71  ? 15  DA  B N6    1 
ATOM   298  N  N1    . DA  B 1 7 ? 6.719   -11.589 10.497  1.00 16.36 ? 15  DA  B N1    1 
ATOM   299  C  C2    . DA  B 1 7 ? 5.494   -11.477 11.035  1.00 26.23 ? 15  DA  B C2    1 
ATOM   300  N  N3    . DA  B 1 7 ? 4.714   -10.404 11.154  1.00 5.67  ? 15  DA  B N3    1 
ATOM   301  C  C4    . DA  B 1 7 ? 5.316   -9.309  10.636  1.00 20.11 ? 15  DA  B C4    1 
ATOM   302  P  P     . DA  B 1 8 ? 0.941   -6.057  13.804  1.00 11.79 ? 16  DA  B P     1 
ATOM   303  O  OP1   . DA  B 1 8 ? -0.527  -6.166  13.962  1.00 16.91 ? 16  DA  B OP1   1 
ATOM   304  O  OP2   . DA  B 1 8 ? 1.654   -4.899  14.375  1.00 16.82 ? 16  DA  B OP2   1 
ATOM   305  O  "O5'" . DA  B 1 8 ? 1.633   -7.389  14.337  1.00 13.70 ? 16  DA  B "O5'" 1 
ATOM   306  C  "C5'" . DA  B 1 8 ? 0.985   -8.654  14.257  1.00 14.29 ? 16  DA  B "C5'" 1 
ATOM   307  C  "C4'" . DA  B 1 8 ? 1.677   -9.651  15.165  1.00 6.02  ? 16  DA  B "C4'" 1 
ATOM   308  O  "O4'" . DA  B 1 8 ? 2.967   -10.065 14.642  1.00 20.56 ? 16  DA  B "O4'" 1 
ATOM   309  C  "C3'" . DA  B 1 8 ? 1.954   -9.132  16.575  1.00 20.60 ? 16  DA  B "C3'" 1 
ATOM   310  O  "O3'" . DA  B 1 8 ? 1.807   -10.232 17.562  1.00 11.66 ? 16  DA  B "O3'" 1 
ATOM   311  C  "C2'" . DA  B 1 8 ? 3.405   -8.691  16.470  1.00 11.82 ? 16  DA  B "C2'" 1 
ATOM   312  C  "C1'" . DA  B 1 8 ? 3.980   -9.803  15.605  1.00 6.16  ? 16  DA  B "C1'" 1 
ATOM   313  N  N9    . DA  B 1 8 ? 5.219   -9.490  14.886  1.00 9.15  ? 16  DA  B N9    1 
ATOM   314  C  C8    . DA  B 1 8 ? 5.531   -8.300  14.270  1.00 4.39  ? 16  DA  B C8    1 
ATOM   315  N  N7    . DA  B 1 8 ? 6.679   -8.311  13.644  1.00 22.15 ? 16  DA  B N7    1 
ATOM   316  C  C5    . DA  B 1 8 ? 7.173   -9.589  13.868  1.00 16.09 ? 16  DA  B C5    1 
ATOM   317  C  C6    . DA  B 1 8 ? 8.357   -10.217 13.446  1.00 18.64 ? 16  DA  B C6    1 
ATOM   318  N  N6    . DA  B 1 8 ? 9.241   -9.625  12.632  1.00 20.59 ? 16  DA  B N6    1 
ATOM   319  N  N1    . DA  B 1 8 ? 8.593   -11.482 13.872  1.00 5.68  ? 16  DA  B N1    1 
ATOM   320  C  C2    . DA  B 1 8 ? 7.664   -12.081 14.647  1.00 3.89  ? 16  DA  B C2    1 
ATOM   321  N  N3    . DA  B 1 8 ? 6.483   -11.597 15.079  1.00 19.77 ? 16  DA  B N3    1 
ATOM   322  C  C4    . DA  B 1 8 ? 6.298   -10.326 14.653  1.00 18.74 ? 16  DA  B C4    1 
ATOM   323  O  "O5'" . DT  C 1 1 ? -16.136 19.942  -9.014  1.00 33.53 ? 41  DT  C "O5'" 1 
ATOM   324  C  "C5'" . DT  C 1 1 ? -16.340 19.348  -7.716  1.00 30.36 ? 41  DT  C "C5'" 1 
ATOM   325  C  "C4'" . DT  C 1 1 ? -17.523 18.406  -7.658  1.00 38.28 ? 41  DT  C "C4'" 1 
ATOM   326  O  "O4'" . DT  C 1 1 ? -17.268 17.247  -8.493  1.00 23.57 ? 41  DT  C "O4'" 1 
ATOM   327  C  "C3'" . DT  C 1 1 ? -17.767 17.846  -6.259  1.00 35.53 ? 41  DT  C "C3'" 1 
ATOM   328  O  "O3'" . DT  C 1 1 ? -19.157 17.553  -6.055  1.00 42.30 ? 41  DT  C "O3'" 1 
ATOM   329  C  "C2'" . DT  C 1 1 ? -16.951 16.573  -6.267  1.00 38.69 ? 41  DT  C "C2'" 1 
ATOM   330  C  "C1'" . DT  C 1 1 ? -17.162 16.077  -7.682  1.00 21.33 ? 41  DT  C "C1'" 1 
ATOM   331  N  N1    . DT  C 1 1 ? -16.038 15.252  -8.183  1.00 28.91 ? 41  DT  C N1    1 
ATOM   332  C  C2    . DT  C 1 1 ? -16.307 13.965  -8.591  1.00 30.22 ? 41  DT  C C2    1 
ATOM   333  O  O2    . DT  C 1 1 ? -17.410 13.456  -8.507  1.00 41.34 ? 41  DT  C O2    1 
ATOM   334  N  N3    . DT  C 1 1 ? -15.225 13.289  -9.095  1.00 32.87 ? 41  DT  C N3    1 
ATOM   335  C  C4    . DT  C 1 1 ? -13.935 13.756  -9.214  1.00 21.63 ? 41  DT  C C4    1 
ATOM   336  O  O4    . DT  C 1 1 ? -13.096 13.071  -9.744  1.00 24.08 ? 41  DT  C O4    1 
ATOM   337  C  C5    . DT  C 1 1 ? -13.710 15.078  -8.706  1.00 13.48 ? 41  DT  C C5    1 
ATOM   338  C  C7    . DT  C 1 1 ? -12.322 15.625  -8.701  1.00 11.34 ? 41  DT  C C7    1 
ATOM   339  C  C6    . DT  C 1 1 ? -14.760 15.761  -8.241  1.00 25.92 ? 41  DT  C C6    1 
ATOM   340  P  P     . DT  C 1 2 ? -19.712 17.366  -4.561  1.00 57.81 ? 42  DT  C P     1 
ATOM   341  O  OP1   . DT  C 1 2 ? -21.162 17.742  -4.508  1.00 31.20 ? 42  DT  C OP1   1 
ATOM   342  O  OP2   . DT  C 1 2 ? -18.736 18.064  -3.688  1.00 43.62 ? 42  DT  C OP2   1 
ATOM   343  O  "O5'" . DT  C 1 2 ? -19.544 15.802  -4.310  1.00 50.29 ? 42  DT  C "O5'" 1 
ATOM   344  C  "C5'" . DT  C 1 2 ? -20.374 14.864  -4.982  1.00 32.80 ? 42  DT  C "C5'" 1 
ATOM   345  C  "C4'" . DT  C 1 2 ? -20.122 13.475  -4.445  1.00 29.19 ? 42  DT  C "C4'" 1 
ATOM   346  O  "O4'" . DT  C 1 2 ? -18.953 12.890  -5.055  1.00 17.76 ? 42  DT  C "O4'" 1 
ATOM   347  C  "C3'" . DT  C 1 2 ? -19.893 13.410  -2.943  1.00 19.30 ? 42  DT  C "C3'" 1 
ATOM   348  O  "O3'" . DT  C 1 2 ? -20.591 12.266  -2.445  1.00 25.70 ? 42  DT  C "O3'" 1 
ATOM   349  C  "C2'" . DT  C 1 2 ? -18.375 13.273  -2.830  1.00 16.31 ? 42  DT  C "C2'" 1 
ATOM   350  C  "C1'" . DT  C 1 2 ? -18.053 12.441  -4.073  1.00 23.27 ? 42  DT  C "C1'" 1 
ATOM   351  N  N1    . DT  C 1 2 ? -16.685 12.507  -4.666  1.00 12.86 ? 42  DT  C N1    1 
ATOM   352  C  C2    . DT  C 1 2 ? -16.211 11.364  -5.286  1.00 18.62 ? 42  DT  C C2    1 
ATOM   353  O  O2    . DT  C 1 2 ? -16.852 10.329  -5.368  1.00 23.64 ? 42  DT  C O2    1 
ATOM   354  N  N3    . DT  C 1 2 ? -14.943 11.465  -5.784  1.00 17.53 ? 42  DT  C N3    1 
ATOM   355  C  C4    . DT  C 1 2 ? -14.104 12.546  -5.713  1.00 17.19 ? 42  DT  C C4    1 
ATOM   356  O  O4    . DT  C 1 2 ? -12.968 12.445  -6.139  1.00 26.10 ? 42  DT  C O4    1 
ATOM   357  C  C5    . DT  C 1 2 ? -14.664 13.728  -5.090  1.00 30.53 ? 42  DT  C C5    1 
ATOM   358  C  C7    . DT  C 1 2 ? -13.839 14.975  -5.028  1.00 34.15 ? 42  DT  C C7    1 
ATOM   359  C  C6    . DT  C 1 2 ? -15.913 13.651  -4.600  1.00 28.36 ? 42  DT  C C6    1 
ATOM   360  P  P     . DG  C 1 3 ? -20.863 12.130  -0.872  1.00 30.64 ? 43  DG  C P     1 
ATOM   361  O  OP1   . DG  C 1 3 ? -22.305 12.249  -0.556  1.00 31.28 ? 43  DG  C OP1   1 
ATOM   362  O  OP2   . DG  C 1 3 ? -19.895 13.057  -0.238  1.00 30.64 ? 43  DG  C OP2   1 
ATOM   363  O  "O5'" . DG  C 1 3 ? -20.454 10.625  -0.571  1.00 31.65 ? 43  DG  C "O5'" 1 
ATOM   364  C  "C5'" . DG  C 1 3 ? -21.169 9.555   -1.163  1.00 17.76 ? 43  DG  C "C5'" 1 
ATOM   365  C  "C4'" . DG  C 1 3 ? -20.311 8.318   -1.153  1.00 27.52 ? 43  DG  C "C4'" 1 
ATOM   366  O  "O4'" . DG  C 1 3 ? -19.327 8.437   -2.210  1.00 20.87 ? 43  DG  C "O4'" 1 
ATOM   367  C  "C3'" . DG  C 1 3 ? -19.503 8.280   0.132   1.00 13.27 ? 43  DG  C "C3'" 1 
ATOM   368  O  "O3'" . DG  C 1 3 ? -19.884 7.327   1.073   1.00 22.47 ? 43  DG  C "O3'" 1 
ATOM   369  C  "C2'" . DG  C 1 3 ? -18.079 7.974   -0.280  1.00 16.38 ? 43  DG  C "C2'" 1 
ATOM   370  C  "C1'" . DG  C 1 3 ? -18.100 7.868   -1.779  1.00 33.26 ? 43  DG  C "C1'" 1 
ATOM   371  N  N9    . DG  C 1 3 ? -17.017 8.715   -2.239  1.00 14.98 ? 43  DG  C N9    1 
ATOM   372  C  C8    . DG  C 1 3 ? -16.987 10.077  -2.195  1.00 26.21 ? 43  DG  C C8    1 
ATOM   373  N  N7    . DG  C 1 3 ? -15.841 10.565  -2.558  1.00 22.77 ? 43  DG  C N7    1 
ATOM   374  C  C5    . DG  C 1 3 ? -15.076 9.456   -2.879  1.00 10.08 ? 43  DG  C C5    1 
ATOM   375  C  C6    . DG  C 1 3 ? -13.739 9.383   -3.309  1.00 14.82 ? 43  DG  C C6    1 
ATOM   376  O  O6    . DG  C 1 3 ? -12.959 10.334  -3.503  1.00 16.02 ? 43  DG  C O6    1 
ATOM   377  N  N1    . DG  C 1 3 ? -13.328 8.053   -3.514  1.00 5.79  ? 43  DG  C N1    1 
ATOM   378  C  C2    . DG  C 1 3 ? -14.132 6.946   -3.310  1.00 9.78  ? 43  DG  C C2    1 
ATOM   379  N  N2    . DG  C 1 3 ? -13.568 5.725   -3.484  1.00 1.73  ? 43  DG  C N2    1 
ATOM   380  N  N3    . DG  C 1 3 ? -15.410 7.030   -2.930  1.00 21.72 ? 43  DG  C N3    1 
ATOM   381  C  C4    . DG  C 1 3 ? -15.797 8.307   -2.723  1.00 18.23 ? 43  DG  C C4    1 
ATOM   382  P  P     . DG  C 1 4 ? -19.321 7.514   2.559   1.00 15.90 ? 44  DG  C P     1 
ATOM   383  O  OP1   . DG  C 1 4 ? -20.320 7.092   3.545   1.00 16.07 ? 44  DG  C OP1   1 
ATOM   384  O  OP2   . DG  C 1 4 ? -18.815 8.903   2.625   1.00 17.15 ? 44  DG  C OP2   1 
ATOM   385  O  "O5'" . DG  C 1 4 ? -18.037 6.570   2.553   1.00 17.88 ? 44  DG  C "O5'" 1 
ATOM   386  C  "C5'" . DG  C 1 4 ? -16.706 7.100   2.671   1.00 15.08 ? 44  DG  C "C5'" 1 
ATOM   387  C  "C4'" . DG  C 1 4 ? -15.704 6.131   2.083   1.00 15.92 ? 44  DG  C "C4'" 1 
ATOM   388  O  "O4'" . DG  C 1 4 ? -15.324 6.682   0.789   1.00 16.14 ? 44  DG  C "O4'" 1 
ATOM   389  C  "C3'" . DG  C 1 4 ? -14.402 6.039   2.884   1.00 23.92 ? 44  DG  C "C3'" 1 
ATOM   390  O  "O3'" . DG  C 1 4 ? -14.181 4.820   3.583   1.00 14.27 ? 44  DG  C "O3'" 1 
ATOM   391  C  "C2'" . DG  C 1 4 ? -13.296 6.143   1.856   1.00 12.64 ? 44  DG  C "C2'" 1 
ATOM   392  C  "C1'" . DG  C 1 4 ? -13.933 6.484   0.540   1.00 16.20 ? 44  DG  C "C1'" 1 
ATOM   393  N  N9    . DG  C 1 4 ? -13.311 7.761   0.190   1.00 14.75 ? 44  DG  C N9    1 
ATOM   394  C  C8    . DG  C 1 4 ? -13.820 9.034   0.320   1.00 11.52 ? 44  DG  C C8    1 
ATOM   395  N  N7    . DG  C 1 4 ? -12.969 9.967   -0.033  1.00 1.73  ? 44  DG  C N7    1 
ATOM   396  C  C5    . DG  C 1 4 ? -11.833 9.272   -0.436  1.00 7.20  ? 44  DG  C C5    1 
ATOM   397  C  C6    . DG  C 1 4 ? -10.550 9.740   -0.974  1.00 4.69  ? 44  DG  C C6    1 
ATOM   398  O  O6    . DG  C 1 4 ? -10.149 10.902  -1.208  1.00 2.20  ? 44  DG  C O6    1 
ATOM   399  N  N1    . DG  C 1 4 ? -9.721  8.668   -1.278  1.00 9.44  ? 44  DG  C N1    1 
ATOM   400  C  C2    . DG  C 1 4 ? -10.055 7.343   -1.130  1.00 18.43 ? 44  DG  C C2    1 
ATOM   401  N  N2    . DG  C 1 4 ? -9.204  6.506   -1.640  1.00 11.02 ? 44  DG  C N2    1 
ATOM   402  N  N3    . DG  C 1 4 ? -11.173 6.894   -0.579  1.00 8.38  ? 44  DG  C N3    1 
ATOM   403  C  C4    . DG  C 1 4 ? -12.027 7.903   -0.289  1.00 9.79  ? 44  DG  C C4    1 
ATOM   404  P  P     . DC  C 1 5 ? -13.212 4.841   4.871   1.00 10.82 ? 45  DC  C P     1 
ATOM   405  O  OP1   . DC  C 1 5 ? -13.451 3.686   5.778   1.00 9.89  ? 45  DC  C OP1   1 
ATOM   406  O  OP2   . DC  C 1 5 ? -13.143 6.175   5.418   1.00 4.60  ? 45  DC  C OP2   1 
ATOM   407  O  "O5'" . DC  C 1 5 ? -11.792 4.636   4.215   1.00 18.95 ? 45  DC  C "O5'" 1 
ATOM   408  C  "C5'" . DC  C 1 5 ? -11.641 3.615   3.244   1.00 19.32 ? 45  DC  C "C5'" 1 
ATOM   409  C  "C4'" . DC  C 1 5 ? -10.204 3.527   2.812   1.00 18.69 ? 45  DC  C "C4'" 1 
ATOM   410  O  "O4'" . DC  C 1 5 ? -9.973  4.558   1.807   1.00 16.21 ? 45  DC  C "O4'" 1 
ATOM   411  C  "C3'" . DC  C 1 5 ? -9.291  3.834   4.012   1.00 13.34 ? 45  DC  C "C3'" 1 
ATOM   412  O  "O3'" . DC  C 1 5 ? -8.381  2.806   4.434   1.00 15.06 ? 45  DC  C "O3'" 1 
ATOM   413  C  "C2'" . DC  C 1 5 ? -8.538  5.079   3.623   1.00 21.92 ? 45  DC  C "C2'" 1 
ATOM   414  C  "C1'" . DC  C 1 5 ? -8.729  5.206   2.125   1.00 17.46 ? 45  DC  C "C1'" 1 
ATOM   415  N  N1    . DC  C 1 5 ? -8.782  6.658   1.900   1.00 14.03 ? 45  DC  C N1    1 
ATOM   416  C  C2    . DC  C 1 5 ? -7.701  7.282   1.241   1.00 22.92 ? 45  DC  C C2    1 
ATOM   417  O  O2    . DC  C 1 5 ? -6.857  6.577   0.705   1.00 12.87 ? 45  DC  C O2    1 
ATOM   418  N  N3    . DC  C 1 5 ? -7.611  8.635   1.222   1.00 18.03 ? 45  DC  C N3    1 
ATOM   419  C  C4    . DC  C 1 5 ? -8.561  9.362   1.805   1.00 13.54 ? 45  DC  C C4    1 
ATOM   420  N  N4    . DC  C 1 5 ? -8.401  10.678  1.832   1.00 9.10  ? 45  DC  C N4    1 
ATOM   421  C  C5    . DC  C 1 5 ? -9.715  8.762   2.400   1.00 17.90 ? 45  DC  C C5    1 
ATOM   422  C  C6    . DC  C 1 5 ? -9.791  7.415   2.413   1.00 12.44 ? 45  DC  C C6    1 
ATOM   423  P  P     . DC  C 1 6 ? -7.477  3.043   5.768   1.00 16.14 ? 46  DC  C P     1 
ATOM   424  O  OP1   . DC  C 1 6 ? -7.229  1.714   6.430   1.00 9.58  ? 46  DC  C OP1   1 
ATOM   425  O  OP2   . DC  C 1 6 ? -8.033  4.163   6.559   1.00 8.01  ? 46  DC  C OP2   1 
ATOM   426  O  "O5'" . DC  C 1 6 ? -6.075  3.536   5.186   1.00 9.41  ? 46  DC  C "O5'" 1 
ATOM   427  C  "C5'" . DC  C 1 6 ? -5.535  2.831   4.092   1.00 15.96 ? 46  DC  C "C5'" 1 
ATOM   428  C  "C4'" . DC  C 1 6 ? -4.123  3.250   3.787   1.00 13.53 ? 46  DC  C "C4'" 1 
ATOM   429  O  "O4'" . DC  C 1 6 ? -4.164  4.339   2.843   1.00 6.17  ? 46  DC  C "O4'" 1 
ATOM   430  C  "C3'" . DC  C 1 6 ? -3.334  3.737   4.988   1.00 8.27  ? 46  DC  C "C3'" 1 
ATOM   431  O  "O3'" . DC  C 1 6 ? -2.483  2.752   5.548   1.00 4.93  ? 46  DC  C "O3'" 1 
ATOM   432  C  "C2'" . DC  C 1 6 ? -2.543  4.929   4.479   1.00 9.55  ? 46  DC  C "C2'" 1 
ATOM   433  C  "C1'" . DC  C 1 6 ? -3.198  5.329   3.164   1.00 20.12 ? 46  DC  C "C1'" 1 
ATOM   434  N  N1    . DC  C 1 6 ? -3.905  6.611   3.383   1.00 10.89 ? 46  DC  C N1    1 
ATOM   435  C  C2    . DC  C 1 6 ? -3.242  7.799   3.051   1.00 12.30 ? 46  DC  C C2    1 
ATOM   436  O  O2    . DC  C 1 6 ? -2.161  7.726   2.500   1.00 15.35 ? 46  DC  C O2    1 
ATOM   437  N  N3    . DC  C 1 6 ? -3.810  8.992   3.332   1.00 12.22 ? 46  DC  C N3    1 
ATOM   438  C  C4    . DC  C 1 6 ? -5.024  9.032   3.894   1.00 10.03 ? 46  DC  C C4    1 
ATOM   439  N  N4    . DC  C 1 6 ? -5.558  10.237  4.166   1.00 10.13 ? 46  DC  C N4    1 
ATOM   440  C  C5    . DC  C 1 6 ? -5.754  7.834   4.206   1.00 19.73 ? 46  DC  C C5    1 
ATOM   441  C  C6    . DC  C 1 6 ? -5.160  6.654   3.933   1.00 19.05 ? 46  DC  C C6    1 
ATOM   442  P  P     . DA  C 1 7 ? -1.884  3.030   7.001   1.00 9.26  ? 47  DA  C P     1 
ATOM   443  O  OP1   . DA  C 1 7 ? -1.411  1.757   7.574   1.00 12.49 ? 47  DA  C OP1   1 
ATOM   444  O  OP2   . DA  C 1 7 ? -2.794  3.870   7.779   1.00 9.73  ? 47  DA  C OP2   1 
ATOM   445  O  "O5'" . DA  C 1 7 ? -0.732  4.064   6.676   1.00 1.97  ? 47  DA  C "O5'" 1 
ATOM   446  C  "C5'" . DA  C 1 7 ? 0.406   3.670   5.980   1.00 5.00  ? 47  DA  C "C5'" 1 
ATOM   447  C  "C4'" . DA  C 1 7 ? 1.416   4.788   5.973   1.00 13.67 ? 47  DA  C "C4'" 1 
ATOM   448  O  "O4'" . DA  C 1 7 ? 0.786   6.020   5.557   1.00 8.21  ? 47  DA  C "O4'" 1 
ATOM   449  C  "C3'" . DA  C 1 7 ? 2.076   5.075   7.319   1.00 4.26  ? 47  DA  C "C3'" 1 
ATOM   450  O  "O3'" . DA  C 1 7 ? 3.447   5.411   7.053   1.00 19.65 ? 47  DA  C "O3'" 1 
ATOM   451  C  "C2'" . DA  C 1 7 ? 1.255   6.228   7.868   1.00 18.05 ? 47  DA  C "C2'" 1 
ATOM   452  C  "C1'" . DA  C 1 7 ? 0.848   6.976   6.599   1.00 12.23 ? 47  DA  C "C1'" 1 
ATOM   453  N  N9    . DA  C 1 7 ? -0.440  7.659   6.639   1.00 9.69  ? 47  DA  C N9    1 
ATOM   454  C  C8    . DA  C 1 7 ? -1.684  7.101   6.783   1.00 26.10 ? 47  DA  C C8    1 
ATOM   455  N  N7    . DA  C 1 7 ? -2.661  7.966   6.691   1.00 13.99 ? 47  DA  C N7    1 
ATOM   456  C  C5    . DA  C 1 7 ? -2.013  9.178   6.504   1.00 9.23  ? 47  DA  C C5    1 
ATOM   457  C  C6    . DA  C 1 7 ? -2.489  10.475  6.314   1.00 12.67 ? 47  DA  C C6    1 
ATOM   458  N  N6    . DA  C 1 7 ? -3.777  10.789  6.412   1.00 11.85 ? 47  DA  C N6    1 
ATOM   459  N  N1    . DA  C 1 7 ? -1.585  11.455  6.053   1.00 10.88 ? 47  DA  C N1    1 
ATOM   460  C  C2    . DA  C 1 7 ? -0.290  11.141  6.073   1.00 23.63 ? 47  DA  C C2    1 
ATOM   461  N  N3    . DA  C 1 7 ? 0.286   9.959   6.303   1.00 9.23  ? 47  DA  C N3    1 
ATOM   462  C  C4    . DA  C 1 7 ? -0.646  9.005   6.488   1.00 15.87 ? 47  DA  C C4    1 
ATOM   463  P  P     . DA  C 1 8 ? 4.498   5.611   8.255   1.00 11.87 ? 48  DA  C P     1 
ATOM   464  O  OP1   . DA  C 1 8 ? 5.834   5.226   7.742   1.00 17.65 ? 48  DA  C OP1   1 
ATOM   465  O  OP2   . DA  C 1 8 ? 3.963   4.955   9.457   1.00 14.04 ? 48  DA  C OP2   1 
ATOM   466  O  "O5'" . DA  C 1 8 ? 4.563   7.188   8.418   1.00 13.92 ? 48  DA  C "O5'" 1 
ATOM   467  C  "C5'" . DA  C 1 8 ? 5.027   7.982   7.329   1.00 17.26 ? 48  DA  C "C5'" 1 
ATOM   468  C  "C4'" . DA  C 1 8 ? 5.094   9.436   7.730   1.00 12.25 ? 48  DA  C "C4'" 1 
ATOM   469  O  "O4'" . DA  C 1 8 ? 3.757   9.986   7.801   1.00 13.10 ? 48  DA  C "O4'" 1 
ATOM   470  C  "C3'" . DA  C 1 8 ? 5.731   9.682   9.098   1.00 13.62 ? 48  DA  C "C3'" 1 
ATOM   471  O  "O3'" . DA  C 1 8 ? 6.663   10.806  9.046   1.00 9.05  ? 48  DA  C "O3'" 1 
ATOM   472  C  "C2'" . DA  C 1 8 ? 4.529   9.879   10.013  1.00 7.81  ? 48  DA  C "C2'" 1 
ATOM   473  C  "C1'" . DA  C 1 8 ? 3.496   10.520  9.090   1.00 6.01  ? 48  DA  C "C1'" 1 
ATOM   474  N  N9    . DA  C 1 8 ? 2.064   10.303  9.387   1.00 19.95 ? 48  DA  C N9    1 
ATOM   475  C  C8    . DA  C 1 8 ? 1.422   9.154   9.838   1.00 2.87  ? 48  DA  C C8    1 
ATOM   476  N  N7    . DA  C 1 8 ? 0.111   9.291   9.955   1.00 20.94 ? 48  DA  C N7    1 
ATOM   477  C  C5    . DA  C 1 8 ? -0.131  10.615  9.563   1.00 23.64 ? 48  DA  C C5    1 
ATOM   478  C  C6    . DA  C 1 8 ? -1.329  11.399  9.447   1.00 5.84  ? 48  DA  C C6    1 
ATOM   479  N  N6    . DA  C 1 8 ? -2.537  10.960  9.734   1.00 10.66 ? 48  DA  C N6    1 
ATOM   480  N  N1    . DA  C 1 8 ? -1.216  12.677  9.015   1.00 10.73 ? 48  DA  C N1    1 
ATOM   481  C  C2    . DA  C 1 8 ? 0.000   13.147  8.735   1.00 7.99  ? 48  DA  C C2    1 
ATOM   482  N  N3    . DA  C 1 8 ? 1.192   12.527  8.806   1.00 19.49 ? 48  DA  C N3    1 
ATOM   483  C  C4    . DA  C 1 8 ? 1.058   11.248  9.224   1.00 20.43 ? 48  DA  C C4    1 
ATOM   484  O  "O5'" . DT  D 1 1 ? -7.001  18.813  7.988   1.00 11.21 ? 49  DT  D "O5'" 1 
ATOM   485  C  "C5'" . DT  D 1 1 ? -6.838  19.700  9.117   1.00 12.95 ? 49  DT  D "C5'" 1 
ATOM   486  C  "C4'" . DT  D 1 1 ? -5.359  19.809  9.407   1.00 15.83 ? 49  DT  D "C4'" 1 
ATOM   487  O  "O4'" . DT  D 1 1 ? -4.913  18.538  9.922   1.00 12.48 ? 49  DT  D "O4'" 1 
ATOM   488  C  "C3'" . DT  D 1 1 ? -4.491  20.063  8.171   1.00 17.08 ? 49  DT  D "C3'" 1 
ATOM   489  O  "O3'" . DT  D 1 1 ? -3.294  20.744  8.520   1.00 26.74 ? 49  DT  D "O3'" 1 
ATOM   490  C  "C2'" . DT  D 1 1 ? -4.130  18.671  7.695   1.00 8.60  ? 49  DT  D "C2'" 1 
ATOM   491  C  "C1'" . DT  D 1 1 ? -3.959  17.968  9.022   1.00 24.65 ? 49  DT  D "C1'" 1 
ATOM   492  N  N1    . DT  D 1 1 ? -4.182  16.524  8.991   1.00 16.34 ? 49  DT  D N1    1 
ATOM   493  C  C2    . DT  D 1 1 ? -3.063  15.721  9.068   1.00 21.07 ? 49  DT  D C2    1 
ATOM   494  O  O2    . DT  D 1 1 ? -1.913  16.161  9.031   1.00 8.46  ? 49  DT  D O2    1 
ATOM   495  N  N3    . DT  D 1 1 ? -3.332  14.391  9.182   1.00 7.01  ? 49  DT  D N3    1 
ATOM   496  C  C4    . DT  D 1 1 ? -4.578  13.788  9.179   1.00 20.60 ? 49  DT  D C4    1 
ATOM   497  O  O4    . DT  D 1 1 ? -4.653  12.588  9.321   1.00 1.73  ? 49  DT  D O4    1 
ATOM   498  C  C5    . DT  D 1 1 ? -5.715  14.677  8.998   1.00 15.85 ? 49  DT  D C5    1 
ATOM   499  C  C7    . DT  D 1 1 ? -7.095  14.091  8.860   1.00 16.91 ? 49  DT  D C7    1 
ATOM   500  C  C6    . DT  D 1 1 ? -5.460  15.993  8.931   1.00 14.30 ? 49  DT  D C6    1 
ATOM   501  P  P     . DT  D 1 2 ? -2.597  21.708  7.442   1.00 19.14 ? 50  DT  D P     1 
ATOM   502  O  OP1   . DT  D 1 2 ? -1.632  22.489  8.207   1.00 17.86 ? 50  DT  D OP1   1 
ATOM   503  O  OP2   . DT  D 1 2 ? -3.614  22.411  6.630   1.00 12.02 ? 50  DT  D OP2   1 
ATOM   504  O  "O5'" . DT  D 1 2 ? -1.772  20.742  6.491   1.00 17.96 ? 50  DT  D "O5'" 1 
ATOM   505  C  "C5'" . DT  D 1 2 ? -0.520  20.232  6.922   1.00 21.56 ? 50  DT  D "C5'" 1 
ATOM   506  C  "C4'" . DT  D 1 2 ? -0.028  19.186  5.956   1.00 12.19 ? 50  DT  D "C4'" 1 
ATOM   507  O  "O4'" . DT  D 1 2 ? -0.554  17.886  6.295   1.00 11.85 ? 50  DT  D "O4'" 1 
ATOM   508  C  "C3'" . DT  D 1 2 ? -0.451  19.454  4.509   1.00 13.70 ? 50  DT  D "C3'" 1 
ATOM   509  O  "O3'" . DT  D 1 2 ? 0.607   19.208  3.606   1.00 25.20 ? 50  DT  D "O3'" 1 
ATOM   510  C  "C2'" . DT  D 1 2 ? -1.515  18.414  4.257   1.00 29.15 ? 50  DT  D "C2'" 1 
ATOM   511  C  "C1'" . DT  D 1 2 ? -0.970  17.284  5.096   1.00 23.16 ? 50  DT  D "C1'" 1 
ATOM   512  N  N1    . DT  D 1 2 ? -1.970  16.297  5.407   1.00 14.53 ? 50  DT  D N1    1 
ATOM   513  C  C2    . DT  D 1 2 ? -1.552  15.036  5.714   1.00 16.09 ? 50  DT  D C2    1 
ATOM   514  O  O2    . DT  D 1 2 ? -0.370  14.711  5.795   1.00 14.28 ? 50  DT  D O2    1 
ATOM   515  N  N3    . DT  D 1 2 ? -2.569  14.152  5.917   1.00 2.44  ? 50  DT  D N3    1 
ATOM   516  C  C4    . DT  D 1 2 ? -3.941  14.384  5.829   1.00 13.51 ? 50  DT  D C4    1 
ATOM   517  O  O4    . DT  D 1 2 ? -4.737  13.427  6.029   1.00 8.37  ? 50  DT  D O4    1 
ATOM   518  C  C5    . DT  D 1 2 ? -4.301  15.765  5.492   1.00 9.82  ? 50  DT  D C5    1 
ATOM   519  C  C7    . DT  D 1 2 ? -5.731  16.164  5.272   1.00 8.33  ? 50  DT  D C7    1 
ATOM   520  C  C6    . DT  D 1 2 ? -3.303  16.632  5.343   1.00 3.51  ? 50  DT  D C6    1 
ATOM   521  P  P     . DG  D 1 3 ? 0.468   19.687  2.077   1.00 23.75 ? 51  DG  D P     1 
ATOM   522  O  OP1   . DG  D 1 3 ? 1.344   20.883  1.947   1.00 16.95 ? 51  DG  D OP1   1 
ATOM   523  O  OP2   . DG  D 1 3 ? -0.976  19.805  1.728   1.00 14.77 ? 51  DG  D OP2   1 
ATOM   524  O  "O5'" . DG  D 1 3 ? 1.187   18.479  1.346   1.00 21.50 ? 51  DG  D "O5'" 1 
ATOM   525  C  "C5'" . DG  D 1 3 ? 2.422   17.989  1.871   1.00 10.24 ? 51  DG  D "C5'" 1 
ATOM   526  C  "C4'" . DG  D 1 3 ? 2.634   16.573  1.412   1.00 20.16 ? 51  DG  D "C4'" 1 
ATOM   527  O  "O4'" . DG  D 1 3 ? 1.935   15.741  2.372   1.00 11.68 ? 51  DG  D "O4'" 1 
ATOM   528  C  "C3'" . DG  D 1 3 ? 1.988   16.322  0.044   1.00 21.56 ? 51  DG  D "C3'" 1 
ATOM   529  O  "O3'" . DG  D 1 3 ? 2.899   16.085  -1.025  1.00 12.46 ? 51  DG  D "O3'" 1 
ATOM   530  C  "C2'" . DG  D 1 3 ? 1.109   15.110  0.268   1.00 17.74 ? 51  DG  D "C2'" 1 
ATOM   531  C  "C1'" . DG  D 1 3 ? 1.365   14.650  1.708   1.00 9.33  ? 51  DG  D "C1'" 1 
ATOM   532  N  N9    . DG  D 1 3 ? 0.028   14.435  2.225   1.00 9.78  ? 51  DG  D N9    1 
ATOM   533  C  C8    . DG  D 1 3 ? -0.945  15.391  2.428   1.00 2.66  ? 51  DG  D C8    1 
ATOM   534  N  N7    . DG  D 1 3 ? -2.116  14.870  2.679   1.00 10.88 ? 51  DG  D N7    1 
ATOM   535  C  C5    . DG  D 1 3 ? -1.891  13.494  2.681   1.00 1.73  ? 51  DG  D C5    1 
ATOM   536  C  C6    . DG  D 1 3 ? -2.793  12.418  2.788   1.00 17.99 ? 51  DG  D C6    1 
ATOM   537  O  O6    . DG  D 1 3 ? -4.020  12.449  2.872   1.00 6.02  ? 51  DG  D O6    1 
ATOM   538  N  N1    . DG  D 1 3 ? -2.142  11.194  2.731   1.00 13.42 ? 51  DG  D N1    1 
ATOM   539  C  C2    . DG  D 1 3 ? -0.816  11.027  2.535   1.00 22.42 ? 51  DG  D C2    1 
ATOM   540  N  N2    . DG  D 1 3 ? -0.404  9.811   2.536   1.00 2.52  ? 51  DG  D N2    1 
ATOM   541  N  N3    . DG  D 1 3 ? 0.036   12.004  2.357   1.00 3.42  ? 51  DG  D N3    1 
ATOM   542  C  C4    . DG  D 1 3 ? -0.565  13.213  2.453   1.00 13.89 ? 51  DG  D C4    1 
ATOM   543  P  P     . DG  D 1 4 ? 2.344   15.977  -2.534  1.00 10.32 ? 52  DG  D P     1 
ATOM   544  O  OP1   . DG  D 1 4 ? 3.514   16.369  -3.323  1.00 10.82 ? 52  DG  D OP1   1 
ATOM   545  O  OP2   . DG  D 1 4 ? 1.027   16.645  -2.792  1.00 5.51  ? 52  DG  D OP2   1 
ATOM   546  O  "O5'" . DG  D 1 4 ? 2.082   14.420  -2.646  1.00 4.42  ? 52  DG  D "O5'" 1 
ATOM   547  C  "C5'" . DG  D 1 4 ? 0.821   13.891  -3.015  1.00 12.75 ? 52  DG  D "C5'" 1 
ATOM   548  C  "C4'" . DG  D 1 4 ? 0.791   12.429  -2.649  1.00 4.08  ? 52  DG  D "C4'" 1 
ATOM   549  O  "O4'" . DG  D 1 4 ? 0.234   12.433  -1.318  1.00 7.93  ? 52  DG  D "O4'" 1 
ATOM   550  C  "C3'" . DG  D 1 4 ? -0.207  11.628  -3.458  1.00 4.25  ? 52  DG  D "C3'" 1 
ATOM   551  O  "O3'" . DG  D 1 4 ? 0.336   10.880  -4.528  1.00 7.61  ? 52  DG  D "O3'" 1 
ATOM   552  C  "C2'" . DG  D 1 4 ? -0.823  10.679  -2.455  1.00 7.64  ? 52  DG  D "C2'" 1 
ATOM   553  C  "C1'" . DG  D 1 4 ? -0.588  11.307  -1.109  1.00 7.01  ? 52  DG  D "C1'" 1 
ATOM   554  N  N9    . DG  D 1 4 ? -1.887  11.786  -0.656  1.00 9.24  ? 52  DG  D N9    1 
ATOM   555  C  C8    . DG  D 1 4 ? -2.295  13.085  -0.507  1.00 9.16  ? 52  DG  D C8    1 
ATOM   556  N  N7    . DG  D 1 4 ? -3.549  13.186  -0.154  1.00 17.72 ? 52  DG  D N7    1 
ATOM   557  C  C5    . DG  D 1 4 ? -3.985  11.873  -0.043  1.00 10.82 ? 52  DG  D C5    1 
ATOM   558  C  C6    . DG  D 1 4 ? -5.250  11.349  0.357   1.00 9.23  ? 52  DG  D C6    1 
ATOM   559  O  O6    . DG  D 1 4 ? -6.289  11.971  0.632   1.00 8.30  ? 52  DG  D O6    1 
ATOM   560  N  N1    . DG  D 1 4 ? -5.241  9.954   0.400   1.00 16.88 ? 52  DG  D N1    1 
ATOM   561  C  C2    . DG  D 1 4 ? -4.175  9.165   0.051   1.00 17.67 ? 52  DG  D C2    1 
ATOM   562  N  N2    . DG  D 1 4 ? -4.384  7.838   0.107   1.00 8.25  ? 52  DG  D N2    1 
ATOM   563  N  N3    . DG  D 1 4 ? -2.994  9.645   -0.338  1.00 14.11 ? 52  DG  D N3    1 
ATOM   564  C  C4    . DG  D 1 4 ? -2.971  10.997  -0.345  1.00 13.18 ? 52  DG  D C4    1 
ATOM   565  P  P     . DC  D 1 5 ? -0.535  10.752  -5.867  1.00 11.71 ? 53  DC  D P     1 
ATOM   566  O  OP1   . DC  D 1 5 ? 0.272   10.202  -6.940  1.00 9.23  ? 53  DC  D OP1   1 
ATOM   567  O  OP2   . DC  D 1 5 ? -1.398  11.913  -6.168  1.00 13.01 ? 53  DC  D OP2   1 
ATOM   568  O  "O5'" . DC  D 1 5 ? -1.481  9.594   -5.380  1.00 15.56 ? 53  DC  D "O5'" 1 
ATOM   569  C  "C5'" . DC  D 1 5 ? -0.923  8.536   -4.640  1.00 15.53 ? 53  DC  D "C5'" 1 
ATOM   570  C  "C4'" . DC  D 1 5 ? -1.973  7.504   -4.353  1.00 7.89  ? 53  DC  D "C4'" 1 
ATOM   571  O  "O4'" . DC  D 1 5 ? -2.758  7.973   -3.237  1.00 12.24 ? 53  DC  D "O4'" 1 
ATOM   572  C  "C3'" . DC  D 1 5 ? -2.951  7.350   -5.504  1.00 2.29  ? 53  DC  D "C3'" 1 
ATOM   573  O  "O3'" . DC  D 1 5 ? -2.678  6.258   -6.351  1.00 17.81 ? 53  DC  D "O3'" 1 
ATOM   574  C  "C2'" . DC  D 1 5 ? -4.313  7.224   -4.837  1.00 11.07 ? 53  DC  D "C2'" 1 
ATOM   575  C  "C1'" . DC  D 1 5 ? -4.085  7.525   -3.356  1.00 14.87 ? 53  DC  D "C1'" 1 
ATOM   576  N  N1    . DC  D 1 5 ? -4.946  8.653   -3.012  1.00 7.68  ? 53  DC  D N1    1 
ATOM   577  C  C2    . DC  D 1 5 ? -6.255  8.390   -2.560  1.00 18.40 ? 53  DC  D C2    1 
ATOM   578  O  O2    . DC  D 1 5 ? -6.616  7.204   -2.398  1.00 4.45  ? 53  DC  D O2    1 
ATOM   579  N  N3    . DC  D 1 5 ? -7.095  9.429   -2.356  1.00 4.84  ? 53  DC  D N3    1 
ATOM   580  C  C4    . DC  D 1 5 ? -6.693  10.681  -2.628  1.00 11.99 ? 53  DC  D C4    1 
ATOM   581  N  N4    . DC  D 1 5 ? -7.598  11.661  -2.540  1.00 7.94  ? 53  DC  D N4    1 
ATOM   582  C  C5    . DC  D 1 5 ? -5.351  10.976  -3.036  1.00 17.62 ? 53  DC  D C5    1 
ATOM   583  C  C6    . DC  D 1 5 ? -4.514  9.942   -3.195  1.00 23.84 ? 53  DC  D C6    1 
ATOM   584  P  P     . DC  D 1 6 ? -3.648  6.000   -7.599  1.00 21.33 ? 54  DC  D P     1 
ATOM   585  O  OP1   . DC  D 1 6 ? -2.829  5.216   -8.531  1.00 37.16 ? 54  DC  D OP1   1 
ATOM   586  O  OP2   . DC  D 1 6 ? -4.343  7.222   -8.089  1.00 20.10 ? 54  DC  D OP2   1 
ATOM   587  O  "O5'" . DC  D 1 6 ? -4.776  5.106   -6.941  1.00 21.42 ? 54  DC  D "O5'" 1 
ATOM   588  C  "C5'" . DC  D 1 6 ? -6.125  5.202   -7.330  1.00 4.55  ? 54  DC  D "C5'" 1 
ATOM   589  C  "C4'" . DC  D 1 6 ? -6.932  4.149   -6.607  1.00 8.46  ? 54  DC  D "C4'" 1 
ATOM   590  O  "O4'" . DC  D 1 6 ? -7.310  4.662   -5.298  1.00 16.94 ? 54  DC  D "O4'" 1 
ATOM   591  C  "C3'" . DC  D 1 6 ? -8.228  3.842   -7.354  1.00 4.31  ? 54  DC  D "C3'" 1 
ATOM   592  O  "O3'" . DC  D 1 6 ? -8.307  2.514   -7.881  1.00 12.89 ? 54  DC  D "O3'" 1 
ATOM   593  C  "C2'" . DC  D 1 6 ? -9.366  4.170   -6.403  1.00 8.28  ? 54  DC  D "C2'" 1 
ATOM   594  C  "C1'" . DC  D 1 6 ? -8.727  4.728   -5.144  1.00 11.24 ? 54  DC  D "C1'" 1 
ATOM   595  N  N1    . DC  D 1 6 ? -9.134  6.149   -4.995  1.00 10.15 ? 54  DC  D N1    1 
ATOM   596  C  C2    . DC  D 1 6 ? -10.392 6.396   -4.469  1.00 15.46 ? 54  DC  D C2    1 
ATOM   597  O  O2    . DC  D 1 6 ? -11.117 5.436   -4.252  1.00 15.13 ? 54  DC  D O2    1 
ATOM   598  N  N3    . DC  D 1 6 ? -10.810 7.671   -4.243  1.00 14.45 ? 54  DC  D N3    1 
ATOM   599  C  C4    . DC  D 1 6 ? -10.035 8.694   -4.593  1.00 20.23 ? 54  DC  D C4    1 
ATOM   600  N  N4    . DC  D 1 6 ? -10.527 9.953   -4.389  1.00 11.73 ? 54  DC  D N4    1 
ATOM   601  C  C5    . DC  D 1 6 ? -8.736  8.482   -5.178  1.00 15.24 ? 54  DC  D C5    1 
ATOM   602  C  C6    . DC  D 1 6 ? -8.328  7.195   -5.357  1.00 12.92 ? 54  DC  D C6    1 
ATOM   603  P  P     . DA  D 1 7 ? -9.157  2.265   -9.233  1.00 9.46  ? 55  DA  D P     1 
ATOM   604  O  OP1   . DA  D 1 7 ? -8.803  0.919   -9.803  1.00 6.44  ? 55  DA  D OP1   1 
ATOM   605  O  OP2   . DA  D 1 7 ? -9.037  3.449   -10.110 1.00 10.61 ? 55  DA  D OP2   1 
ATOM   606  O  "O5'" . DA  D 1 7 ? -10.649 2.382   -8.688  1.00 12.63 ? 55  DA  D "O5'" 1 
ATOM   607  C  "C5'" . DA  D 1 7 ? -11.149 1.514   -7.689  1.00 12.73 ? 55  DA  D "C5'" 1 
ATOM   608  C  "C4'" . DA  D 1 7 ? -12.642 1.702   -7.592  1.00 7.82  ? 55  DA  D "C4'" 1 
ATOM   609  O  "O4'" . DA  D 1 7 ? -12.883 3.035   -7.092  1.00 12.24 ? 55  DA  D "O4'" 1 
ATOM   610  C  "C3'" . DA  D 1 7 ? -13.345 1.641   -8.951  1.00 14.52 ? 55  DA  D "C3'" 1 
ATOM   611  O  "O3'" . DA  D 1 7 ? -14.665 1.129   -8.760  1.00 17.50 ? 55  DA  D "O3'" 1 
ATOM   612  C  "C2'" . DA  D 1 7 ? -13.385 3.094   -9.374  1.00 10.28 ? 55  DA  D "C2'" 1 
ATOM   613  C  "C1'" . DA  D 1 7 ? -13.634 3.783   -8.039  1.00 9.59  ? 55  DA  D "C1'" 1 
ATOM   614  N  N9    . DA  D 1 7 ? -13.085 5.130   -8.009  1.00 8.24  ? 55  DA  D N9    1 
ATOM   615  C  C8    . DA  D 1 7 ? -11.884 5.498   -8.583  1.00 21.49 ? 55  DA  D C8    1 
ATOM   616  N  N7    . DA  D 1 7 ? -11.546 6.736   -8.363  1.00 15.01 ? 55  DA  D N7    1 
ATOM   617  C  C5    . DA  D 1 7 ? -12.604 7.239   -7.628  1.00 19.16 ? 55  DA  D C5    1 
ATOM   618  C  C6    . DA  D 1 7 ? -12.851 8.507   -7.127  1.00 17.45 ? 55  DA  D C6    1 
ATOM   619  N  N6    . DA  D 1 7 ? -12.056 9.551   -7.351  1.00 15.10 ? 55  DA  D N6    1 
ATOM   620  N  N1    . DA  D 1 7 ? -13.977 8.684   -6.403  1.00 22.38 ? 55  DA  D N1    1 
ATOM   621  C  C2    . DA  D 1 7 ? -14.822 7.641   -6.250  1.00 29.61 ? 55  DA  D C2    1 
ATOM   622  N  N3    . DA  D 1 7 ? -14.717 6.397   -6.711  1.00 19.77 ? 55  DA  D N3    1 
ATOM   623  C  C4    . DA  D 1 7 ? -13.567 6.257   -7.398  1.00 8.31  ? 55  DA  D C4    1 
ATOM   624  P  P     . DA  D 1 8 ? -15.714 1.077   -9.987  1.00 14.73 ? 56  DA  D P     1 
ATOM   625  O  OP1   . DA  D 1 8 ? -16.587 -0.070  -9.647  1.00 9.35  ? 56  DA  D OP1   1 
ATOM   626  O  OP2   . DA  D 1 8 ? -15.060 1.140   -11.358 1.00 7.78  ? 56  DA  D OP2   1 
ATOM   627  O  "O5'" . DA  D 1 8 ? -16.522 2.436   -9.774  1.00 16.28 ? 56  DA  D "O5'" 1 
ATOM   628  C  "C5'" . DA  D 1 8 ? -17.311 2.638   -8.594  1.00 19.28 ? 56  DA  D "C5'" 1 
ATOM   629  C  "C4'" . DA  D 1 8 ? -18.112 3.917   -8.694  1.00 20.11 ? 56  DA  D "C4'" 1 
ATOM   630  O  "O4'" . DA  D 1 8 ? -17.237 5.056   -8.494  1.00 8.29  ? 56  DA  D "O4'" 1 
ATOM   631  C  "C3'" . DA  D 1 8 ? -18.876 4.165   -10.006 1.00 9.83  ? 56  DA  D "C3'" 1 
ATOM   632  O  "O3'" . DA  D 1 8 ? -20.130 4.776   -9.589  1.00 20.49 ? 56  DA  D "O3'" 1 
ATOM   633  C  "C2'" . DA  D 1 8 ? -18.027 5.218   -10.707 1.00 18.35 ? 56  DA  D "C2'" 1 
ATOM   634  C  "C1'" . DA  D 1 8 ? -17.474 6.010   -9.516  1.00 20.91 ? 56  DA  D "C1'" 1 
ATOM   635  N  N9    . DA  D 1 8 ? -16.231 6.749   -9.771  1.00 16.94 ? 56  DA  D N9    1 
ATOM   636  C  C8    . DA  D 1 8 ? -15.098 6.299   -10.406 1.00 23.78 ? 56  DA  D C8    1 
ATOM   637  N  N7    . DA  D 1 8 ? -14.171 7.218   -10.563 1.00 20.25 ? 56  DA  D N7    1 
ATOM   638  C  C5    . DA  D 1 8 ? -14.714 8.346   -9.967  1.00 6.03  ? 56  DA  D C5    1 
ATOM   639  C  C6    . DA  D 1 8 ? -14.231 9.652   -9.795  1.00 27.77 ? 56  DA  D C6    1 
ATOM   640  N  N6    . DA  D 1 8 ? -13.056 10.089  -10.250 1.00 23.88 ? 56  DA  D N6    1 
ATOM   641  N  N1    . DA  D 1 8 ? -15.017 10.520  -9.133  1.00 21.42 ? 56  DA  D N1    1 
ATOM   642  C  C2    . DA  D 1 8 ? -16.212 10.109  -8.700  1.00 15.07 ? 56  DA  D C2    1 
ATOM   643  N  N3    . DA  D 1 8 ? -16.788 8.918   -8.818  1.00 15.99 ? 56  DA  D N3    1 
ATOM   644  C  C4    . DA  D 1 8 ? -15.977 8.068   -9.461  1.00 15.27 ? 56  DA  D C4    1 
HETATM 645  O  O1    . ARI E 2 . ? -0.220  -10.914 4.041   1.00 13.04 ? 1   ARI E O1    1 
HETATM 646  C  C1    . ARI E 2 . ? -1.432  -11.601 3.824   1.00 10.33 ? 1   ARI E C1    1 
HETATM 647  C  C2    . ARI E 2 . ? -1.489  -12.876 4.640   1.00 10.21 ? 1   ARI E C2    1 
HETATM 648  C  C3    . ARI E 2 . ? -2.780  -13.667 4.519   1.00 14.92 ? 1   ARI E C3    1 
HETATM 649  C  C4    . ARI E 2 . ? -4.036  -12.729 4.821   1.00 12.39 ? 1   ARI E C4    1 
HETATM 650  O  O4    . ARI E 2 . ? -4.091  -12.402 6.254   1.00 17.36 ? 1   ARI E O4    1 
HETATM 651  C  CME   . ARI E 2 . ? -4.176  -12.866 8.855   1.00 5.82  ? 1   ARI E CME   1 
HETATM 652  C  CO4   . ARI E 2 . ? -4.394  -13.279 7.281   1.00 17.23 ? 1   ARI E CO4   1 
HETATM 653  O  OC4   . ARI E 2 . ? -4.966  -14.321 7.016   1.00 20.43 ? 1   ARI E OC4   1 
HETATM 654  C  C5    . ARI E 2 . ? -3.869  -11.466 3.905   1.00 16.06 ? 1   ARI E C5    1 
HETATM 655  O  O5    . ARI E 2 . ? -2.609  -10.806 4.116   1.00 8.66  ? 1   ARI E O5    1 
HETATM 656  C  C6    . ARI E 2 . ? -5.050  -10.495 4.214   1.00 17.35 ? 1   ARI E C6    1 
HETATM 657  O  O1    . 1GL E 2 . ? -2.697  -14.771 5.350   1.00 18.71 ? 2   1GL E O1    1 
HETATM 658  C  C1    . 1GL E 2 . ? -3.463  -15.973 4.981   1.00 21.48 ? 2   1GL E C1    1 
HETATM 659  C  C2    . 1GL E 2 . ? -3.270  -17.062 6.071   1.00 34.06 ? 2   1GL E C2    1 
HETATM 660  C  C3    . 1GL E 2 . ? -1.828  -17.584 5.894   1.00 35.54 ? 2   1GL E C3    1 
HETATM 661  O  O3    . 1GL E 2 . ? -1.675  -18.584 6.886   1.00 38.85 ? 2   1GL E O3    1 
HETATM 662  C  C4    . 1GL E 2 . ? -1.543  -18.222 4.501   1.00 29.13 ? 2   1GL E C4    1 
HETATM 663  O  O4    . 1GL E 2 . ? -2.535  -19.287 4.303   1.00 24.53 ? 2   1GL E O4    1 
HETATM 664  C  CME   . 1GL E 2 . ? -2.158  -20.540 3.707   1.00 3.55  ? 2   1GL E CME   1 
HETATM 665  C  C5    . 1GL E 2 . ? -1.694  -17.005 3.502   1.00 27.23 ? 2   1GL E C5    1 
HETATM 666  O  O5    . 1GL E 2 . ? -3.053  -16.513 3.678   1.00 19.39 ? 2   1GL E O5    1 
HETATM 667  C  C6    . 1GL E 2 . ? -1.371  -17.531 2.051   1.00 26.32 ? 2   1GL E C6    1 
HETATM 668  O  O1    . ARI F 2 . ? 10.689  -1.426  -3.137  1.00 18.81 ? 1   ARI F O1    1 
HETATM 669  C  C1    . ARI F 2 . ? 11.467  -0.357  -2.762  1.00 10.80 ? 1   ARI F C1    1 
HETATM 670  C  C2    . ARI F 2 . ? 12.885  -0.498  -3.275  1.00 20.37 ? 1   ARI F C2    1 
HETATM 671  C  C3    . ARI F 2 . ? 13.783  0.657   -2.956  1.00 18.74 ? 1   ARI F C3    1 
HETATM 672  C  C4    . ARI F 2 . ? 13.057  1.984   -3.472  1.00 1.73  ? 1   ARI F C4    1 
HETATM 673  O  O4    . ARI F 2 . ? 12.931  1.936   -4.938  1.00 15.00 ? 1   ARI F O4    1 
HETATM 674  C  CME   . ARI F 2 . ? 13.805  1.153   -7.259  1.00 14.68 ? 1   ARI F CME   1 
HETATM 675  C  CO4   . ARI F 2 . ? 13.950  1.949   -5.871  1.00 21.71 ? 1   ARI F CO4   1 
HETATM 676  O  OC4   . ARI F 2 . ? 14.941  2.636   -5.690  1.00 11.57 ? 1   ARI F OC4   1 
HETATM 677  C  C5    . ARI F 2 . ? 11.657  2.068   -2.802  1.00 13.50 ? 1   ARI F C5    1 
HETATM 678  O  O5    . ARI F 2 . ? 10.902  0.924   -3.190  1.00 4.60  ? 1   ARI F O5    1 
HETATM 679  C  C6    . ARI F 2 . ? 10.932  3.348   -3.298  1.00 7.38  ? 1   ARI F C6    1 
HETATM 680  O  O1    . 1GL F 2 . ? 15.013  0.434   -3.574  1.00 17.99 ? 2   1GL F O1    1 
HETATM 681  C  C1    . 1GL F 2 . ? 16.140  1.220   -3.140  1.00 15.85 ? 2   1GL F C1    1 
HETATM 682  C  C2    . 1GL F 2 . ? 17.406  0.880   -4.034  1.00 12.61 ? 2   1GL F C2    1 
HETATM 683  C  C3    . 1GL F 2 . ? 17.805  -0.580  -3.667  1.00 12.32 ? 2   1GL F C3    1 
HETATM 684  O  O3    . 1GL F 2 . ? 18.962  -0.917  -4.419  1.00 11.76 ? 2   1GL F O3    1 
HETATM 685  C  C4    . 1GL F 2 . ? 18.170  -0.834  -2.204  1.00 5.45  ? 2   1GL F C4    1 
HETATM 686  O  O4    . 1GL F 2 . ? 19.327  -0.061  -1.875  1.00 12.81 ? 2   1GL F O4    1 
HETATM 687  C  CME   . 1GL F 2 . ? 20.564  -0.742  -1.472  1.00 5.08  ? 2   1GL F CME   1 
HETATM 688  C  C5    . 1GL F 2 . ? 16.881  -0.473  -1.394  1.00 19.21 ? 2   1GL F C5    1 
HETATM 689  O  O5    . 1GL F 2 . ? 16.466  0.919   -1.747  1.00 12.61 ? 2   1GL F O5    1 
HETATM 690  C  C6    . 1GL F 2 . ? 17.245  -0.755  0.133   1.00 16.63 ? 2   1GL F C6    1 
HETATM 691  O  O1    . CDR G 3 . ? 3.576   -2.200  3.650   1.00 12.19 ? 1   CDR G O1    1 
HETATM 692  C  C1    . CDR G 3 . ? 2.257   -2.661  3.786   1.00 3.93  ? 1   CDR G C1    1 
HETATM 693  C  C2    . CDR G 3 . ? 2.297   -3.739  4.894   1.00 8.42  ? 1   CDR G C2    1 
HETATM 694  C  C3    . CDR G 3 . ? 0.831   -4.247  5.125   1.00 10.81 ? 1   CDR G C3    1 
HETATM 695  C  C4    . CDR G 3 . ? 0.020   -2.963  5.532   1.00 6.15  ? 1   CDR G C4    1 
HETATM 696  O  O4    . CDR G 3 . ? -1.356  -3.318  5.752   1.00 5.68  ? 1   CDR G O4    1 
HETATM 697  C  C5    . CDR G 3 . ? 0.081   -1.912  4.386   1.00 3.68  ? 1   CDR G C5    1 
HETATM 698  O  O5    . CDR G 3 . ? 1.422   -1.584  4.175   1.00 4.38  ? 1   CDR G O5    1 
HETATM 699  C  C6    . CDR G 3 . ? -0.750  -0.701  4.853   1.00 3.85  ? 1   CDR G C6    1 
HETATM 700  O  O1    . CDR G 3 . ? 0.781   -5.138  6.189   1.00 4.84  ? 2   CDR G O1    1 
HETATM 701  C  C1    . CDR G 3 . ? 0.090   -6.370  5.997   1.00 8.51  ? 2   CDR G C1    1 
HETATM 702  C  C2    . CDR G 3 . ? 0.296   -7.141  7.321   1.00 7.63  ? 2   CDR G C2    1 
HETATM 703  C  C3    . CDR G 3 . ? -0.427  -8.522  7.288   1.00 12.91 ? 2   CDR G C3    1 
HETATM 704  C  C4    . CDR G 3 . ? -1.948  -8.241  6.959   1.00 19.50 ? 2   CDR G C4    1 
HETATM 705  O  O4    . CDR G 3 . ? -2.647  -9.505  6.904   1.00 7.39  ? 2   CDR G O4    1 
HETATM 706  C  C5    . CDR G 3 . ? -2.041  -7.444  5.586   1.00 14.88 ? 2   CDR G C5    1 
HETATM 707  O  O5    . CDR G 3 . ? -1.318  -6.199  5.766   1.00 11.92 ? 2   CDR G O5    1 
HETATM 708  C  C6    . CDR G 3 . ? -3.524  -7.224  5.331   1.00 13.76 ? 2   CDR G C6    1 
HETATM 709  O  O1    . ERI G 3 . ? -0.370  -9.081  8.556   1.00 6.63  ? 3   ERI G O1    1 
HETATM 710  C  C1    . ERI G 3 . ? 0.897   -9.611  8.982   1.00 12.40 ? 3   ERI G C1    1 
HETATM 711  C  C2    . ERI G 3 . ? 0.801   -10.059 10.459  1.00 3.89  ? 3   ERI G C2    1 
HETATM 712  C  C3    . ERI G 3 . ? -0.099  -11.325 10.598  1.00 4.95  ? 3   ERI G C3    1 
HETATM 713  O  O3    . ERI G 3 . ? 0.083   -11.902 11.830  1.00 12.28 ? 3   ERI G O3    1 
HETATM 714  C  CC3   . ERI G 3 . ? -1.641  -11.021 10.490  1.00 12.22 ? 3   ERI G CC3   1 
HETATM 715  C  C4    . ERI G 3 . ? 0.362   -12.475 9.593   1.00 6.82  ? 3   ERI G C4    1 
HETATM 716  O  O4    . ERI G 3 . ? -0.487  -13.673 9.734   1.00 16.80 ? 3   ERI G O4    1 
HETATM 717  C  CME   . ERI G 3 . ? -0.948  -16.133 10.157  1.00 26.92 ? 3   ERI G CME   1 
HETATM 718  C  CO4   . ERI G 3 . ? 0.014   -14.883 10.178  1.00 9.81  ? 3   ERI G CO4   1 
HETATM 719  O  OC4   . ERI G 3 . ? 1.122   -15.027 10.589  1.00 14.55 ? 3   ERI G OC4   1 
HETATM 720  C  C5    . ERI G 3 . ? 0.353   -11.857 8.119   1.00 7.46  ? 3   ERI G C5    1 
HETATM 721  O  O5    . ERI G 3 . ? 1.245   -10.750 8.148   1.00 8.24  ? 3   ERI G O5    1 
HETATM 722  C  C6    . ERI G 3 . ? 0.843   -12.963 7.174   1.00 15.80 ? 3   ERI G C6    1 
HETATM 723  O  O1    . CDR H 3 . ? 1.390   -4.053  -3.118  1.00 13.04 ? 1   CDR H O1    1 
HETATM 724  C  C1    . CDR H 3 . ? 2.137   -2.843  -2.967  1.00 11.92 ? 1   CDR H C1    1 
HETATM 725  C  C2    . CDR H 3 . ? 3.409   -3.002  -3.878  1.00 1.73  ? 1   CDR H C2    1 
HETATM 726  C  C3    . CDR H 3 . ? 4.298   -1.718  -3.832  1.00 4.63  ? 1   CDR H C3    1 
HETATM 727  C  C4    . CDR H 3 . ? 3.264   -0.489  -4.213  1.00 3.86  ? 1   CDR H C4    1 
HETATM 728  O  O4    . CDR H 3 . ? 3.973   0.759   -4.125  1.00 15.73 ? 1   CDR H O4    1 
HETATM 729  C  C5    . CDR H 3 . ? 2.009   -0.454  -3.247  1.00 1.73  ? 1   CDR H C5    1 
HETATM 730  O  O5    . CDR H 3 . ? 1.349   -1.712  -3.376  1.00 8.46  ? 1   CDR H O5    1 
HETATM 731  C  C6    . CDR H 3 . ? 1.104   0.688   -3.712  1.00 5.24  ? 1   CDR H C6    1 
HETATM 732  O  O1    . CDR H 3 . ? 5.197   -1.865  -4.885  1.00 14.91 ? 2   CDR H O1    1 
HETATM 733  C  C1    . CDR H 3 . ? 6.486   -1.314  -4.769  1.00 5.09  ? 2   CDR H C1    1 
HETATM 734  C  C2    . CDR H 3 . ? 7.251   -1.824  -6.011  1.00 11.31 ? 2   CDR H C2    1 
HETATM 735  C  C3    . CDR H 3 . ? 8.731   -1.285  -6.049  1.00 7.25  ? 2   CDR H C3    1 
HETATM 736  C  C4    . CDR H 3 . ? 8.625   0.301   -5.940  1.00 10.19 ? 2   CDR H C4    1 
HETATM 737  O  O4    . CDR H 3 . ? 9.949   0.845   -5.885  1.00 9.11  ? 2   CDR H O4    1 
HETATM 738  C  C5    . CDR H 3 . ? 7.793   0.737   -4.682  1.00 15.87 ? 2   CDR H C5    1 
HETATM 739  O  O5    . CDR H 3 . ? 6.485   0.135   -4.799  1.00 13.84 ? 2   CDR H O5    1 
HETATM 740  C  C6    . CDR H 3 . ? 7.748   2.269   -4.743  1.00 11.95 ? 2   CDR H C6    1 
HETATM 741  O  O1    . ERI H 3 . ? 9.213   -1.556  -7.325  1.00 10.20 ? 3   ERI H O1    1 
HETATM 742  C  C1    . ERI H 3 . ? 9.776   -2.810  -7.588  1.00 12.33 ? 3   ERI H C1    1 
HETATM 743  C  C2    . ERI H 3 . ? 10.296  -2.881  -9.091  1.00 11.21 ? 3   ERI H C2    1 
HETATM 744  C  C3    . ERI H 3 . ? 11.567  -2.024  -9.355  1.00 1.73  ? 3   ERI H C3    1 
HETATM 745  O  O3    . ERI H 3 . ? 12.077  -2.322  -10.640 1.00 14.37 ? 3   ERI H O3    1 
HETATM 746  C  CC3   . ERI H 3 . ? 11.286  -0.479  -9.305  1.00 8.74  ? 3   ERI H CC3   1 
HETATM 747  C  C4    . ERI H 3 . ? 12.721  -2.478  -8.348  1.00 1.94  ? 3   ERI H C4    1 
HETATM 748  O  O4    . ERI H 3 . ? 13.991  -1.772  -8.606  1.00 16.15 ? 3   ERI H O4    1 
HETATM 749  C  CME   . ERI H 3 . ? 16.517  -1.548  -8.744  1.00 12.45 ? 3   ERI H CME   1 
HETATM 750  C  CO4   . ERI H 3 . ? 15.198  -2.417  -8.831  1.00 9.12  ? 3   ERI H CO4   1 
HETATM 751  O  OC4   . ERI H 3 . ? 15.296  -3.580  -9.111  1.00 17.99 ? 3   ERI H OC4   1 
HETATM 752  C  C5    . ERI H 3 . ? 12.149  -2.270  -6.889  1.00 1.78  ? 3   ERI H C5    1 
HETATM 753  O  O5    . ERI H 3 . ? 10.895  -3.032  -6.720  1.00 9.71  ? 3   ERI H O5    1 
HETATM 754  C  C6    . ERI H 3 . ? 13.254  -2.747  -5.867  1.00 2.55  ? 3   ERI H C6    1 
HETATM 755  O  O1    . ARI I 2 . ? -13.212 1.791   0.285   1.00 14.07 ? 1   ARI I O1    1 
HETATM 756  C  C1    . ARI I 2 . ? -13.875 1.039   1.281   1.00 9.13  ? 1   ARI I C1    1 
HETATM 757  C  C2    . ARI I 2 . ? -15.268 1.543   1.555   1.00 7.16  ? 1   ARI I C2    1 
HETATM 758  C  C3    . ARI I 2 . ? -16.065 0.697   2.558   1.00 14.52 ? 1   ARI I C3    1 
HETATM 759  C  C4    . ARI I 2 . ? -15.989 -0.850  2.062   1.00 18.01 ? 1   ARI I C4    1 
HETATM 760  O  O4    . ARI I 2 . ? -16.764 -1.046  0.799   1.00 15.22 ? 1   ARI I O4    1 
HETATM 761  C  CME   . ARI I 2 . ? -18.658 -0.350  -0.712  1.00 16.02 ? 1   ARI I CME   1 
HETATM 762  C  CO4   . ARI I 2 . ? -18.081 -0.886  0.673   1.00 20.28 ? 1   ARI I CO4   1 
HETATM 763  O  OC4   . ARI I 2 . ? -18.822 -1.194  1.617   1.00 12.01 ? 1   ARI I OC4   1 
HETATM 764  C  C5    . ARI I 2 . ? -14.538 -1.226  1.833   1.00 10.04 ? 1   ARI I C5    1 
HETATM 765  O  O5    . ARI I 2 . ? -13.946 -0.337  0.914   1.00 4.20  ? 1   ARI I O5    1 
HETATM 766  C  C6    . ARI I 2 . ? -14.482 -2.676  1.261   1.00 8.21  ? 1   ARI I C6    1 
HETATM 767  O  O1    . 1GL I 2 . ? -17.375 1.156   2.498   1.00 21.68 ? 2   1GL I O1    1 
HETATM 768  C  C1    . 1GL I 2 . ? -18.251 0.982   3.667   1.00 13.46 ? 2   1GL I C1    1 
HETATM 769  C  C2    . 1GL I 2 . ? -19.654 1.443   3.271   1.00 8.47  ? 2   1GL I C2    1 
HETATM 770  C  C3    . 1GL I 2 . ? -19.525 2.960   3.077   1.00 19.94 ? 2   1GL I C3    1 
HETATM 771  O  O3    . 1GL I 2 . ? -20.817 3.364   2.677   1.00 19.63 ? 2   1GL I O3    1 
HETATM 772  C  C4    . 1GL I 2 . ? -19.095 3.746   4.391   1.00 15.55 ? 2   1GL I C4    1 
HETATM 773  O  O4    . 1GL I 2 . ? -20.057 3.465   5.468   1.00 18.98 ? 2   1GL I O4    1 
HETATM 774  C  CME   . 1GL I 2 . ? -20.874 4.524   5.990   1.00 23.94 ? 2   1GL I CME   1 
HETATM 775  C  C5    . 1GL I 2 . ? -17.650 3.191   4.660   1.00 13.98 ? 2   1GL I C5    1 
HETATM 776  O  O5    . 1GL I 2 . ? -17.779 1.764   4.790   1.00 12.75 ? 2   1GL I O5    1 
HETATM 777  C  C6    . 1GL I 2 . ? -17.068 3.876   5.932   1.00 6.99  ? 2   1GL I C6    1 
HETATM 778  O  O1    . CDR J 3 . ? -3.478  0.486   1.730   1.00 9.06  ? 1   CDR J O1    1 
HETATM 779  C  C1    . CDR J 3 . ? -2.289  0.618   0.907   1.00 3.71  ? 1   CDR J C1    1 
HETATM 780  C  C2    . CDR J 3 . ? -1.466  1.810   1.494   1.00 6.04  ? 1   CDR J C2    1 
HETATM 781  C  C3    . CDR J 3 . ? -0.125  1.963   0.745   1.00 17.00 ? 1   CDR J C3    1 
HETATM 782  C  C4    . CDR J 3 . ? 0.580   0.480   0.799   1.00 3.08  ? 1   CDR J C4    1 
HETATM 783  O  O4    . CDR J 3 . ? 1.804   0.501   0.080   1.00 20.57 ? 1   CDR J O4    1 
HETATM 784  C  C5    . CDR J 3 . ? -0.343  -0.603  0.175   1.00 18.37 ? 1   CDR J C5    1 
HETATM 785  O  O5    . CDR J 3 . ? -1.528  -0.581  0.941   1.00 11.81 ? 1   CDR J O5    1 
HETATM 786  C  C6    . CDR J 3 . ? 0.399   -1.950  0.299   1.00 8.66  ? 1   CDR J C6    1 
HETATM 787  O  O1    . CDR J 3 . ? 0.625   2.841   1.520   1.00 10.86 ? 2   CDR J O1    1 
HETATM 788  C  C1    . CDR J 3 . ? 1.403   3.748   0.796   1.00 8.87  ? 2   CDR J C1    1 
HETATM 789  C  C2    . CDR J 3 . ? 1.954   4.797   1.798   1.00 5.26  ? 2   CDR J C2    1 
HETATM 790  C  C3    . CDR J 3 . ? 2.855   5.818   1.027   1.00 5.49  ? 2   CDR J C3    1 
HETATM 791  C  C4    . CDR J 3 . ? 3.962   4.981   0.349   1.00 7.61  ? 2   CDR J C4    1 
HETATM 792  O  O4    . CDR J 3 . ? 4.819   5.876   -0.395  1.00 3.40  ? 2   CDR J O4    1 
HETATM 793  C  C5    . CDR J 3 . ? 3.304   3.925   -0.616  1.00 3.52  ? 2   CDR J C5    1 
HETATM 794  O  O5    . CDR J 3 . ? 2.471   3.091   0.171   1.00 8.42  ? 2   CDR J O5    1 
HETATM 795  C  C6    . CDR J 3 . ? 4.442   3.087   -1.264  1.00 13.80 ? 2   CDR J C6    1 
HETATM 796  O  O1    . ERI J 3 . ? 3.461   6.693   1.910   1.00 13.37 ? 3   ERI J O1    1 
HETATM 797  C  C1    . ERI J 3 . ? 2.669   7.729   2.498   1.00 12.04 ? 3   ERI J C1    1 
HETATM 798  C  C2    . ERI J 3 . ? 3.452   8.311   3.670   1.00 3.27  ? 3   ERI J C2    1 
HETATM 799  C  C3    . ERI J 3 . ? 4.719   9.080   3.203   1.00 3.90  ? 3   ERI J C3    1 
HETATM 800  O  O3    . ERI J 3 . ? 5.299   9.843   4.279   1.00 11.06 ? 3   ERI J O3    1 
HETATM 801  C  CC3   . ERI J 3 . ? 5.825   8.115   2.714   1.00 10.00 ? 3   ERI J CC3   1 
HETATM 802  C  C4    . ERI J 3 . ? 4.256   10.201  2.131   1.00 3.34  ? 3   ERI J C4    1 
HETATM 803  O  O4    . ERI J 3 . ? 5.299   11.077  1.703   1.00 10.67 ? 3   ERI J O4    1 
HETATM 804  C  CME   . ERI J 3 . ? 6.023   13.539  1.491   1.00 20.23 ? 3   ERI J CME   1 
HETATM 805  C  CO4   . ERI J 3 . ? 5.086   12.400  2.087   1.00 6.90  ? 3   ERI J CO4   1 
HETATM 806  O  OC4   . ERI J 3 . ? 4.212   12.706  2.899   1.00 13.35 ? 3   ERI J OC4   1 
HETATM 807  C  C5    . ERI J 3 . ? 3.464   9.505   0.946   1.00 1.73  ? 3   ERI J C5    1 
HETATM 808  O  O5    . ERI J 3 . ? 2.387   8.807   1.560   1.00 4.80  ? 3   ERI J O5    1 
HETATM 809  C  C6    . ERI J 3 . ? 2.956   10.611  -0.025  1.00 1.73  ? 3   ERI J C6    1 
HETATM 810  O  O1    . ARI K 2 . ? 1.708   7.312   -2.289  1.00 4.53  ? 1   ARI K O1    1 
HETATM 811  C  C1    . ARI K 2 . ? 2.722   7.467   -3.282  1.00 3.45  ? 1   ARI K C1    1 
HETATM 812  C  C2    . ARI K 2 . ? 3.464   8.811   -3.157  1.00 15.76 ? 1   ARI K C2    1 
HETATM 813  C  C3    . ARI K 2 . ? 4.627   9.017   -4.138  1.00 16.12 ? 1   ARI K C3    1 
HETATM 814  C  C4    . ARI K 2 . ? 5.615   7.754   -3.944  1.00 11.13 ? 1   ARI K C4    1 
HETATM 815  O  O4    . ARI K 2 . ? 6.126   7.807   -2.550  1.00 8.80  ? 1   ARI K O4    1 
HETATM 816  C  CME   . ARI K 2 . ? 7.229   8.903   -0.516  1.00 12.29 ? 1   ARI K CME   1 
HETATM 817  C  CO4   . ARI K 2 . ? 7.022   8.724   -2.085  1.00 18.34 ? 1   ARI K CO4   1 
HETATM 818  O  OC4   . ARI K 2 . ? 7.749   9.337   -2.876  1.00 15.00 ? 1   ARI K OC4   1 
HETATM 819  C  C5    . ARI K 2 . ? 4.762   6.460   -4.155  1.00 12.10 ? 1   ARI K C5    1 
HETATM 820  O  O5    . ARI K 2 . ? 3.674   6.411   -3.206  1.00 11.41 ? 1   ARI K O5    1 
HETATM 821  C  C6    . ARI K 2 . ? 5.700   5.234   -3.943  1.00 15.80 ? 1   ARI K C6    1 
HETATM 822  O  O1    . 1GL K 2 . ? 5.244   10.242  -3.850  1.00 22.05 ? 2   1GL K O1    1 
HETATM 823  C  C1    . 1GL K 2 . ? 5.941   10.920  -4.951  1.00 18.51 ? 2   1GL K C1    1 
HETATM 824  C  C2    . 1GL K 2 . ? 6.664   12.199  -4.456  1.00 12.54 ? 2   1GL K C2    1 
HETATM 825  C  C3    . 1GL K 2 . ? 5.545   13.195  -4.127  1.00 9.46  ? 2   1GL K C3    1 
HETATM 826  O  O3    . 1GL K 2 . ? 6.217   14.367  -3.707  1.00 22.29 ? 2   1GL K O3    1 
HETATM 827  C  C4    . 1GL K 2 . ? 4.610   13.533  -5.322  1.00 19.28 ? 2   1GL K C4    1 
HETATM 828  O  O4    . 1GL K 2 . ? 5.402   14.094  -6.411  1.00 30.64 ? 2   1GL K O4    1 
HETATM 829  C  CME   . 1GL K 2 . ? 5.028   15.370  -6.989  1.00 27.85 ? 2   1GL K CME   1 
HETATM 830  C  C5    . 1GL K 2 . ? 3.929   12.162  -5.685  1.00 4.59  ? 2   1GL K C5    1 
HETATM 831  O  O5    . 1GL K 2 . ? 5.024   11.304  -6.000  1.00 9.33  ? 2   1GL K O5    1 
HETATM 832  C  C6    . 1GL K 2 . ? 3.001   12.454  -6.889  1.00 25.87 ? 2   1GL K C6    1 
HETATM 833  O  O1    . CDR L 3 . ? -5.293  1.188   -5.656  1.00 1.73  ? 1   CDR L O1    1 
HETATM 834  C  C1    . CDR L 3 . ? -6.082  0.241   -5.009  1.00 12.05 ? 1   CDR L C1    1 
HETATM 835  C  C2    . CDR L 3 . ? -7.550  0.762   -5.200  1.00 11.40 ? 1   CDR L C2    1 
HETATM 836  C  C3    . CDR L 3 . ? -8.573  -0.192  -4.501  1.00 20.14 ? 1   CDR L C3    1 
HETATM 837  C  C4    . CDR L 3 . ? -8.308  -1.627  -5.163  1.00 12.92 ? 1   CDR L C4    1 
HETATM 838  O  O4    . CDR L 3 . ? -9.220  -2.584  -4.531  1.00 13.52 ? 1   CDR L O4    1 
HETATM 839  C  C5    . CDR L 3 . ? -6.736  -2.065  -4.961  1.00 8.61  ? 1   CDR L C5    1 
HETATM 840  O  O5    . CDR L 3 . ? -5.912  -1.056  -5.604  1.00 11.16 ? 1   CDR L O5    1 
HETATM 841  C  C6    . CDR L 3 . ? -6.542  -3.440  -5.634  1.00 12.95 ? 1   CDR L C6    1 
HETATM 842  O  O1    . CDR L 3 . ? -9.869  0.277   -4.753  1.00 8.89  ? 2   CDR L O1    1 
HETATM 843  C  C1    . CDR L 3 . ? -10.839 0.205   -3.703  1.00 15.36 ? 2   CDR L C1    1 
HETATM 844  C  C2    . CDR L 3 . ? -12.139 0.784   -4.324  1.00 7.29  ? 2   CDR L C2    1 
HETATM 845  C  C3    . CDR L 3 . ? -13.314 0.695   -3.319  1.00 8.17  ? 2   CDR L C3    1 
HETATM 846  C  C4    . CDR L 3 . ? -13.424 -0.792  -2.820  1.00 7.03  ? 2   CDR L C4    1 
HETATM 847  O  O4    . CDR L 3 . ? -14.492 -0.818  -1.878  1.00 16.19 ? 2   CDR L O4    1 
HETATM 848  C  C5    . CDR L 3 . ? -12.065 -1.275  -2.182  1.00 11.30 ? 2   CDR L C5    1 
HETATM 849  O  O5    . CDR L 3 . ? -11.084 -1.164  -3.233  1.00 11.42 ? 2   CDR L O5    1 
HETATM 850  C  C6    . CDR L 3 . ? -12.297 -2.756  -1.711  1.00 3.79  ? 2   CDR L C6    1 
HETATM 851  O  O1    . ERI L 3 . ? -14.471 0.948   -4.004  1.00 4.90  ? 3   ERI L O1    1 
HETATM 852  C  C1    . ERI L 3 . ? -14.761 2.344   -4.315  1.00 10.54 ? 3   ERI L C1    1 
HETATM 853  C  C2    . ERI L 3 . ? -15.992 2.432   -5.223  1.00 9.39  ? 3   ERI L C2    1 
HETATM 854  C  C3    . ERI L 3 . ? -17.268 1.946   -4.516  1.00 8.90  ? 3   ERI L C3    1 
HETATM 855  O  O3    . ERI L 3 . ? -18.432 2.155   -5.349  1.00 19.52 ? 3   ERI L O3    1 
HETATM 856  C  CC3   . ERI L 3 . ? -17.230 0.398   -4.238  1.00 6.10  ? 3   ERI L CC3   1 
HETATM 857  C  C4    . ERI L 3 . ? -17.508 2.939   -3.237  1.00 10.33 ? 3   ERI L C4    1 
HETATM 858  O  O4    . ERI L 3 . ? -18.777 2.659   -2.601  1.00 18.29 ? 3   ERI L O4    1 
HETATM 859  C  CME   . ERI L 3 . ? -20.346 3.294   -0.733  1.00 11.03 ? 3   ERI L CME   1 
HETATM 860  C  CO4   . ERI L 3 . ? -19.538 3.668   -2.037  1.00 8.04  ? 3   ERI L CO4   1 
HETATM 861  O  OC4   . ERI L 3 . ? -19.584 4.821   -2.460  1.00 17.08 ? 3   ERI L OC4   1 
HETATM 862  C  C5    . ERI L 3 . ? -16.205 2.808   -2.325  1.00 4.86  ? 3   ERI L C5    1 
HETATM 863  O  O5    . ERI L 3 . ? -15.053 3.138   -3.123  1.00 15.97 ? 3   ERI L O5    1 
HETATM 864  C  C6    . ERI L 3 . ? -16.321 3.745   -1.130  1.00 23.78 ? 3   ERI L C6    1 
HETATM 865  MG MG    . MG  M 4 . ? 4.189   -5.126  0.301   1.00 5.92  ? 81  MG  A MG    1 
HETATM 866  C  C1    . CPH N 5 . ? 1.382   -4.994  -0.920  1.00 16.41 ? 33  CPH A C1    1 
HETATM 867  O  O1    . CPH N 5 . ? 2.554   -4.598  -0.789  1.00 14.44 ? 33  CPH A O1    1 
HETATM 868  C  C2    . CPH N 5 . ? 0.534   -4.392  -2.078  1.00 16.33 ? 33  CPH A C2    1 
HETATM 869  C  C3    . CPH N 5 . ? -0.557  -5.439  -2.587  1.00 12.21 ? 33  CPH A C3    1 
HETATM 870  C  C4    . CPH N 5 . ? -1.290  -5.928  -1.319  1.00 8.19  ? 33  CPH A C4    1 
HETATM 871  C  C5    . CPH N 5 . ? -0.804  -9.101  2.575   1.00 11.53 ? 33  CPH A C5    1 
HETATM 872  C  C6    . CPH N 5 . ? 0.025   -9.637  3.575   1.00 8.32  ? 33  CPH A C6    1 
HETATM 873  C  C7    . CPH N 5 . ? 1.341   -9.196  3.805   1.00 15.73 ? 33  CPH A C7    1 
HETATM 874  C  C8    . CPH N 5 . ? 1.951   -8.153  3.013   1.00 6.40  ? 33  CPH A C8    1 
HETATM 875  O  O8    . CPH N 5 . ? 3.273   -7.656  3.178   1.00 14.35 ? 33  CPH A O8    1 
HETATM 876  C  C9    . CPH N 5 . ? 1.650   -6.547  1.078   1.00 13.29 ? 33  CPH A C9    1 
HETATM 877  O  O9    . CPH N 5 . ? 2.914   -6.089  1.264   1.00 11.19 ? 33  CPH A O9    1 
HETATM 878  C  "C1'" . CPH N 5 . ? -1.626  -4.866  -3.764  1.00 10.11 ? 33  CPH A "C1'" 1 
HETATM 879  O  "O1'" . CPH N 5 . ? -3.120  -4.835  -3.717  1.00 14.17 ? 33  CPH A "O1'" 1 
HETATM 880  C  C10   . CPH N 5 . ? -1.065  -7.500  0.673   1.00 4.04  ? 33  CPH A C10   1 
HETATM 881  C  "C2'" . CPH N 5 . ? -1.324  -5.427  -5.177  1.00 36.58 ? 33  CPH A "C2'" 1 
HETATM 882  O  "O2'" . CPH N 5 . ? -1.106  -4.635  -6.082  1.00 59.08 ? 33  CPH A "O2'" 1 
HETATM 883  C  "C3'" . CPH N 5 . ? -1.341  -6.911  -5.530  1.00 32.14 ? 33  CPH A "C3'" 1 
HETATM 884  O  "O3'" . CPH N 5 . ? -0.031  -7.412  -5.330  1.00 44.08 ? 33  CPH A "O3'" 1 
HETATM 885  C  "C4'" . CPH N 5 . ? -2.395  -7.721  -4.677  1.00 34.30 ? 33  CPH A "C4'" 1 
HETATM 886  O  "O4'" . CPH N 5 . ? -1.870  -8.235  -3.452  1.00 34.90 ? 33  CPH A "O4'" 1 
HETATM 887  C  C4A   . CPH N 5 . ? -0.469  -6.480  -0.177  1.00 8.63  ? 33  CPH A C4A   1 
HETATM 888  C  "C5'" . CPH N 5 . ? -2.919  -8.854  -5.572  1.00 33.55 ? 33  CPH A "C5'" 1 
HETATM 889  C  C5A   . CPH N 5 . ? -0.262  -8.067  1.739   1.00 7.82  ? 33  CPH A C5A   1 
HETATM 890  C  C8A   . CPH N 5 . ? 1.121   -7.570  1.946   1.00 11.83 ? 33  CPH A C8A   1 
HETATM 891  C  C9A   . CPH N 5 . ? 0.864   -5.983  -0.010  1.00 9.14  ? 33  CPH A C9A   1 
HETATM 892  C  CC7   . CPH N 5 . ? 2.081   -9.891  4.912   1.00 4.19  ? 33  CPH A CC7   1 
HETATM 893  C  CME   . CPH N 5 . ? -3.933  -3.874  -2.968  1.00 32.00 ? 33  CPH A CME   1 
HETATM 894  C  C1    . CPH O 5 . ? 4.372   -2.343  1.473   1.00 5.17  ? 23  CPH B C1    1 
HETATM 895  O  O1    . CPH O 5 . ? 3.844   -3.478  1.378   1.00 8.74  ? 23  CPH B O1    1 
HETATM 896  C  C2    . CPH O 5 . ? 3.820   -1.413  2.547   1.00 6.39  ? 23  CPH B C2    1 
HETATM 897  C  C3    . CPH O 5 . ? 4.860   -0.431  3.029   1.00 6.07  ? 23  CPH B C3    1 
HETATM 898  C  C4    . CPH O 5 . ? 5.459   0.226   1.810   1.00 11.82 ? 23  CPH B C4    1 
HETATM 899  C  C5    . CPH O 5 . ? 9.046   -0.743  -1.499  1.00 14.52 ? 23  CPH B C5    1 
HETATM 900  C  C6    . CPH O 5 . ? 9.567   -1.717  -2.388  1.00 5.58  ? 23  CPH B C6    1 
HETATM 901  C  C7    . CPH O 5 . ? 8.984   -2.997  -2.644  1.00 8.60  ? 23  CPH B C7    1 
HETATM 902  C  C8    . CPH O 5 . ? 7.779   -3.418  -1.985  1.00 7.15  ? 23  CPH B C8    1 
HETATM 903  O  O8    . CPH O 5 . ? 7.139   -4.671  -2.178  1.00 11.48 ? 23  CPH B O8    1 
HETATM 904  C  C9    . CPH O 5 . ? 6.022   -2.835  -0.303  1.00 1.73  ? 23  CPH B C9    1 
HETATM 905  O  O9    . CPH O 5 . ? 5.398   -4.032  -0.478  1.00 3.55  ? 23  CPH B O9    1 
HETATM 906  C  "C1'" . CPH O 5 . ? 4.076   0.489   3.971   1.00 30.94 ? 23  CPH B "C1'" 1 
HETATM 907  O  "O1'" . CPH O 5 . ? 3.819   1.848   3.777   1.00 13.20 ? 23  CPH B "O1'" 1 
HETATM 908  C  C10   . CPH O 5 . ? 7.244   -0.202  0.141   1.00 6.22  ? 23  CPH B C10   1 
HETATM 909  C  "C2'" . CPH O 5 . ? 4.527   0.267   5.420   1.00 25.47 ? 23  CPH B "C2'" 1 
HETATM 910  O  "O2'" . CPH O 5 . ? 3.772   -0.352  6.147   1.00 39.73 ? 23  CPH B "O2'" 1 
HETATM 911  C  "C3'" . CPH O 5 . ? 5.842   0.786   5.997   1.00 22.08 ? 23  CPH B "C3'" 1 
HETATM 912  O  "O3'" . CPH O 5 . ? 6.843   0.374   5.156   1.00 19.11 ? 23  CPH B "O3'" 1 
HETATM 913  C  "C4'" . CPH O 5 . ? 5.792   2.397   6.312   1.00 10.64 ? 23  CPH B "C4'" 1 
HETATM 914  O  "O4'" . CPH O 5 . ? 5.056   3.148   5.430   1.00 32.38 ? 23  CPH B "O4'" 1 
HETATM 915  C  C4A   . CPH O 5 . ? 6.101   -0.665  0.829   1.00 9.90  ? 23  CPH B C4A   1 
HETATM 916  C  "C5'" . CPH O 5 . ? 7.133   2.956   6.331   1.00 19.47 ? 23  CPH B "C5'" 1 
HETATM 917  C  C5A   . CPH O 5 . ? 7.843   -1.116  -0.800  1.00 16.82 ? 23  CPH B C5A   1 
HETATM 918  C  C8A   . CPH O 5 . ? 7.189   -2.468  -1.036  1.00 14.78 ? 23  CPH B C8A   1 
HETATM 919  C  C9A   . CPH O 5 . ? 5.483   -1.963  0.650   1.00 4.33  ? 23  CPH B C9A   1 
HETATM 920  C  CC7   . CPH O 5 . ? 9.695   -3.911  -3.642  1.00 5.01  ? 23  CPH B CC7   1 
HETATM 921  C  CME   . CPH O 5 . ? 2.465   2.331   4.040   1.00 32.01 ? 23  CPH B CME   1 
HETATM 922  C  C1    . CPH P 5 . ? -5.389  0.764   0.397   1.00 16.30 ? 73  CPH C C1    1 
HETATM 923  O  O1    . CPH P 5 . ? -4.764  1.640   -0.295  1.00 10.57 ? 73  CPH C O1    1 
HETATM 924  C  C2    . CPH P 5 . ? -4.556  -0.247  1.236   1.00 10.41 ? 73  CPH C C2    1 
HETATM 925  C  C3    . CPH P 5 . ? -5.447  -0.752  2.534   1.00 13.75 ? 73  CPH C C3    1 
HETATM 926  C  C4    . CPH P 5 . ? -6.781  -1.219  1.985   1.00 11.35 ? 73  CPH C C4    1 
HETATM 927  C  C5    . CPH P 5 . ? -11.175 0.608   0.814   1.00 12.44 ? 73  CPH C C5    1 
HETATM 928  C  C6    . CPH P 5 . ? -11.868 1.614   0.082   1.00 14.23 ? 73  CPH C C6    1 
HETATM 929  C  C7    . CPH P 5 . ? -11.284 2.587   -0.750  1.00 2.73  ? 73  CPH C C7    1 
HETATM 930  C  C8    . CPH P 5 . ? -9.901  2.674   -0.936  1.00 12.55 ? 73  CPH C C8    1 
HETATM 931  O  O8    . CPH P 5 . ? -9.273  3.657   -1.781  1.00 7.42  ? 73  CPH C O8    1 
HETATM 932  C  C9    . CPH P 5 . ? -7.643  1.682   -0.288  1.00 8.21  ? 73  CPH C C9    1 
HETATM 933  O  O9    . CPH P 5 . ? -7.001  2.627   -1.055  1.00 12.10 ? 73  CPH C O9    1 
HETATM 934  C  "C1'" . CPH P 5 . ? -4.798  -1.943  3.534   1.00 17.00 ? 73  CPH C "C1'" 1 
HETATM 935  O  "O1'" . CPH P 5 . ? -5.521  -3.251  3.731   1.00 13.92 ? 73  CPH C "O1'" 1 
HETATM 936  C  C10   . CPH P 5 . ? -8.979  -0.322  1.359   1.00 18.45 ? 73  CPH C C10   1 
HETATM 937  C  "C2'" . CPH P 5 . ? -4.688  -1.376  4.995   1.00 8.64  ? 73  CPH C "C2'" 1 
HETATM 938  O  "O2'" . CPH P 5 . ? -3.986  -0.422  5.242   1.00 23.55 ? 73  CPH C "O2'" 1 
HETATM 939  C  "C3'" . CPH P 5 . ? -5.512  -2.022  6.165   1.00 23.69 ? 73  CPH C "C3'" 1 
HETATM 940  O  "O3'" . CPH P 5 . ? -5.048  -1.570  7.400   1.00 49.79 ? 73  CPH C "O3'" 1 
HETATM 941  C  "C4'" . CPH P 5 . ? -7.059  -1.755  6.191   1.00 14.31 ? 73  CPH C "C4'" 1 
HETATM 942  O  "O4'" . CPH P 5 . ? -7.840  -2.919  5.905   1.00 45.07 ? 73  CPH C "O4'" 1 
HETATM 943  C  C4A   . CPH P 5 . ? -7.550  -0.235  1.216   1.00 7.52  ? 73  CPH C C4A   1 
HETATM 944  C  "C5'" . CPH P 5 . ? -7.431  -0.645  5.228   1.00 9.46  ? 73  CPH C "C5'" 1 
HETATM 945  C  C5A   . CPH P 5 . ? -9.769  0.631   0.674   1.00 9.05  ? 73  CPH C C5A   1 
HETATM 946  C  C8A   . CPH P 5 . ? -9.081  1.664   -0.198  1.00 17.52 ? 73  CPH C C8A   1 
HETATM 947  C  C9A   . CPH P 5 . ? -6.843  0.739   0.424   1.00 13.26 ? 73  CPH C C9A   1 
HETATM 948  C  CC7   . CPH P 5 . ? -12.216 3.560   -1.458  1.00 10.03 ? 73  CPH C CC7   1 
HETATM 949  C  CME   . CPH P 5 . ? -4.988  -4.557  4.062   1.00 21.65 ? 73  CPH C CME   1 
HETATM 950  MG MG    . MG  Q 4 . ? -5.282  3.179   -1.570  1.00 9.09  ? 82  MG  D MG    1 
HETATM 951  C  C1    . CPH R 5 . ? -3.836  2.045   -4.056  1.00 12.53 ? 63  CPH D C1    1 
HETATM 952  O  O1    . CPH R 5 . ? -4.789  2.007   -3.254  1.00 10.38 ? 63  CPH D O1    1 
HETATM 953  C  C2    . CPH R 5 . ? -3.953  1.189   -5.330  1.00 5.58  ? 63  CPH D C2    1 
HETATM 954  C  C3    . CPH R 5 . ? -3.141  1.859   -6.556  1.00 1.73  ? 63  CPH D C3    1 
HETATM 955  C  C4    . CPH R 5 . ? -1.709  2.068   -6.012  1.00 14.86 ? 63  CPH D C4    1 
HETATM 956  C  C5    . CPH R 5 . ? 0.761   5.460   -3.447  1.00 2.75  ? 63  CPH D C5    1 
HETATM 957  C  C6    . CPH R 5 . ? 0.770   6.298   -2.349  1.00 7.45  ? 63  CPH D C6    1 
HETATM 958  C  C7    . CPH R 5 . ? -0.226  6.327   -1.356  1.00 15.24 ? 63  CPH D C7    1 
HETATM 959  C  C8    . CPH R 5 . ? -1.369  5.474   -1.380  1.00 12.89 ? 63  CPH D C8    1 
HETATM 960  O  O8    . CPH R 5 . ? -2.414  5.438   -0.422  1.00 17.16 ? 63  CPH D O8    1 
HETATM 961  C  C9    . CPH R 5 . ? -2.578  3.737   -2.661  1.00 5.39  ? 63  CPH D C9    1 
HETATM 962  O  O9    . CPH R 5 . ? -3.547  3.760   -1.735  1.00 4.42  ? 63  CPH D O9    1 
HETATM 963  C  "C1'" . CPH R 5 . ? -3.134  1.007   -7.996  1.00 24.89 ? 63  CPH D "C1'" 1 
HETATM 964  O  "O1'" . CPH R 5 . ? -1.872  0.497   -8.640  1.00 17.87 ? 63  CPH D "O1'" 1 
HETATM 965  C  C10   . CPH R 5 . ? -0.472  3.739   -4.667  1.00 10.91 ? 63  CPH D C10   1 
HETATM 966  C  "C2'" . CPH R 5 . ? -3.814  1.936   -9.045  1.00 33.41 ? 63  CPH D "C2'" 1 
HETATM 967  O  "O2'" . CPH R 5 . ? -3.903  3.115   -8.793  1.00 52.23 ? 63  CPH D "O2'" 1 
HETATM 968  C  "C3'" . CPH R 5 . ? -4.320  1.460   -10.408 1.00 33.30 ? 63  CPH D "C3'" 1 
HETATM 969  O  "O3'" . CPH R 5 . ? -5.051  0.316   -10.228 1.00 10.21 ? 63  CPH D "O3'" 1 
HETATM 970  C  "C4'" . CPH R 5 . ? -5.190  2.541   -11.132 1.00 40.84 ? 63  CPH D "C4'" 1 
HETATM 971  O  "O4'" . CPH R 5 . ? -6.529  2.607   -10.690 1.00 43.06 ? 63  CPH D "O4'" 1 
HETATM 972  C  C4A   . CPH R 5 . ? -1.622  2.918   -4.777  1.00 14.61 ? 63  CPH D C4A   1 
HETATM 973  C  "C5'" . CPH R 5 . ? -5.138  2.242   -12.620 1.00 46.25 ? 63  CPH D "C5'" 1 
HETATM 974  C  C5A   . CPH R 5 . ? -0.367  4.590   -3.555  1.00 9.95  ? 63  CPH D C5A   1 
HETATM 975  C  C8A   . CPH R 5 . ? -1.457  4.584   -2.519  1.00 14.06 ? 63  CPH D C8A   1 
HETATM 976  C  C9A   . CPH R 5 . ? -2.707  2.882   -3.813  1.00 2.95  ? 63  CPH D C9A   1 
HETATM 977  C  CC7   . CPH R 5 . ? -0.050  7.297   -0.288  1.00 1.73  ? 63  CPH D CC7   1 
HETATM 978  C  CME   . CPH R 5 . ? -1.615  -0.781  -9.318  1.00 30.93 ? 63  CPH D CME   1 
HETATM 979  O  O     . HOH S 6 . ? 5.735   -5.921  -14.682 1.00 18.01 ? 204 HOH A O     1 
HETATM 980  O  O     . HOH S 6 . ? 9.031   -16.182 5.190   1.00 32.79 ? 238 HOH A O     1 
HETATM 981  O  O     . HOH S 6 . ? 7.984   -14.392 1.408   1.00 33.89 ? 239 HOH A O     1 
HETATM 982  O  O     . HOH S 6 . ? -2.284  -14.353 1.571   1.00 32.86 ? 240 HOH A O     1 
HETATM 983  O  O     . HOH S 6 . ? 9.193   -19.050 9.068   1.00 13.78 ? 242 HOH A O     1 
HETATM 984  O  O     . HOH S 6 . ? 9.185   -21.974 11.922  1.00 39.61 ? 243 HOH A O     1 
HETATM 985  O  O     . HOH S 6 . ? -1.855  -11.384 -3.210  1.00 31.40 ? 260 HOH A O     1 
HETATM 986  O  O     . HOH S 6 . ? -5.785  -6.625  -3.430  1.00 42.59 ? 261 HOH A O     1 
HETATM 987  O  O     . HOH S 6 . ? 11.257  -13.302 7.151   1.00 28.54 ? 264 HOH A O     1 
HETATM 988  O  O     . HOH S 6 . ? 1.034   -11.184 -7.404  0.50 31.99 ? 268 HOH A O     1 
HETATM 989  O  O     . HOH S 6 . ? -1.416  -23.062 6.223   1.00 19.63 ? 270 HOH A O     1 
HETATM 990  O  O     . HOH S 6 . ? 3.607   -2.039  -14.975 0.50 33.19 ? 280 HOH A O     1 
HETATM 991  O  O     . HOH S 6 . ? 7.239   -11.176 -6.855  1.00 20.99 ? 286 HOH A O     1 
HETATM 992  O  O     . HOH S 6 . ? 13.395  -17.307 9.000   1.00 28.51 ? 304 HOH A O     1 
HETATM 993  O  O     . HOH S 6 . ? 4.076   -7.329  -12.117 1.00 30.79 ? 317 HOH A O     1 
HETATM 994  O  O     . HOH S 6 . ? 4.960   -9.407  -9.950  1.00 33.62 ? 318 HOH A O     1 
HETATM 995  O  O     . HOH S 6 . ? 7.892   -24.196 12.781  1.00 18.63 ? 322 HOH A O     1 
HETATM 996  O  O     . HOH S 6 . ? -7.351  -13.396 5.145   1.00 35.86 ? 343 HOH A O     1 
HETATM 997  O  O     . HOH S 6 . ? 9.264   -13.527 -3.545  1.00 37.07 ? 375 HOH A O     1 
HETATM 998  O  O     . HOH S 6 . ? 9.878   -15.054 -5.648  1.00 26.26 ? 379 HOH A O     1 
HETATM 999  O  O     . HOH S 6 . ? 5.419   -0.450  -17.987 1.00 35.30 ? 390 HOH A O     1 
HETATM 1000 O  O     . HOH S 6 . ? 5.194   -13.827 -2.611  1.00 41.23 ? 397 HOH A O     1 
HETATM 1001 O  O     . HOH S 6 . ? 5.796   -18.226 4.105   1.00 40.17 ? 405 HOH A O     1 
HETATM 1002 O  O     . HOH S 6 . ? 6.858   -23.823 9.447   1.00 30.75 ? 407 HOH A O     1 
HETATM 1003 O  O     . HOH S 6 . ? -1.602  -20.742 0.301   0.50 68.67 ? 409 HOH A O     1 
HETATM 1004 O  O     . HOH S 6 . ? -4.601  -23.362 3.102   1.00 46.99 ? 416 HOH A O     1 
HETATM 1005 O  O     . HOH S 6 . ? -5.237  -18.688 3.138   1.00 17.29 ? 417 HOH A O     1 
HETATM 1006 O  O     . HOH S 6 . ? -6.496  -20.784 8.638   1.00 28.71 ? 418 HOH A O     1 
HETATM 1007 O  O     . HOH S 6 . ? 0.919   -21.669 7.762   1.00 40.80 ? 423 HOH A O     1 
HETATM 1008 O  O     . HOH S 6 . ? 9.084   -15.794 -0.838  1.00 38.05 ? 439 HOH A O     1 
HETATM 1009 O  O     . HOH S 6 . ? 2.054   -13.781 -4.340  1.00 24.63 ? 440 HOH A O     1 
HETATM 1010 O  O     . HOH S 6 . ? -1.394  -16.782 -1.718  1.00 27.00 ? 441 HOH A O     1 
HETATM 1011 O  O     . HOH S 6 . ? 5.034   -6.484  -0.992  1.00 4.39  ? 481 HOH A O     1 
HETATM 1012 O  O     . HOH T 6 . ? 22.813  -10.002 -9.400  1.00 22.14 ? 205 HOH B O     1 
HETATM 1013 O  O     . HOH T 6 . ? 21.379  -12.708 -6.750  1.00 15.27 ? 206 HOH B O     1 
HETATM 1014 O  O     . HOH T 6 . ? 21.470  -12.467 -4.265  1.00 24.96 ? 207 HOH B O     1 
HETATM 1015 O  O     . HOH T 6 . ? 17.908  -7.989  -10.709 1.00 26.75 ? 208 HOH B O     1 
HETATM 1016 O  O     . HOH T 6 . ? 19.018  -8.413  -4.557  1.00 40.73 ? 209 HOH B O     1 
HETATM 1017 O  O     . HOH T 6 . ? 19.191  3.791   -6.457  1.00 31.28 ? 210 HOH B O     1 
HETATM 1018 O  O     . HOH T 6 . ? 11.016  3.181   -9.933  1.00 33.21 ? 213 HOH B O     1 
HETATM 1019 O  O     . HOH T 6 . ? 6.777   4.438   -7.282  1.00 22.37 ? 214 HOH B O     1 
HETATM 1020 O  O     . HOH T 6 . ? 14.975  3.848   -8.820  1.00 25.69 ? 215 HOH B O     1 
HETATM 1021 O  O     . HOH T 6 . ? 17.031  -7.834  -2.829  1.00 13.78 ? 217 HOH B O     1 
HETATM 1022 O  O     . HOH T 6 . ? 15.921  -11.831 -4.515  1.00 10.35 ? 218 HOH B O     1 
HETATM 1023 O  O     . HOH T 6 . ? -2.191  -5.146  11.692  1.00 23.28 ? 233 HOH B O     1 
HETATM 1024 O  O     . HOH T 6 . ? 1.117   -4.544  17.213  1.00 28.01 ? 234 HOH B O     1 
HETATM 1025 O  O     . HOH T 6 . ? -5.024  -11.951 12.933  1.00 20.29 ? 235 HOH B O     1 
HETATM 1026 O  O     . HOH T 6 . ? 2.823   -11.978 12.546  1.00 13.06 ? 236 HOH B O     1 
HETATM 1027 O  O     . HOH T 6 . ? -6.789  -5.151  12.792  1.00 25.99 ? 237 HOH B O     1 
HETATM 1028 O  O     . HOH T 6 . ? 7.853   -1.260  8.052   1.00 9.84  ? 248 HOH B O     1 
HETATM 1029 O  O     . HOH T 6 . ? 6.337   -1.597  11.388  1.00 33.45 ? 249 HOH B O     1 
HETATM 1030 O  O     . HOH T 6 . ? 8.831   0.611   3.555   1.00 18.97 ? 251 HOH B O     1 
HETATM 1031 O  O     . HOH T 6 . ? 12.321  -6.505  7.769   1.00 20.08 ? 252 HOH B O     1 
HETATM 1032 O  O     . HOH T 6 . ? 12.274  -9.969  5.789   1.00 25.64 ? 253 HOH B O     1 
HETATM 1033 O  O     . HOH T 6 . ? 9.897   -7.262  10.976  1.00 9.63  ? 263 HOH B O     1 
HETATM 1034 O  O     . HOH T 6 . ? 13.570  6.179   -3.345  1.00 28.46 ? 265 HOH B O     1 
HETATM 1035 O  O     . HOH T 6 . ? 4.105   -0.300  14.865  1.00 41.82 ? 284 HOH B O     1 
HETATM 1036 O  O     . HOH T 6 . ? 12.949  -12.160 -3.506  1.00 13.05 ? 287 HOH B O     1 
HETATM 1037 O  O     . HOH T 6 . ? 10.516  0.800   -14.760 1.00 49.00 ? 288 HOH B O     1 
HETATM 1038 O  O     . HOH T 6 . ? 1.332   2.004   -7.395  1.00 31.81 ? 312 HOH B O     1 
HETATM 1039 O  O     . HOH T 6 . ? 2.499   1.398   -9.413  1.00 29.37 ? 313 HOH B O     1 
HETATM 1040 O  O     . HOH T 6 . ? -1.875  -1.778  -3.518  1.00 25.18 ? 314 HOH B O     1 
HETATM 1041 O  O     . HOH T 6 . ? 3.028   -1.494  -9.964  1.00 31.82 ? 316 HOH B O     1 
HETATM 1042 O  O     . HOH T 6 . ? 3.753   4.084   -11.262 1.00 31.04 ? 319 HOH B O     1 
HETATM 1043 O  O     . HOH T 6 . ? 12.553  0.133   8.316   1.00 18.23 ? 344 HOH B O     1 
HETATM 1044 O  O     . HOH T 6 . ? 13.510  0.661   5.346   0.50 39.26 ? 345 HOH B O     1 
HETATM 1045 O  O     . HOH T 6 . ? 11.487  -2.441  8.345   1.00 27.04 ? 346 HOH B O     1 
HETATM 1046 O  O     . HOH T 6 . ? 14.265  -9.472  8.077   1.00 34.99 ? 347 HOH B O     1 
HETATM 1047 O  O     . HOH T 6 . ? 8.607   -5.978  8.195   1.00 28.04 ? 348 HOH B O     1 
HETATM 1048 O  O     . HOH T 6 . ? 17.770  -4.355  1.488   1.00 29.44 ? 349 HOH B O     1 
HETATM 1049 O  O     . HOH T 6 . ? 9.579   3.786   5.605   1.00 18.86 ? 350 HOH B O     1 
HETATM 1050 O  O     . HOH T 6 . ? 7.237   2.910   3.438   1.00 17.62 ? 351 HOH B O     1 
HETATM 1051 O  O     . HOH T 6 . ? 0.865   -2.372  -6.124  1.00 33.68 ? 359 HOH B O     1 
HETATM 1052 O  O     . HOH T 6 . ? 2.156   -16.445 13.696  1.00 25.17 ? 360 HOH B O     1 
HETATM 1053 O  O     . HOH T 6 . ? 4.729   -13.309 16.178  1.00 21.26 ? 361 HOH B O     1 
HETATM 1054 O  O     . HOH T 6 . ? -5.890  -4.982  15.959  1.00 24.23 ? 362 HOH B O     1 
HETATM 1055 O  O     . HOH T 6 . ? -3.209  -3.358  14.159  1.00 35.69 ? 363 HOH B O     1 
HETATM 1056 O  O     . HOH T 6 . ? 4.329   -5.416  15.368  1.00 20.65 ? 364 HOH B O     1 
HETATM 1057 O  O     . HOH T 6 . ? 2.793   -1.339  13.348  1.00 41.88 ? 365 HOH B O     1 
HETATM 1058 O  O     . HOH T 6 . ? 5.136   -3.694  13.892  1.00 20.17 ? 366 HOH B O     1 
HETATM 1059 O  O     . HOH T 6 . ? 3.648   -4.726  17.778  1.00 29.52 ? 367 HOH B O     1 
HETATM 1060 O  O     . HOH T 6 . ? -1.777  -8.426  17.138  1.00 38.40 ? 368 HOH B O     1 
HETATM 1061 O  O     . HOH T 6 . ? -3.200  -7.745  15.154  1.00 28.98 ? 369 HOH B O     1 
HETATM 1062 O  O     . HOH T 6 . ? 2.877   -12.888 18.721  1.00 32.51 ? 370 HOH B O     1 
HETATM 1063 O  O     . HOH T 6 . ? 3.749   -12.738 21.297  1.00 38.67 ? 371 HOH B O     1 
HETATM 1064 O  O     . HOH T 6 . ? -0.881  -6.688  19.958  1.00 43.43 ? 372 HOH B O     1 
HETATM 1065 O  O     . HOH T 6 . ? 1.264   -8.430  19.274  1.00 47.71 ? 374 HOH B O     1 
HETATM 1066 O  O     . HOH T 6 . ? 12.569  -13.046 -0.122  1.00 30.19 ? 376 HOH B O     1 
HETATM 1067 O  O     . HOH T 6 . ? 13.077  -14.585 -2.301  1.00 42.80 ? 377 HOH B O     1 
HETATM 1068 O  O     . HOH T 6 . ? 13.984  -11.247 3.529   1.00 18.36 ? 378 HOH B O     1 
HETATM 1069 O  O     . HOH T 6 . ? 21.594  -7.134  -12.328 1.00 21.56 ? 380 HOH B O     1 
HETATM 1070 O  O     . HOH T 6 . ? 23.040  -15.230 -9.456  1.00 25.79 ? 381 HOH B O     1 
HETATM 1071 O  O     . HOH T 6 . ? 15.937  -6.933  -13.985 1.00 45.44 ? 382 HOH B O     1 
HETATM 1072 O  O     . HOH T 6 . ? 16.447  -4.085  -11.374 1.00 37.92 ? 383 HOH B O     1 
HETATM 1073 O  O     . HOH T 6 . ? 13.754  -0.512  -12.068 1.00 26.05 ? 384 HOH B O     1 
HETATM 1074 O  O     . HOH T 6 . ? 19.795  1.149   -8.415  1.00 43.34 ? 385 HOH B O     1 
HETATM 1075 O  O     . HOH T 6 . ? 17.787  3.501   -12.593 1.00 31.00 ? 386 HOH B O     1 
HETATM 1076 O  O     . HOH T 6 . ? 19.315  -5.893  -0.637  1.00 15.36 ? 387 HOH B O     1 
HETATM 1077 O  O     . HOH T 6 . ? 12.907  0.648   0.667   1.00 11.67 ? 388 HOH B O     1 
HETATM 1078 O  O     . HOH T 6 . ? 8.185   3.651   -12.514 1.00 24.47 ? 389 HOH B O     1 
HETATM 1079 O  O     . HOH T 6 . ? 5.541   1.503   -11.034 1.00 17.91 ? 391 HOH B O     1 
HETATM 1080 O  O     . HOH T 6 . ? 8.102   2.709   -15.239 1.00 19.79 ? 392 HOH B O     1 
HETATM 1081 O  O     . HOH T 6 . ? 21.188  3.981   -11.817 1.00 45.37 ? 394 HOH B O     1 
HETATM 1082 O  O     . HOH T 6 . ? 17.015  6.973   -5.369  1.00 44.93 ? 395 HOH B O     1 
HETATM 1083 O  O     . HOH T 6 . ? 23.688  -1.588  -4.491  1.00 21.14 ? 396 HOH B O     1 
HETATM 1084 O  O     . HOH T 6 . ? -1.850  -2.646  8.122   1.00 19.75 ? 404 HOH B O     1 
HETATM 1085 O  O     . HOH T 6 . ? 18.867  5.132   -3.602  1.00 43.01 ? 408 HOH B O     1 
HETATM 1086 O  O     . HOH T 6 . ? 11.602  -6.009  5.010   1.00 18.15 ? 410 HOH B O     1 
HETATM 1087 O  O     . HOH T 6 . ? 5.534   -14.069 22.727  1.00 19.04 ? 411 HOH B O     1 
HETATM 1088 O  O     . HOH T 6 . ? 15.193  -6.535  -11.032 1.00 33.30 ? 412 HOH B O     1 
HETATM 1089 O  O     . HOH T 6 . ? 6.919   3.203   -17.312 1.00 48.94 ? 413 HOH B O     1 
HETATM 1090 O  O     . HOH T 6 . ? 18.128  -12.158 -6.164  1.00 28.33 ? 415 HOH B O     1 
HETATM 1091 O  O     . HOH T 6 . ? -4.510  -8.364  10.072  1.00 29.33 ? 421 HOH B O     1 
HETATM 1092 O  O     . HOH T 6 . ? 7.155   1.927   10.816  1.00 44.92 ? 422 HOH B O     1 
HETATM 1093 O  O     . HOH T 6 . ? 16.023  6.433   -10.165 1.00 43.78 ? 424 HOH B O     1 
HETATM 1094 O  O     . HOH T 6 . ? 8.004   1.251   8.078   1.00 14.30 ? 431 HOH B O     1 
HETATM 1095 O  O     . HOH T 6 . ? 15.108  4.007   -13.642 1.00 37.93 ? 432 HOH B O     1 
HETATM 1096 O  O     . HOH T 6 . ? 10.233  0.421   9.726   1.00 29.96 ? 433 HOH B O     1 
HETATM 1097 O  O     . HOH T 6 . ? -7.566  -8.331  13.492  1.00 44.32 ? 435 HOH B O     1 
HETATM 1098 O  O     . HOH T 6 . ? 15.184  -9.371  2.037   1.00 35.71 ? 436 HOH B O     1 
HETATM 1099 O  O     . HOH T 6 . ? 14.994  -11.379 -0.433  1.00 38.30 ? 437 HOH B O     1 
HETATM 1100 O  O     . HOH T 6 . ? -11.559 -9.082  15.585  1.00 34.19 ? 438 HOH B O     1 
HETATM 1101 O  O     . HOH T 6 . ? 0.108   -1.368  16.945  1.00 49.96 ? 442 HOH B O     1 
HETATM 1102 O  O     . HOH T 6 . ? 13.361  1.788   -14.643 1.00 36.63 ? 453 HOH B O     1 
HETATM 1103 O  O     . HOH T 6 . ? 4.744   0.411   8.852   1.00 27.38 ? 456 HOH B O     1 
HETATM 1104 O  O     . HOH T 6 . ? 10.300  -7.983  8.691   1.00 17.02 ? 457 HOH B O     1 
HETATM 1105 O  O     . HOH T 6 . ? 13.712  -5.458  3.913   1.00 35.50 ? 458 HOH B O     1 
HETATM 1106 O  O     . HOH T 6 . ? 16.827  -7.317  -0.004  1.00 19.34 ? 459 HOH B O     1 
HETATM 1107 O  O     . HOH T 6 . ? 19.663  -8.774  -1.867  1.00 47.68 ? 460 HOH B O     1 
HETATM 1108 O  O     . HOH T 6 . ? 23.242  1.216   -3.073  1.00 31.97 ? 463 HOH B O     1 
HETATM 1109 O  O     . HOH T 6 . ? 3.103   2.811   -5.754  1.00 15.66 ? 467 HOH B O     1 
HETATM 1110 O  O     . HOH T 6 . ? -1.040  -1.961  11.604  1.00 47.61 ? 476 HOH B O     1 
HETATM 1111 O  O     . HOH T 6 . ? 5.570   -5.643  1.758   1.00 1.73  ? 480 HOH B O     1 
HETATM 1112 O  O     . HOH U 6 . ? 7.723   4.417   -1.042  1.00 23.43 ? 203 HOH C O     1 
HETATM 1113 O  O     . HOH U 6 . ? -23.329 10.493  -4.529  1.00 20.30 ? 212 HOH C O     1 
HETATM 1114 O  O     . HOH U 6 . ? 9.303   4.716   1.310   1.00 35.70 ? 216 HOH C O     1 
HETATM 1115 O  O     . HOH U 6 . ? -8.092  12.469  -6.621  1.00 42.25 ? 219 HOH C O     1 
HETATM 1116 O  O     . HOH U 6 . ? -15.794 11.919  -0.624  1.00 8.97  ? 222 HOH C O     1 
HETATM 1117 O  O     . HOH U 6 . ? -13.816 14.591  0.290   1.00 29.10 ? 223 HOH C O     1 
HETATM 1118 O  O     . HOH U 6 . ? -13.610 12.143  2.168   1.00 18.87 ? 224 HOH C O     1 
HETATM 1119 O  O     . HOH U 6 . ? -15.088 10.076  5.303   1.00 32.07 ? 225 HOH C O     1 
HETATM 1120 O  O     . HOH U 6 . ? -14.218 11.610  6.642   1.00 32.64 ? 226 HOH C O     1 
HETATM 1121 O  O     . HOH U 6 . ? -3.153  -0.095  7.708   1.00 4.34  ? 227 HOH C O     1 
HETATM 1122 O  O     . HOH U 6 . ? -9.318  0.840   7.991   1.00 31.23 ? 228 HOH C O     1 
HETATM 1123 O  O     . HOH U 6 . ? -7.687  6.669   6.356   1.00 15.08 ? 229 HOH C O     1 
HETATM 1124 O  O     . HOH U 6 . ? -7.315  3.471   2.124   1.00 37.27 ? 230 HOH C O     1 
HETATM 1125 O  O     . HOH U 6 . ? -12.929 8.366   7.137   1.00 46.61 ? 231 HOH C O     1 
HETATM 1126 O  O     . HOH U 6 . ? -18.183 -4.513  3.148   1.00 29.69 ? 232 HOH C O     1 
HETATM 1127 O  O     . HOH U 6 . ? -22.771 12.899  -7.285  1.00 15.24 ? 241 HOH C O     1 
HETATM 1128 O  O     . HOH U 6 . ? -9.021  -5.036  8.175   1.00 24.21 ? 246 HOH C O     1 
HETATM 1129 O  O     . HOH U 6 . ? -8.002  -1.449  10.426  1.00 39.55 ? 247 HOH C O     1 
HETATM 1130 O  O     . HOH U 6 . ? 5.004   2.244   10.866  1.00 52.30 ? 250 HOH C O     1 
HETATM 1131 O  O     . HOH U 6 . ? -1.400  7.007   10.460  1.00 34.37 ? 254 HOH C O     1 
HETATM 1132 O  O     . HOH U 6 . ? 2.971   6.505   11.501  1.00 13.16 ? 255 HOH C O     1 
HETATM 1133 O  O     . HOH U 6 . ? 4.514   14.443  5.265   1.00 34.35 ? 259 HOH C O     1 
HETATM 1134 O  O     . HOH U 6 . ? -5.676  -4.840  -0.363  1.00 44.10 ? 262 HOH C O     1 
HETATM 1135 O  O     . HOH U 6 . ? -5.668  -9.996  -0.082  1.00 19.46 ? 267 HOH C O     1 
HETATM 1136 O  O     . HOH U 6 . ? -23.385 18.682  -3.907  1.00 19.78 ? 269 HOH C O     1 
HETATM 1137 O  O     . HOH U 6 . ? 6.051   5.619   13.148  1.00 27.72 ? 271 HOH C O     1 
HETATM 1138 O  O     . HOH U 6 . ? 0.836   1.399   8.725   1.00 12.43 ? 272 HOH C O     1 
HETATM 1139 O  O     . HOH U 6 . ? -16.226 16.964  -3.376  1.00 37.20 ? 273 HOH C O     1 
HETATM 1140 O  O     . HOH U 6 . ? -21.237 21.062  -5.038  1.00 26.62 ? 274 HOH C O     1 
HETATM 1141 O  O     . HOH U 6 . ? -20.529 8.618   -4.610  1.00 16.61 ? 285 HOH C O     1 
HETATM 1142 O  O     . HOH U 6 . ? -9.958  6.150   8.032   1.00 24.43 ? 289 HOH C O     1 
HETATM 1143 O  O     . HOH U 6 . ? -7.982  2.731   10.770  1.00 34.18 ? 290 HOH C O     1 
HETATM 1144 O  O     . HOH U 6 . ? -14.095 0.943   5.348   1.00 23.38 ? 291 HOH C O     1 
HETATM 1145 O  O     . HOH U 6 . ? -13.465 7.650   11.316  1.00 20.52 ? 292 HOH C O     1 
HETATM 1146 O  O     . HOH U 6 . ? -10.013 14.684  1.127   1.00 16.85 ? 293 HOH C O     1 
HETATM 1147 O  O     . HOH U 6 . ? -4.643  7.479   8.133   1.00 17.95 ? 294 HOH C O     1 
HETATM 1148 O  O     . HOH U 6 . ? -8.442  10.253  5.984   1.00 29.07 ? 295 HOH C O     1 
HETATM 1149 O  O     . HOH U 6 . ? -10.382 9.748   7.395   1.00 28.50 ? 296 HOH C O     1 
HETATM 1150 O  O     . HOH U 6 . ? -3.449  -3.565  1.859   1.00 18.94 ? 298 HOH C O     1 
HETATM 1151 O  O     . HOH U 6 . ? -14.539 13.231  -15.106 1.00 41.79 ? 299 HOH C O     1 
HETATM 1152 O  O     . HOH U 6 . ? -16.159 -0.673  6.542   1.00 35.85 ? 302 HOH C O     1 
HETATM 1153 O  O     . HOH U 6 . ? -16.880 -2.741  5.175   1.00 30.63 ? 303 HOH C O     1 
HETATM 1154 O  O     . HOH U 6 . ? -21.732 12.908  3.158   1.00 52.25 ? 305 HOH C O     1 
HETATM 1155 O  O     . HOH U 6 . ? -23.901 10.839  2.088   1.00 30.83 ? 306 HOH C O     1 
HETATM 1156 O  O     . HOH U 6 . ? -5.593  13.476  -5.449  1.00 17.75 ? 325 HOH C O     1 
HETATM 1157 O  O     . HOH U 6 . ? -8.140  14.682  -4.576  1.00 22.36 ? 326 HOH C O     1 
HETATM 1158 O  O     . HOH U 6 . ? -9.851  12.181  3.433   1.00 20.72 ? 327 HOH C O     1 
HETATM 1159 O  O     . HOH U 6 . ? -11.485 12.557  0.753   1.00 21.30 ? 328 HOH C O     1 
HETATM 1160 O  O     . HOH U 6 . ? -12.174 16.187  -1.813  1.00 12.11 ? 329 HOH C O     1 
HETATM 1161 O  O     . HOH U 6 . ? -19.759 12.387  -7.713  1.00 41.08 ? 331 HOH C O     1 
HETATM 1162 O  O     . HOH U 6 . ? 13.123  5.901   3.354   1.00 30.63 ? 352 HOH C O     1 
HETATM 1163 O  O     . HOH U 6 . ? 9.054   10.267  1.745   1.00 26.84 ? 353 HOH C O     1 
HETATM 1164 O  O     . HOH U 6 . ? 10.755  14.277  0.474   1.00 32.29 ? 357 HOH C O     1 
HETATM 1165 O  O     . HOH U 6 . ? 10.993  9.188   3.295   1.00 18.71 ? 358 HOH C O     1 
HETATM 1166 O  O     . HOH U 6 . ? -21.888 -0.353  5.590   1.00 30.17 ? 373 HOH C O     1 
HETATM 1167 O  O     . HOH U 6 . ? -4.980  3.876   10.167  1.00 38.31 ? 402 HOH C O     1 
HETATM 1168 O  O     . HOH U 6 . ? -11.273 -2.662  6.881   1.00 32.86 ? 403 HOH C O     1 
HETATM 1169 O  O     . HOH U 6 . ? -18.473 8.406   5.488   1.00 56.93 ? 414 HOH C O     1 
HETATM 1170 O  O     . HOH U 6 . ? -5.024  -6.844  1.225   1.00 40.62 ? 420 HOH C O     1 
HETATM 1171 O  O     . HOH U 6 . ? -2.549  4.707   10.462  1.00 32.18 ? 426 HOH C O     1 
HETATM 1172 O  O     . HOH U 6 . ? -9.925  -1.923  4.928   1.00 31.76 ? 427 HOH C O     1 
HETATM 1173 O  O     . HOH U 6 . ? -11.805 -0.072  6.006   1.00 38.56 ? 428 HOH C O     1 
HETATM 1174 O  O     . HOH U 6 . ? -13.418 12.236  -0.442  1.00 34.98 ? 429 HOH C O     1 
HETATM 1175 O  O     . HOH U 6 . ? -22.575 6.135   2.364   1.00 28.59 ? 430 HOH C O     1 
HETATM 1176 O  O     . HOH U 6 . ? -17.210 -4.485  7.400   1.00 41.96 ? 434 HOH C O     1 
HETATM 1177 O  O     . HOH U 6 . ? 13.977  13.051  -1.964  1.00 19.96 ? 443 HOH C O     1 
HETATM 1178 O  O     . HOH U 6 . ? -24.203 -1.985  5.966   1.00 34.19 ? 444 HOH C O     1 
HETATM 1179 O  O     . HOH U 6 . ? -17.731 11.272  1.294   1.00 50.83 ? 445 HOH C O     1 
HETATM 1180 O  O     . HOH U 6 . ? -17.017 13.630  3.144   1.00 28.17 ? 446 HOH C O     1 
HETATM 1181 O  O     . HOH U 6 . ? -23.003 2.434   5.138   1.00 42.39 ? 450 HOH C O     1 
HETATM 1182 O  O     . HOH U 6 . ? -11.280 15.146  3.444   1.00 19.93 ? 454 HOH C O     1 
HETATM 1183 O  O     . HOH U 6 . ? 3.343   2.428   8.181   1.00 31.14 ? 455 HOH C O     1 
HETATM 1184 O  O     . HOH U 6 . ? 2.825   16.246  6.520   1.00 43.32 ? 461 HOH C O     1 
HETATM 1185 O  O     . HOH U 6 . ? 5.385   15.907  7.349   1.00 28.75 ? 462 HOH C O     1 
HETATM 1186 O  O     . HOH U 6 . ? -15.981 15.625  -12.434 1.00 29.12 ? 470 HOH C O     1 
HETATM 1187 O  O     . HOH U 6 . ? 5.183   4.208   15.045  1.00 34.67 ? 474 HOH C O     1 
HETATM 1188 O  O     . HOH U 6 . ? -4.363  0.043   10.116  1.00 38.36 ? 475 HOH C O     1 
HETATM 1189 O  O     . HOH U 6 . ? -10.829 13.959  -5.381  1.00 52.19 ? 479 HOH C O     1 
HETATM 1190 O  O     . HOH V 6 . ? 0.775   7.584   -7.967  1.00 35.68 ? 201 HOH D O     1 
HETATM 1191 O  O     . HOH V 6 . ? 3.840   18.158  -5.347  1.00 20.96 ? 202 HOH D O     1 
HETATM 1192 O  O     . HOH V 6 . ? 1.907   16.316  -7.844  1.00 23.14 ? 211 HOH D O     1 
HETATM 1193 O  O     . HOH V 6 . ? -0.328  11.184  -10.785 1.00 39.45 ? 220 HOH D O     1 
HETATM 1194 O  O     . HOH V 6 . ? -7.453  14.002  1.026   1.00 18.94 ? 221 HOH D O     1 
HETATM 1195 O  O     . HOH V 6 . ? -21.347 16.078  -15.401 1.00 23.46 ? 244 HOH D O     1 
HETATM 1196 O  O     . HOH V 6 . ? -22.507 12.539  -13.455 1.00 48.76 ? 245 HOH D O     1 
HETATM 1197 O  O     . HOH V 6 . ? -4.078  23.529  10.239  1.00 37.31 ? 256 HOH D O     1 
HETATM 1198 O  O     . HOH V 6 . ? -1.058  25.198  12.454  1.00 24.85 ? 257 HOH D O     1 
HETATM 1199 O  O     . HOH V 6 . ? 5.650   16.785  2.537   1.00 15.79 ? 258 HOH D O     1 
HETATM 1200 O  O     . HOH V 6 . ? 9.855   6.727   -4.537  1.00 24.93 ? 266 HOH D O     1 
HETATM 1201 O  O     . HOH V 6 . ? -16.747 11.613  -14.632 1.00 35.62 ? 275 HOH D O     1 
HETATM 1202 O  O     . HOH V 6 . ? -18.958 11.392  -16.736 1.00 30.53 ? 276 HOH D O     1 
HETATM 1203 O  O     . HOH V 6 . ? -11.322 6.134   -20.165 1.00 30.19 ? 277 HOH D O     1 
HETATM 1204 O  O     . HOH V 6 . ? -10.617 2.865   -21.703 1.00 24.88 ? 278 HOH D O     1 
HETATM 1205 O  O     . HOH V 6 . ? 0.516   0.930   -11.015 1.00 24.24 ? 279 HOH D O     1 
HETATM 1206 O  O     . HOH V 6 . ? -4.930  14.664  2.342   1.00 11.77 ? 281 HOH D O     1 
HETATM 1207 O  O     . HOH V 6 . ? 10.526  17.947  -3.954  1.00 26.37 ? 282 HOH D O     1 
HETATM 1208 O  O     . HOH V 6 . ? -6.437  -0.544  -8.423  1.00 18.99 ? 283 HOH D O     1 
HETATM 1209 O  O     . HOH V 6 . ? -7.373  12.470  5.381   1.00 21.58 ? 297 HOH D O     1 
HETATM 1210 O  O     . HOH V 6 . ? -11.920 -6.819  -3.168  1.00 41.22 ? 300 HOH D O     1 
HETATM 1211 O  O     . HOH V 6 . ? -16.224 -3.415  -2.325  1.00 33.22 ? 301 HOH D O     1 
HETATM 1212 O  O     . HOH V 6 . ? -17.268 5.849   -6.156  1.00 19.55 ? 307 HOH D O     1 
HETATM 1213 O  O     . HOH V 6 . ? -12.442 2.951   -13.204 1.00 22.39 ? 308 HOH D O     1 
HETATM 1214 O  O     . HOH V 6 . ? -10.436 9.159   -11.757 1.00 24.02 ? 309 HOH D O     1 
HETATM 1215 O  O     . HOH V 6 . ? -21.228 0.852   -8.756  1.00 17.12 ? 310 HOH D O     1 
HETATM 1216 O  O     . HOH V 6 . ? -19.605 0.361   -11.179 1.00 14.63 ? 311 HOH D O     1 
HETATM 1217 O  O     . HOH V 6 . ? -2.368  -1.177  -6.591  1.00 17.25 ? 315 HOH D O     1 
HETATM 1218 O  O     . HOH V 6 . ? -2.707  6.259   -11.120 1.00 39.83 ? 320 HOH D O     1 
HETATM 1219 O  O     . HOH V 6 . ? -0.359  8.712   -10.492 1.00 20.73 ? 321 HOH D O     1 
HETATM 1220 O  O     . HOH V 6 . ? 0.709   14.026  -6.634  1.00 29.78 ? 323 HOH D O     1 
HETATM 1221 O  O     . HOH V 6 . ? 2.265   11.214  -11.572 1.00 25.41 ? 324 HOH D O     1 
HETATM 1222 O  O     . HOH V 6 . ? -17.636 8.715   -11.670 1.00 36.33 ? 330 HOH D O     1 
HETATM 1223 O  O     . HOH V 6 . ? -18.855 9.093   -7.537  1.00 21.37 ? 332 HOH D O     1 
HETATM 1224 O  O     . HOH V 6 . ? -20.371 7.693   -8.858  1.00 34.84 ? 333 HOH D O     1 
HETATM 1225 O  O     . HOH V 6 . ? -21.732 9.632   -7.465  1.00 29.14 ? 334 HOH D O     1 
HETATM 1226 O  O     . HOH V 6 . ? -15.638 3.546   -12.570 1.00 22.68 ? 335 HOH D O     1 
HETATM 1227 O  O     . HOH V 6 . ? -12.594 2.182   -17.606 1.00 17.83 ? 336 HOH D O     1 
HETATM 1228 O  O     . HOH V 6 . ? -11.339 6.788   -11.766 1.00 26.25 ? 337 HOH D O     1 
HETATM 1229 O  O     . HOH V 6 . ? -8.900  7.586   -8.912  1.00 21.86 ? 338 HOH D O     1 
HETATM 1230 O  O     . HOH V 6 . ? -7.685  11.516  -13.463 1.00 38.91 ? 339 HOH D O     1 
HETATM 1231 O  O     . HOH V 6 . ? -11.476 5.778   -14.680 1.00 27.71 ? 340 HOH D O     1 
HETATM 1232 O  O     . HOH V 6 . ? -18.585 15.783  -13.973 1.00 31.82 ? 341 HOH D O     1 
HETATM 1233 O  O     . HOH V 6 . ? -16.308 13.519  -17.405 1.00 35.41 ? 342 HOH D O     1 
HETATM 1234 O  O     . HOH V 6 . ? 9.733   9.740   -5.360  1.00 30.69 ? 354 HOH D O     1 
HETATM 1235 O  O     . HOH V 6 . ? 10.886  15.197  -5.010  1.00 23.42 ? 355 HOH D O     1 
HETATM 1236 O  O     . HOH V 6 . ? 8.642   15.950  0.415   1.00 42.43 ? 356 HOH D O     1 
HETATM 1237 O  O     . HOH V 6 . ? 9.176   18.551  1.672   1.00 26.67 ? 393 HOH D O     1 
HETATM 1238 O  O     . HOH V 6 . ? 0.825   23.117  8.931   1.00 36.69 ? 398 HOH D O     1 
HETATM 1239 O  O     . HOH V 6 . ? 3.440   25.685  7.827   1.00 43.66 ? 399 HOH D O     1 
HETATM 1240 O  O     . HOH V 6 . ? -0.378  23.333  6.471   1.00 15.71 ? 400 HOH D O     1 
HETATM 1241 O  O     . HOH V 6 . ? 2.266   13.829  5.225   1.00 15.88 ? 401 HOH D O     1 
HETATM 1242 O  O     . HOH V 6 . ? 12.522  16.095  -8.009  1.00 42.75 ? 406 HOH D O     1 
HETATM 1243 O  O     . HOH V 6 . ? -7.477  7.394   -20.300 1.00 41.38 ? 419 HOH D O     1 
HETATM 1244 O  O     . HOH V 6 . ? -6.680  10.632  9.717   1.00 21.69 ? 425 HOH D O     1 
HETATM 1245 O  O     . HOH V 6 . ? 11.280  13.690  -7.997  1.00 47.42 ? 447 HOH D O     1 
HETATM 1246 O  O     . HOH V 6 . ? -9.119  -4.716  -2.598  1.00 23.73 ? 448 HOH D O     1 
HETATM 1247 O  O     . HOH V 6 . ? -11.536 -4.482  -3.745  1.00 39.42 ? 449 HOH D O     1 
HETATM 1248 O  O     . HOH V 6 . ? -12.376 0.629   -12.162 1.00 21.91 ? 451 HOH D O     1 
HETATM 1249 O  O     . HOH V 6 . ? -19.406 7.602   -13.096 1.00 37.74 ? 452 HOH D O     1 
HETATM 1250 O  O     . HOH V 6 . ? -13.428 2.554   -21.262 1.00 34.76 ? 464 HOH D O     1 
HETATM 1251 O  O     . HOH V 6 . ? -12.528 5.877   -23.156 1.00 40.44 ? 465 HOH D O     1 
HETATM 1252 O  O     . HOH V 6 . ? 1.798   5.476   -7.088  1.00 35.72 ? 466 HOH D O     1 
HETATM 1253 O  O     . HOH V 6 . ? -7.704  5.589   -11.053 1.00 30.32 ? 468 HOH D O     1 
HETATM 1254 O  O     . HOH V 6 . ? -14.693 9.425   -13.953 1.00 45.39 ? 469 HOH D O     1 
HETATM 1255 O  O     . HOH V 6 . ? -20.644 11.878  -12.141 1.00 30.48 ? 471 HOH D O     1 
HETATM 1256 O  O     . HOH V 6 . ? -19.830 13.029  -14.774 1.00 53.53 ? 472 HOH D O     1 
HETATM 1257 O  O     . HOH V 6 . ? -9.627  9.973   -8.736  1.00 31.61 ? 473 HOH D O     1 
HETATM 1258 O  O     . HOH V 6 . ? -16.030 7.465   -15.162 1.00 39.37 ? 477 HOH D O     1 
HETATM 1259 O  O     . HOH V 6 . ? -5.898  10.327  -10.834 1.00 50.27 ? 478 HOH D O     1 
HETATM 1260 O  O     . HOH V 6 . ? -5.308  4.267   0.190   1.00 21.05 ? 482 HOH D O     1 
HETATM 1261 O  O     . HOH V 6 . ? -5.968  4.721   -2.658  1.00 2.33  ? 483 HOH D O     1 
# 
